data_4P97
# 
_entry.id   4P97 
# 
_audit_conform.dict_name       mmcif_pdbx.dic 
_audit_conform.dict_version    5.383 
_audit_conform.dict_location   http://mmcif.pdb.org/dictionaries/ascii/mmcif_pdbx.dic 
# 
loop_
_database_2.database_id 
_database_2.database_code 
_database_2.pdbx_database_accession 
_database_2.pdbx_DOI 
PDB   4P97         pdb_00004p97 10.2210/pdb4p97/pdb 
WWPDB D_1000200936 ?            ?                   
# 
loop_
_pdbx_audit_revision_history.ordinal 
_pdbx_audit_revision_history.data_content_type 
_pdbx_audit_revision_history.major_revision 
_pdbx_audit_revision_history.minor_revision 
_pdbx_audit_revision_history.revision_date 
1 'Structure model' 1 0 2015-03-04 
2 'Structure model' 1 1 2017-09-20 
3 'Structure model' 1 2 2019-12-11 
4 'Structure model' 1 3 2023-12-27 
# 
_pdbx_audit_revision_details.ordinal             1 
_pdbx_audit_revision_details.revision_ordinal    1 
_pdbx_audit_revision_details.data_content_type   'Structure model' 
_pdbx_audit_revision_details.provider            repository 
_pdbx_audit_revision_details.type                'Initial release' 
_pdbx_audit_revision_details.description         ? 
_pdbx_audit_revision_details.details             ? 
# 
loop_
_pdbx_audit_revision_group.ordinal 
_pdbx_audit_revision_group.revision_ordinal 
_pdbx_audit_revision_group.data_content_type 
_pdbx_audit_revision_group.group 
1 2 'Structure model' 'Author supporting evidence' 
2 2 'Structure model' 'Database references'        
3 2 'Structure model' 'Derived calculations'       
4 2 'Structure model' 'Source and taxonomy'        
5 3 'Structure model' 'Author supporting evidence' 
6 4 'Structure model' 'Data collection'            
7 4 'Structure model' 'Database references'        
8 4 'Structure model' 'Derived calculations'       
# 
loop_
_pdbx_audit_revision_category.ordinal 
_pdbx_audit_revision_category.revision_ordinal 
_pdbx_audit_revision_category.data_content_type 
_pdbx_audit_revision_category.category 
1  2 'Structure model' citation               
2  2 'Structure model' pdbx_audit_support     
3  2 'Structure model' pdbx_entity_src_syn    
4  2 'Structure model' pdbx_struct_oper_list  
5  3 'Structure model' pdbx_audit_support     
6  4 'Structure model' chem_comp_atom         
7  4 'Structure model' chem_comp_bond         
8  4 'Structure model' database_2             
9  4 'Structure model' pdbx_struct_conn_angle 
10 4 'Structure model' struct_conn            
# 
loop_
_pdbx_audit_revision_item.ordinal 
_pdbx_audit_revision_item.revision_ordinal 
_pdbx_audit_revision_item.data_content_type 
_pdbx_audit_revision_item.item 
1  2 'Structure model' '_citation.journal_id_CSD'                    
2  2 'Structure model' '_pdbx_audit_support.funding_organization'    
3  2 'Structure model' '_pdbx_entity_src_syn.pdbx_alt_source_flag'   
4  2 'Structure model' '_pdbx_struct_oper_list.symmetry_operation'   
5  3 'Structure model' '_pdbx_audit_support.funding_organization'    
6  4 'Structure model' '_database_2.pdbx_DOI'                        
7  4 'Structure model' '_database_2.pdbx_database_accession'         
8  4 'Structure model' '_pdbx_struct_conn_angle.ptnr1_auth_asym_id'  
9  4 'Structure model' '_pdbx_struct_conn_angle.ptnr1_auth_comp_id'  
10 4 'Structure model' '_pdbx_struct_conn_angle.ptnr1_auth_seq_id'   
11 4 'Structure model' '_pdbx_struct_conn_angle.ptnr1_label_asym_id' 
12 4 'Structure model' '_pdbx_struct_conn_angle.ptnr1_label_atom_id' 
13 4 'Structure model' '_pdbx_struct_conn_angle.ptnr1_label_comp_id' 
14 4 'Structure model' '_pdbx_struct_conn_angle.ptnr1_label_seq_id'  
15 4 'Structure model' '_pdbx_struct_conn_angle.ptnr1_symmetry'      
16 4 'Structure model' '_pdbx_struct_conn_angle.ptnr2_auth_asym_id'  
17 4 'Structure model' '_pdbx_struct_conn_angle.ptnr2_label_asym_id' 
18 4 'Structure model' '_pdbx_struct_conn_angle.ptnr2_symmetry'      
19 4 'Structure model' '_pdbx_struct_conn_angle.ptnr3_auth_asym_id'  
20 4 'Structure model' '_pdbx_struct_conn_angle.ptnr3_auth_comp_id'  
21 4 'Structure model' '_pdbx_struct_conn_angle.ptnr3_auth_seq_id'   
22 4 'Structure model' '_pdbx_struct_conn_angle.ptnr3_label_asym_id' 
23 4 'Structure model' '_pdbx_struct_conn_angle.ptnr3_label_atom_id' 
24 4 'Structure model' '_pdbx_struct_conn_angle.ptnr3_label_comp_id' 
25 4 'Structure model' '_pdbx_struct_conn_angle.ptnr3_label_seq_id'  
26 4 'Structure model' '_pdbx_struct_conn_angle.ptnr3_symmetry'      
27 4 'Structure model' '_pdbx_struct_conn_angle.value'               
28 4 'Structure model' '_struct_conn.pdbx_dist_value'                
29 4 'Structure model' '_struct_conn.ptnr1_auth_asym_id'             
30 4 'Structure model' '_struct_conn.ptnr1_auth_comp_id'             
31 4 'Structure model' '_struct_conn.ptnr1_auth_seq_id'              
32 4 'Structure model' '_struct_conn.ptnr1_label_asym_id'            
33 4 'Structure model' '_struct_conn.ptnr1_label_atom_id'            
34 4 'Structure model' '_struct_conn.ptnr1_label_comp_id'            
35 4 'Structure model' '_struct_conn.ptnr1_label_seq_id'             
36 4 'Structure model' '_struct_conn.ptnr1_symmetry'                 
37 4 'Structure model' '_struct_conn.ptnr2_auth_asym_id'             
38 4 'Structure model' '_struct_conn.ptnr2_auth_comp_id'             
39 4 'Structure model' '_struct_conn.ptnr2_auth_seq_id'              
40 4 'Structure model' '_struct_conn.ptnr2_label_asym_id'            
41 4 'Structure model' '_struct_conn.ptnr2_label_atom_id'            
42 4 'Structure model' '_struct_conn.ptnr2_label_comp_id'            
43 4 'Structure model' '_struct_conn.ptnr2_label_seq_id'             
44 4 'Structure model' '_struct_conn.ptnr2_symmetry'                 
# 
_pdbx_database_status.status_code                     REL 
_pdbx_database_status.status_code_sf                  REL 
_pdbx_database_status.status_code_mr                  . 
_pdbx_database_status.entry_id                        4P97 
_pdbx_database_status.recvd_initial_deposition_date   2014-04-02 
_pdbx_database_status.SG_entry                        N 
_pdbx_database_status.deposit_site                    RCSB 
_pdbx_database_status.process_site                    RCSB 
_pdbx_database_status.status_code_cs                  . 
_pdbx_database_status.methods_development_category    . 
_pdbx_database_status.pdb_format_compatible           Y 
_pdbx_database_status.status_code_nmr_data            ? 
# 
loop_
_audit_author.name 
_audit_author.pdbx_ordinal 
'Boerneke, M.A.' 1 
'Dibrov, S.M.'   2 
'Hermann, T.H.'  3 
# 
_citation.abstract                  . 
_citation.abstract_id_CAS           . 
_citation.book_id_ISBN              . 
_citation.book_publisher            ? 
_citation.book_publisher_city       . 
_citation.book_title                . 
_citation.coordinate_linkage        . 
_citation.country                   US 
_citation.database_id_Medline       . 
_citation.details                   . 
_citation.id                        primary 
_citation.journal_abbrev            Proc.Natl.Acad.Sci.USA 
_citation.journal_id_ASTM           PNASA6 
_citation.journal_id_CSD            0040 
_citation.journal_id_ISSN           1091-6490 
_citation.journal_full              . 
_citation.journal_issue             . 
_citation.journal_volume            111 
_citation.language                  . 
_citation.page_first                15952 
_citation.page_last                 15957 
_citation.title                     'Functional conservation despite structural divergence in ligand-responsive RNA switches.' 
_citation.year                      2014 
_citation.database_id_CSD           . 
_citation.pdbx_database_id_DOI      10.1073/pnas.1414678111 
_citation.pdbx_database_id_PubMed   25349403 
_citation.unpublished_flag          . 
# 
loop_
_citation_author.citation_id 
_citation_author.name 
_citation_author.ordinal 
_citation_author.identifier_ORCID 
primary 'Boerneke, M.A.' 1 ? 
primary 'Dibrov, S.M.'   2 ? 
primary 'Gu, J.'         3 ? 
primary 'Wyles, D.L.'    4 ? 
primary 'Hermann, T.'    5 ? 
# 
loop_
_entity.id 
_entity.type 
_entity.src_method 
_entity.pdbx_description 
_entity.formula_weight 
_entity.pdbx_number_of_molecules 
_entity.pdbx_ec 
_entity.pdbx_mutation 
_entity.pdbx_fragment 
_entity.details 
1 polymer     syn 
;RNA (5'-R(*CP*GP*UP*CP*UP*AP*CP*CP*CP*AP*CP*CP*UP*CP*GP*C)-3')
;
4968.999 2   ? ? ? ? 
2 polymer     syn 
;RNA (5'-R(*CP*GP*AP*GP*AP*GP*GP*AP*CP*GP*G)-3')
;
3624.258 2   ? ? ? ? 
3 non-polymer syn 'CALCIUM ION'                                                    40.078   2   ? ? ? ? 
4 water       nat water                                                            18.015   111 ? ? ? ? 
# 
loop_
_entity_poly.entity_id 
_entity_poly.type 
_entity_poly.nstd_linkage 
_entity_poly.nstd_monomer 
_entity_poly.pdbx_seq_one_letter_code 
_entity_poly.pdbx_seq_one_letter_code_can 
_entity_poly.pdbx_strand_id 
_entity_poly.pdbx_target_identifier 
1 polyribonucleotide no no CGUCUACCCACCUCGC CGUCUACCCACCUCGC A,C ? 
2 polyribonucleotide no no CGAGAGGACGG      CGAGAGGACGG      B,D ? 
# 
loop_
_pdbx_entity_nonpoly.entity_id 
_pdbx_entity_nonpoly.name 
_pdbx_entity_nonpoly.comp_id 
3 'CALCIUM ION' CA  
4 water         HOH 
# 
loop_
_entity_poly_seq.entity_id 
_entity_poly_seq.num 
_entity_poly_seq.mon_id 
_entity_poly_seq.hetero 
1 1  C n 
1 2  G n 
1 3  U n 
1 4  C n 
1 5  U n 
1 6  A n 
1 7  C n 
1 8  C n 
1 9  C n 
1 10 A n 
1 11 C n 
1 12 C n 
1 13 U n 
1 14 C n 
1 15 G n 
1 16 C n 
2 1  C n 
2 2  G n 
2 3  A n 
2 4  G n 
2 5  A n 
2 6  G n 
2 7  G n 
2 8  A n 
2 9  C n 
2 10 G n 
2 11 G n 
# 
loop_
_pdbx_entity_src_syn.entity_id 
_pdbx_entity_src_syn.pdbx_src_id 
_pdbx_entity_src_syn.pdbx_alt_source_flag 
_pdbx_entity_src_syn.pdbx_beg_seq_num 
_pdbx_entity_src_syn.pdbx_end_seq_num 
_pdbx_entity_src_syn.organism_scientific 
_pdbx_entity_src_syn.organism_common_name 
_pdbx_entity_src_syn.ncbi_taxonomy_id 
_pdbx_entity_src_syn.details 
1 1 sample 1 16 'Seneca valley virus' ? 390157 ? 
2 1 sample 1 11 'Seneca valley virus' ? 390157 ? 
# 
loop_
_chem_comp.id 
_chem_comp.type 
_chem_comp.mon_nstd_flag 
_chem_comp.name 
_chem_comp.pdbx_synonyms 
_chem_comp.formula 
_chem_comp.formula_weight 
A   'RNA linking' y "ADENOSINE-5'-MONOPHOSPHATE" ? 'C10 H14 N5 O7 P' 347.221 
C   'RNA linking' y "CYTIDINE-5'-MONOPHOSPHATE"  ? 'C9 H14 N3 O8 P'  323.197 
CA  non-polymer   . 'CALCIUM ION'                ? 'Ca 2'            40.078  
G   'RNA linking' y "GUANOSINE-5'-MONOPHOSPHATE" ? 'C10 H14 N5 O8 P' 363.221 
HOH non-polymer   . WATER                        ? 'H2 O'            18.015  
U   'RNA linking' y "URIDINE-5'-MONOPHOSPHATE"   ? 'C9 H13 N2 O9 P'  324.181 
# 
loop_
_pdbx_poly_seq_scheme.asym_id 
_pdbx_poly_seq_scheme.entity_id 
_pdbx_poly_seq_scheme.seq_id 
_pdbx_poly_seq_scheme.mon_id 
_pdbx_poly_seq_scheme.ndb_seq_num 
_pdbx_poly_seq_scheme.pdb_seq_num 
_pdbx_poly_seq_scheme.auth_seq_num 
_pdbx_poly_seq_scheme.pdb_mon_id 
_pdbx_poly_seq_scheme.auth_mon_id 
_pdbx_poly_seq_scheme.pdb_strand_id 
_pdbx_poly_seq_scheme.pdb_ins_code 
_pdbx_poly_seq_scheme.hetero 
A 1 1  C 1  2  2  C C A . n 
A 1 2  G 2  3  3  G G A . n 
A 1 3  U 3  4  4  U U A . n 
A 1 4  C 4  5  5  C C A . n 
A 1 5  U 5  6  6  U U A . n 
A 1 6  A 6  7  7  A A A . n 
A 1 7  C 7  8  8  C C A . n 
A 1 8  C 8  9  9  C C A . n 
A 1 9  C 9  10 10 C C A . n 
A 1 10 A 10 11 11 A A A . n 
A 1 11 C 11 12 12 C C A . n 
A 1 12 C 12 13 13 C C A . n 
A 1 13 U 13 14 14 U U A . n 
A 1 14 C 14 15 15 C C A . n 
A 1 15 G 15 16 16 G G A . n 
A 1 16 C 16 17 17 C C A . n 
B 2 1  C 1  35 35 C C B . n 
B 2 2  G 2  36 36 G G B . n 
B 2 3  A 3  37 37 A A B . n 
B 2 4  G 4  38 38 G G B . n 
B 2 5  A 5  39 39 A A B . n 
B 2 6  G 6  40 40 G G B . n 
B 2 7  G 7  41 41 G G B . n 
B 2 8  A 8  42 42 A A B . n 
B 2 9  C 9  43 43 C C B . n 
B 2 10 G 10 44 44 G G B . n 
B 2 11 G 11 45 45 G G B . n 
C 1 1  C 1  2  2  C C C . n 
C 1 2  G 2  3  3  G G C . n 
C 1 3  U 3  4  4  U U C . n 
C 1 4  C 4  5  5  C C C . n 
C 1 5  U 5  6  6  U U C . n 
C 1 6  A 6  7  7  A A C . n 
C 1 7  C 7  8  8  C C C . n 
C 1 8  C 8  9  9  C C C . n 
C 1 9  C 9  10 10 C C C . n 
C 1 10 A 10 11 11 A A C . n 
C 1 11 C 11 12 12 C C C . n 
C 1 12 C 12 13 13 C C C . n 
C 1 13 U 13 14 14 U U C . n 
C 1 14 C 14 15 15 C C C . n 
C 1 15 G 15 16 16 G G C . n 
C 1 16 C 16 17 17 C C C . n 
D 2 1  C 1  35 35 C C D . n 
D 2 2  G 2  36 36 G G D . n 
D 2 3  A 3  37 37 A A D . n 
D 2 4  G 4  38 38 G G D . n 
D 2 5  A 5  39 39 A A D . n 
D 2 6  G 6  40 40 G G D . n 
D 2 7  G 7  41 41 G G D . n 
D 2 8  A 8  42 42 A A D . n 
D 2 9  C 9  43 43 C C D . n 
D 2 10 G 10 44 44 G G D . n 
D 2 11 G 11 45 45 G G D . n 
# 
loop_
_pdbx_nonpoly_scheme.asym_id 
_pdbx_nonpoly_scheme.entity_id 
_pdbx_nonpoly_scheme.mon_id 
_pdbx_nonpoly_scheme.ndb_seq_num 
_pdbx_nonpoly_scheme.pdb_seq_num 
_pdbx_nonpoly_scheme.auth_seq_num 
_pdbx_nonpoly_scheme.pdb_mon_id 
_pdbx_nonpoly_scheme.auth_mon_id 
_pdbx_nonpoly_scheme.pdb_strand_id 
_pdbx_nonpoly_scheme.pdb_ins_code 
E 3 CA  1  101 1   CA  CA  A . 
F 3 CA  1  101 1   CA  CA  C . 
G 4 HOH 1  201 91  HOH HOH A . 
G 4 HOH 2  202 88  HOH HOH A . 
G 4 HOH 3  203 56  HOH HOH A . 
G 4 HOH 4  204 12  HOH HOH A . 
G 4 HOH 5  205 79  HOH HOH A . 
G 4 HOH 6  206 47  HOH HOH A . 
G 4 HOH 7  207 28  HOH HOH A . 
G 4 HOH 8  208 67  HOH HOH A . 
G 4 HOH 9  209 103 HOH HOH A . 
G 4 HOH 10 210 6   HOH HOH A . 
G 4 HOH 11 211 65  HOH HOH A . 
G 4 HOH 12 212 7   HOH HOH A . 
G 4 HOH 13 213 61  HOH HOH A . 
G 4 HOH 14 214 54  HOH HOH A . 
G 4 HOH 15 215 2   HOH HOH A . 
G 4 HOH 16 216 15  HOH HOH A . 
G 4 HOH 17 217 18  HOH HOH A . 
G 4 HOH 18 218 27  HOH HOH A . 
G 4 HOH 19 219 31  HOH HOH A . 
G 4 HOH 20 220 32  HOH HOH A . 
G 4 HOH 21 221 37  HOH HOH A . 
G 4 HOH 22 222 38  HOH HOH A . 
G 4 HOH 23 223 41  HOH HOH A . 
G 4 HOH 24 224 43  HOH HOH A . 
G 4 HOH 25 225 48  HOH HOH A . 
G 4 HOH 26 226 50  HOH HOH A . 
G 4 HOH 27 227 59  HOH HOH A . 
G 4 HOH 28 228 60  HOH HOH A . 
G 4 HOH 29 229 77  HOH HOH A . 
G 4 HOH 30 230 80  HOH HOH A . 
G 4 HOH 31 231 83  HOH HOH A . 
G 4 HOH 32 232 90  HOH HOH A . 
G 4 HOH 33 233 94  HOH HOH A . 
G 4 HOH 34 234 97  HOH HOH A . 
G 4 HOH 35 235 98  HOH HOH A . 
G 4 HOH 36 236 104 HOH HOH A . 
G 4 HOH 37 237 105 HOH HOH A . 
G 4 HOH 38 238 107 HOH HOH A . 
H 4 HOH 1  101 68  HOH HOH B . 
H 4 HOH 2  102 69  HOH HOH B . 
H 4 HOH 3  103 30  HOH HOH B . 
H 4 HOH 4  104 75  HOH HOH B . 
H 4 HOH 5  105 17  HOH HOH B . 
H 4 HOH 6  106 11  HOH HOH B . 
H 4 HOH 7  107 8   HOH HOH B . 
H 4 HOH 8  108 73  HOH HOH B . 
H 4 HOH 9  109 1   HOH HOH B . 
H 4 HOH 10 110 14  HOH HOH B . 
H 4 HOH 11 111 25  HOH HOH B . 
H 4 HOH 12 112 35  HOH HOH B . 
H 4 HOH 13 113 40  HOH HOH B . 
H 4 HOH 14 114 62  HOH HOH B . 
H 4 HOH 15 115 70  HOH HOH B . 
H 4 HOH 16 116 86  HOH HOH B . 
H 4 HOH 17 117 92  HOH HOH B . 
H 4 HOH 18 118 93  HOH HOH B . 
H 4 HOH 19 119 101 HOH HOH B . 
H 4 HOH 20 120 102 HOH HOH B . 
H 4 HOH 21 121 108 HOH HOH B . 
I 4 HOH 1  201 13  HOH HOH C . 
I 4 HOH 2  202 95  HOH HOH C . 
I 4 HOH 3  203 24  HOH HOH C . 
I 4 HOH 4  204 5   HOH HOH C . 
I 4 HOH 5  205 3   HOH HOH C . 
I 4 HOH 6  206 16  HOH HOH C . 
I 4 HOH 7  207 96  HOH HOH C . 
I 4 HOH 8  208 57  HOH HOH C . 
I 4 HOH 9  209 9   HOH HOH C . 
I 4 HOH 10 210 23  HOH HOH C . 
I 4 HOH 11 211 26  HOH HOH C . 
I 4 HOH 12 212 58  HOH HOH C . 
I 4 HOH 13 213 53  HOH HOH C . 
I 4 HOH 14 214 4   HOH HOH C . 
I 4 HOH 15 215 10  HOH HOH C . 
I 4 HOH 16 216 33  HOH HOH C . 
I 4 HOH 17 217 34  HOH HOH C . 
I 4 HOH 18 218 36  HOH HOH C . 
I 4 HOH 19 219 39  HOH HOH C . 
I 4 HOH 20 220 42  HOH HOH C . 
I 4 HOH 21 221 44  HOH HOH C . 
I 4 HOH 22 222 45  HOH HOH C . 
I 4 HOH 23 223 49  HOH HOH C . 
I 4 HOH 24 224 63  HOH HOH C . 
I 4 HOH 25 225 64  HOH HOH C . 
I 4 HOH 26 226 72  HOH HOH C . 
I 4 HOH 27 227 74  HOH HOH C . 
I 4 HOH 28 228 78  HOH HOH C . 
I 4 HOH 29 229 85  HOH HOH C . 
I 4 HOH 30 230 99  HOH HOH C . 
I 4 HOH 31 231 100 HOH HOH C . 
I 4 HOH 32 232 106 HOH HOH C . 
I 4 HOH 33 233 109 HOH HOH C . 
J 4 HOH 1  101 71  HOH HOH D . 
J 4 HOH 2  102 46  HOH HOH D . 
J 4 HOH 3  103 20  HOH HOH D . 
J 4 HOH 4  104 19  HOH HOH D . 
J 4 HOH 5  105 76  HOH HOH D . 
J 4 HOH 6  106 51  HOH HOH D . 
J 4 HOH 7  107 81  HOH HOH D . 
J 4 HOH 8  108 21  HOH HOH D . 
J 4 HOH 9  109 22  HOH HOH D . 
J 4 HOH 10 110 29  HOH HOH D . 
J 4 HOH 11 111 52  HOH HOH D . 
J 4 HOH 12 112 55  HOH HOH D . 
J 4 HOH 13 113 66  HOH HOH D . 
J 4 HOH 14 114 82  HOH HOH D . 
J 4 HOH 15 115 84  HOH HOH D . 
J 4 HOH 16 116 87  HOH HOH D . 
J 4 HOH 17 117 89  HOH HOH D . 
J 4 HOH 18 118 110 HOH HOH D . 
J 4 HOH 19 119 111 HOH HOH D . 
# 
_software.citation_id            ? 
_software.classification         refinement 
_software.compiler_name          ? 
_software.compiler_version       ? 
_software.contact_author         ? 
_software.contact_author_email   ? 
_software.date                   ? 
_software.description            ? 
_software.dependencies           ? 
_software.hardware               ? 
_software.language               ? 
_software.location               ? 
_software.mods                   ? 
_software.name                   REFMAC 
_software.os                     ? 
_software.os_version             ? 
_software.type                   ? 
_software.version                5.8.0103 
_software.pdbx_ordinal           1 
# 
_cell.entry_id           4P97 
_cell.length_a           60.532 
_cell.length_b           60.532 
_cell.length_c           122.679 
_cell.angle_alpha        90.00 
_cell.angle_beta         90.00 
_cell.angle_gamma        120.00 
_cell.Z_PDB              18 
_cell.pdbx_unique_axis   ? 
# 
_symmetry.entry_id                         4P97 
_symmetry.space_group_name_H-M             'H 3' 
_symmetry.pdbx_full_space_group_name_H-M   ? 
_symmetry.cell_setting                     ? 
_symmetry.Int_Tables_number                146 
# 
_exptl.absorpt_coefficient_mu     . 
_exptl.absorpt_correction_T_max   . 
_exptl.absorpt_correction_T_min   . 
_exptl.absorpt_correction_type    . 
_exptl.absorpt_process_details    . 
_exptl.entry_id                   4P97 
_exptl.crystals_number            . 
_exptl.details                    . 
_exptl.method                     'X-RAY DIFFRACTION' 
_exptl.method_details             . 
# 
_exptl_crystal.colour                      . 
_exptl_crystal.density_diffrn              . 
_exptl_crystal.density_Matthews            2.61 
_exptl_crystal.density_method              . 
_exptl_crystal.density_percent_sol         54.34 
_exptl_crystal.description                 . 
_exptl_crystal.F_000                       . 
_exptl_crystal.id                          1 
_exptl_crystal.preparation                 . 
_exptl_crystal.size_max                    . 
_exptl_crystal.size_mid                    . 
_exptl_crystal.size_min                    . 
_exptl_crystal.size_rad                    . 
_exptl_crystal.colour_lustre               . 
_exptl_crystal.colour_modifier             . 
_exptl_crystal.colour_primary              . 
_exptl_crystal.density_meas                . 
_exptl_crystal.density_meas_esd            . 
_exptl_crystal.density_meas_gt             . 
_exptl_crystal.density_meas_lt             . 
_exptl_crystal.density_meas_temp           . 
_exptl_crystal.density_meas_temp_esd       . 
_exptl_crystal.density_meas_temp_gt        . 
_exptl_crystal.density_meas_temp_lt        . 
_exptl_crystal.pdbx_crystal_image_url      . 
_exptl_crystal.pdbx_crystal_image_format   . 
_exptl_crystal.pdbx_mosaicity              . 
_exptl_crystal.pdbx_mosaicity_esd          . 
# 
_exptl_crystal_grow.apparatus       . 
_exptl_crystal_grow.atmosphere      . 
_exptl_crystal_grow.crystal_id      1 
_exptl_crystal_grow.details         . 
_exptl_crystal_grow.method          'VAPOR DIFFUSION, HANGING DROP' 
_exptl_crystal_grow.method_ref      . 
_exptl_crystal_grow.pH              8.5 
_exptl_crystal_grow.pressure        . 
_exptl_crystal_grow.pressure_esd    . 
_exptl_crystal_grow.seeding         . 
_exptl_crystal_grow.seeding_ref     . 
_exptl_crystal_grow.temp            289 
_exptl_crystal_grow.temp_details    . 
_exptl_crystal_grow.temp_esd        . 
_exptl_crystal_grow.time            . 
_exptl_crystal_grow.pdbx_details    '24% PEG 4000, 10mM Calcium chloride, 200 mM Ammonium Chloride' 
_exptl_crystal_grow.pdbx_pH_range   . 
# 
_diffrn.ambient_environment    . 
_diffrn.ambient_temp           173 
_diffrn.ambient_temp_details   . 
_diffrn.ambient_temp_esd       . 
_diffrn.crystal_id             1 
_diffrn.crystal_support        . 
_diffrn.crystal_treatment      . 
_diffrn.details                . 
_diffrn.id                     1 
_diffrn.ambient_pressure       . 
_diffrn.ambient_pressure_esd   . 
_diffrn.ambient_pressure_gt    . 
_diffrn.ambient_pressure_lt    . 
_diffrn.ambient_temp_gt        . 
_diffrn.ambient_temp_lt        . 
# 
_diffrn_detector.details                      . 
_diffrn_detector.detector                     'IMAGE PLATE' 
_diffrn_detector.diffrn_id                    1 
_diffrn_detector.type                         'MAR scanner 345 mm plate' 
_diffrn_detector.area_resol_mean              . 
_diffrn_detector.dtime                        . 
_diffrn_detector.pdbx_frames_total            . 
_diffrn_detector.pdbx_collection_time_total   . 
_diffrn_detector.pdbx_collection_date         2014-02-03 
# 
_diffrn_radiation.collimation                      . 
_diffrn_radiation.diffrn_id                        1 
_diffrn_radiation.filter_edge                      . 
_diffrn_radiation.inhomogeneity                    . 
_diffrn_radiation.monochromator                    'Si(111)' 
_diffrn_radiation.polarisn_norm                    . 
_diffrn_radiation.polarisn_ratio                   . 
_diffrn_radiation.probe                            . 
_diffrn_radiation.type                             . 
_diffrn_radiation.xray_symbol                      . 
_diffrn_radiation.wavelength_id                    1 
_diffrn_radiation.pdbx_monochromatic_or_laue_m_l   M 
_diffrn_radiation.pdbx_wavelength_list             . 
_diffrn_radiation.pdbx_wavelength                  . 
_diffrn_radiation.pdbx_diffrn_protocol             'SINGLE WAVELENGTH' 
_diffrn_radiation.pdbx_analyzer                    . 
_diffrn_radiation.pdbx_scattering_type             x-ray 
# 
_diffrn_radiation_wavelength.id           1 
_diffrn_radiation_wavelength.wavelength   1.54 
_diffrn_radiation_wavelength.wt           1.0 
# 
_diffrn_source.current                     . 
_diffrn_source.details                     . 
_diffrn_source.diffrn_id                   1 
_diffrn_source.power                       . 
_diffrn_source.size                        . 
_diffrn_source.source                      'ROTATING ANODE' 
_diffrn_source.target                      . 
_diffrn_source.type                        RIGAKU 
_diffrn_source.voltage                     . 
_diffrn_source.take-off_angle              . 
_diffrn_source.pdbx_wavelength_list        1.54 
_diffrn_source.pdbx_wavelength             . 
_diffrn_source.pdbx_synchrotron_beamline   . 
_diffrn_source.pdbx_synchrotron_site       . 
# 
_reflns.B_iso_Wilson_estimate            38.0 
_reflns.entry_id                         4P97 
_reflns.data_reduction_details           . 
_reflns.data_reduction_method            . 
_reflns.d_resolution_high                1.86 
_reflns.d_resolution_low                 19.56 
_reflns.details                          . 
_reflns.limit_h_max                      . 
_reflns.limit_h_min                      . 
_reflns.limit_k_max                      . 
_reflns.limit_k_min                      . 
_reflns.limit_l_max                      . 
_reflns.limit_l_min                      . 
_reflns.number_all                       ? 
_reflns.number_obs                       1699 
_reflns.observed_criterion               . 
_reflns.observed_criterion_F_max         . 
_reflns.observed_criterion_F_min         . 
_reflns.observed_criterion_I_max         . 
_reflns.observed_criterion_I_min         . 
_reflns.observed_criterion_sigma_F       . 
_reflns.observed_criterion_sigma_I       . 
_reflns.percent_possible_obs             99.12 
_reflns.R_free_details                   . 
_reflns.Rmerge_F_all                     . 
_reflns.Rmerge_F_obs                     . 
_reflns.Friedel_coverage                 . 
_reflns.number_gt                        . 
_reflns.threshold_expression             . 
_reflns.pdbx_redundancy                  8.2 
_reflns.pdbx_Rmerge_I_obs                . 
_reflns.pdbx_Rmerge_I_all                . 
_reflns.pdbx_Rsym_value                  . 
_reflns.pdbx_netI_over_av_sigmaI         . 
_reflns.pdbx_netI_over_sigmaI            10.78 
_reflns.pdbx_res_netI_over_av_sigmaI_2   . 
_reflns.pdbx_res_netI_over_sigmaI_2      . 
_reflns.pdbx_chi_squared                 . 
_reflns.pdbx_scaling_rejects             . 
_reflns.pdbx_d_res_high_opt              . 
_reflns.pdbx_d_res_low_opt               . 
_reflns.pdbx_d_res_opt_method            . 
_reflns.phase_calculation_details        . 
_reflns.pdbx_Rrim_I_all                  . 
_reflns.pdbx_Rpim_I_all                  . 
_reflns.pdbx_d_opt                       . 
_reflns.pdbx_number_measured_all         . 
_reflns.pdbx_diffrn_id                   1 
_reflns.pdbx_ordinal                     1 
# 
_reflns_shell.d_res_high                  1.86 
_reflns_shell.d_res_low                   1.93 
_reflns_shell.meanI_over_sigI_all         . 
_reflns_shell.meanI_over_sigI_obs         3.67 
_reflns_shell.number_measured_all         . 
_reflns_shell.number_measured_obs         . 
_reflns_shell.number_possible             . 
_reflns_shell.number_unique_all           . 
_reflns_shell.number_unique_obs           . 
_reflns_shell.percent_possible_all        90.3 
_reflns_shell.percent_possible_obs        . 
_reflns_shell.Rmerge_F_all                . 
_reflns_shell.Rmerge_F_obs                . 
_reflns_shell.Rmerge_I_all                . 
_reflns_shell.Rmerge_I_obs                . 
_reflns_shell.meanI_over_sigI_gt          . 
_reflns_shell.meanI_over_uI_all           . 
_reflns_shell.meanI_over_uI_gt            . 
_reflns_shell.number_measured_gt          . 
_reflns_shell.number_unique_gt            . 
_reflns_shell.percent_possible_gt         . 
_reflns_shell.Rmerge_F_gt                 . 
_reflns_shell.Rmerge_I_gt                 . 
_reflns_shell.pdbx_redundancy             3.2 
_reflns_shell.pdbx_Rsym_value             . 
_reflns_shell.pdbx_chi_squared            . 
_reflns_shell.pdbx_netI_over_sigmaI_all   . 
_reflns_shell.pdbx_netI_over_sigmaI_obs   . 
_reflns_shell.pdbx_Rrim_I_all             . 
_reflns_shell.pdbx_Rpim_I_all             . 
_reflns_shell.pdbx_rejects                . 
_reflns_shell.pdbx_ordinal                1 
_reflns_shell.pdbx_diffrn_id              1 
# 
_refine.pdbx_refine_id                           'X-RAY DIFFRACTION' 
_refine.entry_id                                 4P97 
_refine.pdbx_diffrn_id                           1 
_refine.pdbx_TLS_residual_ADP_flag               ? 
_refine.ls_number_reflns_obs                     13241 
_refine.ls_number_reflns_all                     ? 
_refine.pdbx_ls_sigma_I                          ? 
_refine.pdbx_ls_sigma_F                          ? 
_refine.pdbx_data_cutoff_high_absF               ? 
_refine.pdbx_data_cutoff_low_absF                ? 
_refine.pdbx_data_cutoff_high_rms_absF           ? 
_refine.ls_d_res_low                             48.21 
_refine.ls_d_res_high                            1.86 
_refine.ls_percent_reflns_obs                    99.02 
_refine.ls_R_factor_obs                          0.21163 
_refine.ls_R_factor_all                          ? 
_refine.ls_R_factor_R_work                       0.21238 
_refine.ls_R_factor_R_free                       0.19682 
_refine.ls_R_factor_R_free_error                 ? 
_refine.ls_R_factor_R_free_error_details         ? 
_refine.ls_percent_reflns_R_free                 5.0 
_refine.ls_number_reflns_R_free                  696 
_refine.ls_number_parameters                     ? 
_refine.ls_number_restraints                     ? 
_refine.occupancy_min                            ? 
_refine.occupancy_max                            ? 
_refine.correlation_coeff_Fo_to_Fc               0.963 
_refine.correlation_coeff_Fo_to_Fc_free          0.973 
_refine.B_iso_mean                               35.249 
_refine.aniso_B[1][1]                            -0.36 
_refine.aniso_B[2][2]                            -0.36 
_refine.aniso_B[3][3]                            1.17 
_refine.aniso_B[1][2]                            -0.18 
_refine.aniso_B[1][3]                            0.00 
_refine.aniso_B[2][3]                            0.00 
_refine.solvent_model_details                    MASK 
_refine.solvent_model_param_ksol                 ? 
_refine.solvent_model_param_bsol                 ? 
_refine.pdbx_solvent_vdw_probe_radii             1.20 
_refine.pdbx_solvent_ion_probe_radii             0.80 
_refine.pdbx_solvent_shrinkage_radii             0.80 
_refine.pdbx_ls_cross_valid_method               THROUGHOUT 
_refine.details                                  'HYDROGENS HAVE BEEN USED IF PRESENT IN THE INPUT' 
_refine.pdbx_starting_model                      ? 
_refine.pdbx_method_to_determine_struct          'MOLECULAR REPLACEMENT' 
_refine.pdbx_isotropic_thermal_model             ? 
_refine.pdbx_stereochemistry_target_values       'MAXIMUM LIKELIHOOD' 
_refine.pdbx_stereochem_target_val_spec_case     ? 
_refine.pdbx_R_Free_selection_details            RANDOM 
_refine.pdbx_overall_ESU_R                       0.124 
_refine.pdbx_overall_ESU_R_Free                  0.115 
_refine.overall_SU_ML                            0.000 
_refine.pdbx_overall_phase_error                 ? 
_refine.overall_SU_B                             0.004 
_refine.overall_SU_R_Cruickshank_DPI             ? 
_refine.pdbx_overall_SU_R_free_Cruickshank_DPI   ? 
_refine.pdbx_overall_SU_R_Blow_DPI               ? 
_refine.pdbx_overall_SU_R_free_Blow_DPI          ? 
# 
_refine_hist.pdbx_refine_id                   'X-RAY DIFFRACTION' 
_refine_hist.cycle_id                         LAST 
_refine_hist.pdbx_number_atoms_protein        0 
_refine_hist.pdbx_number_atoms_nucleic_acid   1136 
_refine_hist.pdbx_number_atoms_ligand         2 
_refine_hist.number_atoms_solvent             111 
_refine_hist.number_atoms_total               1249 
_refine_hist.d_res_high                       1.86 
_refine_hist.d_res_low                        48.21 
# 
_refine_ls_shell.pdbx_refine_id                   'X-RAY DIFFRACTION' 
_refine_ls_shell.pdbx_total_number_of_bins_used   20 
_refine_ls_shell.d_res_high                       1.861 
_refine_ls_shell.d_res_low                        1.910 
_refine_ls_shell.number_reflns_R_work             877 
_refine_ls_shell.R_factor_R_work                  0.320 
_refine_ls_shell.percent_reflns_obs               89.47 
_refine_ls_shell.R_factor_R_free                  0.368 
_refine_ls_shell.R_factor_R_free_error            ? 
_refine_ls_shell.percent_reflns_R_free            ? 
_refine_ls_shell.number_reflns_R_free             58 
_refine_ls_shell.number_reflns_all                ? 
_refine_ls_shell.R_factor_all                     ? 
_refine_ls_shell.R_factor_obs                     ? 
_refine_ls_shell.number_reflns_obs                ? 
# 
_struct.entry_id                     4P97 
_struct.title                        'Functional conservation despite structural divergence in ligand-responsive RNA switches' 
_struct.pdbx_model_details           . 
_struct.pdbx_formula_weight          . 
_struct.pdbx_formula_weight_method   . 
_struct.pdbx_model_type_details      . 
_struct.pdbx_CASP_flag               . 
# 
_struct_keywords.entry_id        4P97 
_struct_keywords.text            'Viral genome, internal ribosome entry site, translation, RNA' 
_struct_keywords.pdbx_keywords   RNA 
# 
loop_
_struct_asym.id 
_struct_asym.pdbx_blank_PDB_chainid_flag 
_struct_asym.pdbx_modified 
_struct_asym.entity_id 
_struct_asym.details 
A N N 1 ? 
B N N 2 ? 
C N N 1 ? 
D N N 2 ? 
E N N 3 ? 
F N N 3 ? 
G N N 4 ? 
H N N 4 ? 
I N N 4 ? 
J N N 4 ? 
# 
loop_
_struct_ref.id 
_struct_ref.db_name 
_struct_ref.db_code 
_struct_ref.pdbx_db_accession 
_struct_ref.pdbx_db_isoform 
_struct_ref.entity_id 
_struct_ref.pdbx_seq_one_letter_code 
_struct_ref.pdbx_align_begin 
1 PDB 4P97 4P97 ? 1 ? 1 
2 PDB 4P97 4P97 ? 2 ? 1 
# 
loop_
_struct_ref_seq.align_id 
_struct_ref_seq.ref_id 
_struct_ref_seq.pdbx_PDB_id_code 
_struct_ref_seq.pdbx_strand_id 
_struct_ref_seq.seq_align_beg 
_struct_ref_seq.pdbx_seq_align_beg_ins_code 
_struct_ref_seq.seq_align_end 
_struct_ref_seq.pdbx_seq_align_end_ins_code 
_struct_ref_seq.pdbx_db_accession 
_struct_ref_seq.db_align_beg 
_struct_ref_seq.pdbx_db_align_beg_ins_code 
_struct_ref_seq.db_align_end 
_struct_ref_seq.pdbx_db_align_end_ins_code 
_struct_ref_seq.pdbx_auth_seq_align_beg 
_struct_ref_seq.pdbx_auth_seq_align_end 
1 1 4P97 A 1 ? 16 ? 4P97 2  ? 17 ? 2  17 
2 2 4P97 B 1 ? 11 ? 4P97 35 ? 45 ? 35 45 
3 1 4P97 C 1 ? 16 ? 4P97 2  ? 17 ? 2  17 
4 2 4P97 D 1 ? 11 ? 4P97 35 ? 45 ? 35 45 
# 
loop_
_pdbx_struct_assembly.id 
_pdbx_struct_assembly.details 
_pdbx_struct_assembly.method_details 
_pdbx_struct_assembly.oligomeric_details 
_pdbx_struct_assembly.oligomeric_count 
1 author_and_software_defined_assembly PISA dimeric 2 
2 author_and_software_defined_assembly PISA dimeric 2 
# 
loop_
_pdbx_struct_assembly_prop.biol_id 
_pdbx_struct_assembly_prop.type 
_pdbx_struct_assembly_prop.value 
_pdbx_struct_assembly_prop.details 
1 'ABSA (A^2)' 1300 ? 
1 MORE         -10  ? 
1 'SSA (A^2)'  5170 ? 
2 'ABSA (A^2)' 1280 ? 
2 MORE         -9   ? 
2 'SSA (A^2)'  5180 ? 
# 
loop_
_pdbx_struct_assembly_gen.assembly_id 
_pdbx_struct_assembly_gen.oper_expression 
_pdbx_struct_assembly_gen.asym_id_list 
1 1 A,B,E,G,H 
2 1 C,D,F,I,J 
# 
_pdbx_struct_oper_list.id                   1 
_pdbx_struct_oper_list.type                 'identity operation' 
_pdbx_struct_oper_list.name                 1_555 
_pdbx_struct_oper_list.symmetry_operation   x,y,z 
_pdbx_struct_oper_list.matrix[1][1]         1.0000000000 
_pdbx_struct_oper_list.matrix[1][2]         0.0000000000 
_pdbx_struct_oper_list.matrix[1][3]         0.0000000000 
_pdbx_struct_oper_list.vector[1]            0.0000000000 
_pdbx_struct_oper_list.matrix[2][1]         0.0000000000 
_pdbx_struct_oper_list.matrix[2][2]         1.0000000000 
_pdbx_struct_oper_list.matrix[2][3]         0.0000000000 
_pdbx_struct_oper_list.vector[2]            0.0000000000 
_pdbx_struct_oper_list.matrix[3][1]         0.0000000000 
_pdbx_struct_oper_list.matrix[3][2]         0.0000000000 
_pdbx_struct_oper_list.matrix[3][3]         1.0000000000 
_pdbx_struct_oper_list.vector[3]            0.0000000000 
# 
loop_
_struct_conn.id 
_struct_conn.conn_type_id 
_struct_conn.pdbx_leaving_atom_flag 
_struct_conn.pdbx_PDB_id 
_struct_conn.ptnr1_label_asym_id 
_struct_conn.ptnr1_label_comp_id 
_struct_conn.ptnr1_label_seq_id 
_struct_conn.ptnr1_label_atom_id 
_struct_conn.pdbx_ptnr1_label_alt_id 
_struct_conn.pdbx_ptnr1_PDB_ins_code 
_struct_conn.pdbx_ptnr1_standard_comp_id 
_struct_conn.ptnr1_symmetry 
_struct_conn.ptnr2_label_asym_id 
_struct_conn.ptnr2_label_comp_id 
_struct_conn.ptnr2_label_seq_id 
_struct_conn.ptnr2_label_atom_id 
_struct_conn.pdbx_ptnr2_label_alt_id 
_struct_conn.pdbx_ptnr2_PDB_ins_code 
_struct_conn.ptnr1_auth_asym_id 
_struct_conn.ptnr1_auth_comp_id 
_struct_conn.ptnr1_auth_seq_id 
_struct_conn.ptnr2_auth_asym_id 
_struct_conn.ptnr2_auth_comp_id 
_struct_conn.ptnr2_auth_seq_id 
_struct_conn.ptnr2_symmetry 
_struct_conn.pdbx_ptnr3_label_atom_id 
_struct_conn.pdbx_ptnr3_label_seq_id 
_struct_conn.pdbx_ptnr3_label_comp_id 
_struct_conn.pdbx_ptnr3_label_asym_id 
_struct_conn.pdbx_ptnr3_label_alt_id 
_struct_conn.pdbx_ptnr3_PDB_ins_code 
_struct_conn.details 
_struct_conn.pdbx_dist_value 
_struct_conn.pdbx_value_order 
_struct_conn.pdbx_role 
metalc1  metalc ? ? A C   8  O2    ? ? ? 1_555 F CA .  CA ? ? A C   9   C CA 101 6_454 ? ? ? ? ? ? ?                    2.626 ? ? 
metalc2  metalc ? ? A G   15 "O2'" ? ? ? 1_555 E CA .  CA ? ? A G   16  A CA 101 1_555 ? ? ? ? ? ? ?                    2.820 ? ? 
metalc3  metalc ? ? E CA  .  CA    ? ? ? 6_455 C C  9  O2 ? ? A CA  101 C C  10  1_555 ? ? ? ? ? ? ?                    2.750 ? ? 
metalc4  metalc ? ? G HOH .  O     ? ? ? 8_555 F CA .  CA ? ? A HOH 205 C CA 101 1_555 ? ? ? ? ? ? ?                    2.432 ? ? 
metalc5  metalc ? ? G HOH .  O     ? ? ? 8_555 F CA .  CA ? ? A HOH 209 C CA 101 1_555 ? ? ? ? ? ? ?                    2.458 ? ? 
metalc6  metalc ? ? G HOH .  O     ? ? ? 8_555 F CA .  CA ? ? A HOH 210 C CA 101 1_555 ? ? ? ? ? ? ?                    2.404 ? ? 
metalc7  metalc ? ? G HOH .  O     ? ? ? 7_445 F CA .  CA ? ? A HOH 212 C CA 101 1_555 ? ? ? ? ? ? ?                    2.548 ? ? 
metalc8  metalc ? ? C C   16 "O3'" ? ? ? 1_555 F CA .  CA ? ? C C   17  C CA 101 1_555 ? ? ? ? ? ? ?                    2.612 ? ? 
metalc9  metalc ? ? C C   16 "O2'" ? ? ? 1_555 F CA .  CA ? ? C C   17  C CA 101 1_555 ? ? ? ? ? ? ?                    2.541 ? ? 
hydrog1  hydrog ? ? A C   1  N3    ? ? ? 1_555 B G  10 N1 ? ? A C   2   B G  44  1_555 ? ? ? ? ? ? WATSON-CRICK         ?     ? ? 
hydrog2  hydrog ? ? A C   1  N4    ? ? ? 1_555 B G  10 O6 ? ? A C   2   B G  44  1_555 ? ? ? ? ? ? WATSON-CRICK         ?     ? ? 
hydrog3  hydrog ? ? A C   1  O2    ? ? ? 1_555 B G  10 N2 ? ? A C   2   B G  44  1_555 ? ? ? ? ? ? WATSON-CRICK         ?     ? ? 
hydrog4  hydrog ? ? A G   2  N1    ? ? ? 1_555 B C  9  N3 ? ? A G   3   B C  43  1_555 ? ? ? ? ? ? WATSON-CRICK         ?     ? ? 
hydrog5  hydrog ? ? A G   2  N2    ? ? ? 1_555 B C  9  O2 ? ? A G   3   B C  43  1_555 ? ? ? ? ? ? WATSON-CRICK         ?     ? ? 
hydrog6  hydrog ? ? A G   2  O6    ? ? ? 1_555 B C  9  N4 ? ? A G   3   B C  43  1_555 ? ? ? ? ? ? WATSON-CRICK         ?     ? ? 
hydrog7  hydrog ? ? A U   3  N3    ? ? ? 1_555 B A  8  N1 ? ? A U   4   B A  42  1_555 ? ? ? ? ? ? WATSON-CRICK         ?     ? ? 
hydrog8  hydrog ? ? A U   3  O4    ? ? ? 1_555 B A  8  N6 ? ? A U   4   B A  42  1_555 ? ? ? ? ? ? WATSON-CRICK         ?     ? ? 
hydrog9  hydrog ? ? A C   4  N3    ? ? ? 1_555 B G  7  N1 ? ? A C   5   B G  41  1_555 ? ? ? ? ? ? WATSON-CRICK         ?     ? ? 
hydrog10 hydrog ? ? A C   4  N4    ? ? ? 1_555 B G  7  O6 ? ? A C   5   B G  41  1_555 ? ? ? ? ? ? WATSON-CRICK         ?     ? ? 
hydrog11 hydrog ? ? A C   4  O2    ? ? ? 1_555 B G  7  N2 ? ? A C   5   B G  41  1_555 ? ? ? ? ? ? WATSON-CRICK         ?     ? ? 
hydrog12 hydrog ? ? A U   5  N3    ? ? ? 1_555 B A  5  N7 ? ? A U   6   B A  39  1_555 ? ? ? ? ? ? 'REVERSED HOOGSTEEN' ?     ? ? 
hydrog13 hydrog ? ? A U   5  O2    ? ? ? 1_555 B A  5  N6 ? ? A U   6   B A  39  1_555 ? ? ? ? ? ? 'REVERSED HOOGSTEEN' ?     ? ? 
hydrog14 hydrog ? ? A C   11 N3    ? ? ? 1_555 B G  6  N1 ? ? A C   12  B G  40  1_555 ? ? ? ? ? ? WATSON-CRICK         ?     ? ? 
hydrog15 hydrog ? ? A C   11 N4    ? ? ? 1_555 B G  6  O6 ? ? A C   12  B G  40  1_555 ? ? ? ? ? ? WATSON-CRICK         ?     ? ? 
hydrog16 hydrog ? ? A C   11 O2    ? ? ? 1_555 B G  6  N2 ? ? A C   12  B G  40  1_555 ? ? ? ? ? ? WATSON-CRICK         ?     ? ? 
hydrog17 hydrog ? ? A C   12 N3    ? ? ? 1_555 B G  4  N1 ? ? A C   13  B G  38  1_555 ? ? ? ? ? ? WATSON-CRICK         ?     ? ? 
hydrog18 hydrog ? ? A C   12 N4    ? ? ? 1_555 B G  4  O6 ? ? A C   13  B G  38  1_555 ? ? ? ? ? ? WATSON-CRICK         ?     ? ? 
hydrog19 hydrog ? ? A C   12 O2    ? ? ? 1_555 B G  4  N2 ? ? A C   13  B G  38  1_555 ? ? ? ? ? ? WATSON-CRICK         ?     ? ? 
hydrog20 hydrog ? ? A U   13 N3    ? ? ? 1_555 B A  3  N1 ? ? A U   14  B A  37  1_555 ? ? ? ? ? ? WATSON-CRICK         ?     ? ? 
hydrog21 hydrog ? ? A U   13 O4    ? ? ? 1_555 B A  3  N6 ? ? A U   14  B A  37  1_555 ? ? ? ? ? ? WATSON-CRICK         ?     ? ? 
hydrog22 hydrog ? ? A C   14 N3    ? ? ? 1_555 B G  2  N1 ? ? A C   15  B G  36  1_555 ? ? ? ? ? ? WATSON-CRICK         ?     ? ? 
hydrog23 hydrog ? ? A C   14 N4    ? ? ? 1_555 B G  2  O6 ? ? A C   15  B G  36  1_555 ? ? ? ? ? ? WATSON-CRICK         ?     ? ? 
hydrog24 hydrog ? ? A C   14 O2    ? ? ? 1_555 B G  2  N2 ? ? A C   15  B G  36  1_555 ? ? ? ? ? ? WATSON-CRICK         ?     ? ? 
hydrog25 hydrog ? ? A G   15 N1    ? ? ? 1_555 B C  1  N3 ? ? A G   16  B C  35  1_555 ? ? ? ? ? ? WATSON-CRICK         ?     ? ? 
hydrog26 hydrog ? ? A G   15 N2    ? ? ? 1_555 B C  1  O2 ? ? A G   16  B C  35  1_555 ? ? ? ? ? ? WATSON-CRICK         ?     ? ? 
hydrog27 hydrog ? ? A G   15 O6    ? ? ? 1_555 B C  1  N4 ? ? A G   16  B C  35  1_555 ? ? ? ? ? ? WATSON-CRICK         ?     ? ? 
hydrog28 hydrog ? ? C C   1  N3    ? ? ? 1_555 D G  10 N1 ? ? C C   2   D G  44  1_555 ? ? ? ? ? ? WATSON-CRICK         ?     ? ? 
hydrog29 hydrog ? ? C C   1  N4    ? ? ? 1_555 D G  10 O6 ? ? C C   2   D G  44  1_555 ? ? ? ? ? ? WATSON-CRICK         ?     ? ? 
hydrog30 hydrog ? ? C C   1  O2    ? ? ? 1_555 D G  10 N2 ? ? C C   2   D G  44  1_555 ? ? ? ? ? ? WATSON-CRICK         ?     ? ? 
hydrog31 hydrog ? ? C G   2  N1    ? ? ? 1_555 D C  9  N3 ? ? C G   3   D C  43  1_555 ? ? ? ? ? ? WATSON-CRICK         ?     ? ? 
hydrog32 hydrog ? ? C G   2  N2    ? ? ? 1_555 D C  9  O2 ? ? C G   3   D C  43  1_555 ? ? ? ? ? ? WATSON-CRICK         ?     ? ? 
hydrog33 hydrog ? ? C G   2  O6    ? ? ? 1_555 D C  9  N4 ? ? C G   3   D C  43  1_555 ? ? ? ? ? ? WATSON-CRICK         ?     ? ? 
hydrog34 hydrog ? ? C U   3  N3    ? ? ? 1_555 D A  8  N1 ? ? C U   4   D A  42  1_555 ? ? ? ? ? ? WATSON-CRICK         ?     ? ? 
hydrog35 hydrog ? ? C U   3  O4    ? ? ? 1_555 D A  8  N6 ? ? C U   4   D A  42  1_555 ? ? ? ? ? ? WATSON-CRICK         ?     ? ? 
hydrog36 hydrog ? ? C C   4  N3    ? ? ? 1_555 D G  7  N1 ? ? C C   5   D G  41  1_555 ? ? ? ? ? ? WATSON-CRICK         ?     ? ? 
hydrog37 hydrog ? ? C C   4  N4    ? ? ? 1_555 D G  7  O6 ? ? C C   5   D G  41  1_555 ? ? ? ? ? ? WATSON-CRICK         ?     ? ? 
hydrog38 hydrog ? ? C C   4  O2    ? ? ? 1_555 D G  7  N2 ? ? C C   5   D G  41  1_555 ? ? ? ? ? ? WATSON-CRICK         ?     ? ? 
hydrog39 hydrog ? ? C U   5  N3    ? ? ? 1_555 D A  5  N7 ? ? C U   6   D A  39  1_555 ? ? ? ? ? ? 'REVERSED HOOGSTEEN' ?     ? ? 
hydrog40 hydrog ? ? C U   5  O2    ? ? ? 1_555 D A  5  N6 ? ? C U   6   D A  39  1_555 ? ? ? ? ? ? 'REVERSED HOOGSTEEN' ?     ? ? 
hydrog41 hydrog ? ? C C   11 N3    ? ? ? 1_555 D G  6  N1 ? ? C C   12  D G  40  1_555 ? ? ? ? ? ? WATSON-CRICK         ?     ? ? 
hydrog42 hydrog ? ? C C   11 N4    ? ? ? 1_555 D G  6  O6 ? ? C C   12  D G  40  1_555 ? ? ? ? ? ? WATSON-CRICK         ?     ? ? 
hydrog43 hydrog ? ? C C   11 O2    ? ? ? 1_555 D G  6  N2 ? ? C C   12  D G  40  1_555 ? ? ? ? ? ? WATSON-CRICK         ?     ? ? 
hydrog44 hydrog ? ? C C   12 N3    ? ? ? 1_555 D G  4  N1 ? ? C C   13  D G  38  1_555 ? ? ? ? ? ? WATSON-CRICK         ?     ? ? 
hydrog45 hydrog ? ? C C   12 N4    ? ? ? 1_555 D G  4  O6 ? ? C C   13  D G  38  1_555 ? ? ? ? ? ? WATSON-CRICK         ?     ? ? 
hydrog46 hydrog ? ? C C   12 O2    ? ? ? 1_555 D G  4  N2 ? ? C C   13  D G  38  1_555 ? ? ? ? ? ? WATSON-CRICK         ?     ? ? 
hydrog47 hydrog ? ? C U   13 N3    ? ? ? 1_555 D A  3  N1 ? ? C U   14  D A  37  1_555 ? ? ? ? ? ? WATSON-CRICK         ?     ? ? 
hydrog48 hydrog ? ? C U   13 O4    ? ? ? 1_555 D A  3  N6 ? ? C U   14  D A  37  1_555 ? ? ? ? ? ? WATSON-CRICK         ?     ? ? 
hydrog49 hydrog ? ? C C   14 N3    ? ? ? 1_555 D G  2  N1 ? ? C C   15  D G  36  1_555 ? ? ? ? ? ? WATSON-CRICK         ?     ? ? 
hydrog50 hydrog ? ? C C   14 N4    ? ? ? 1_555 D G  2  O6 ? ? C C   15  D G  36  1_555 ? ? ? ? ? ? WATSON-CRICK         ?     ? ? 
hydrog51 hydrog ? ? C C   14 O2    ? ? ? 1_555 D G  2  N2 ? ? C C   15  D G  36  1_555 ? ? ? ? ? ? WATSON-CRICK         ?     ? ? 
hydrog52 hydrog ? ? C G   15 N1    ? ? ? 1_555 D C  1  N3 ? ? C G   16  D C  35  1_555 ? ? ? ? ? ? WATSON-CRICK         ?     ? ? 
hydrog53 hydrog ? ? C G   15 N2    ? ? ? 1_555 D C  1  O2 ? ? C G   16  D C  35  1_555 ? ? ? ? ? ? WATSON-CRICK         ?     ? ? 
hydrog54 hydrog ? ? C G   15 O6    ? ? ? 1_555 D C  1  N4 ? ? C G   16  D C  35  1_555 ? ? ? ? ? ? WATSON-CRICK         ?     ? ? 
# 
loop_
_struct_conn_type.id 
_struct_conn_type.criteria 
_struct_conn_type.reference 
metalc ? ? 
hydrog ? ? 
# 
loop_
_pdbx_struct_conn_angle.id 
_pdbx_struct_conn_angle.ptnr1_label_atom_id 
_pdbx_struct_conn_angle.ptnr1_label_alt_id 
_pdbx_struct_conn_angle.ptnr1_label_asym_id 
_pdbx_struct_conn_angle.ptnr1_label_comp_id 
_pdbx_struct_conn_angle.ptnr1_label_seq_id 
_pdbx_struct_conn_angle.ptnr1_auth_atom_id 
_pdbx_struct_conn_angle.ptnr1_auth_asym_id 
_pdbx_struct_conn_angle.ptnr1_auth_comp_id 
_pdbx_struct_conn_angle.ptnr1_auth_seq_id 
_pdbx_struct_conn_angle.ptnr1_PDB_ins_code 
_pdbx_struct_conn_angle.ptnr1_symmetry 
_pdbx_struct_conn_angle.ptnr2_label_atom_id 
_pdbx_struct_conn_angle.ptnr2_label_alt_id 
_pdbx_struct_conn_angle.ptnr2_label_asym_id 
_pdbx_struct_conn_angle.ptnr2_label_comp_id 
_pdbx_struct_conn_angle.ptnr2_label_seq_id 
_pdbx_struct_conn_angle.ptnr2_auth_atom_id 
_pdbx_struct_conn_angle.ptnr2_auth_asym_id 
_pdbx_struct_conn_angle.ptnr2_auth_comp_id 
_pdbx_struct_conn_angle.ptnr2_auth_seq_id 
_pdbx_struct_conn_angle.ptnr2_PDB_ins_code 
_pdbx_struct_conn_angle.ptnr2_symmetry 
_pdbx_struct_conn_angle.ptnr3_label_atom_id 
_pdbx_struct_conn_angle.ptnr3_label_alt_id 
_pdbx_struct_conn_angle.ptnr3_label_asym_id 
_pdbx_struct_conn_angle.ptnr3_label_comp_id 
_pdbx_struct_conn_angle.ptnr3_label_seq_id 
_pdbx_struct_conn_angle.ptnr3_auth_atom_id 
_pdbx_struct_conn_angle.ptnr3_auth_asym_id 
_pdbx_struct_conn_angle.ptnr3_auth_comp_id 
_pdbx_struct_conn_angle.ptnr3_auth_seq_id 
_pdbx_struct_conn_angle.ptnr3_PDB_ins_code 
_pdbx_struct_conn_angle.ptnr3_symmetry 
_pdbx_struct_conn_angle.value 
_pdbx_struct_conn_angle.value_esd 
1  O2    ? A C   8  ? A C   9   ? 1_555 CA ? F CA . ? C CA 101 ? 6_454 O     ? G HOH .  ? A HOH 205 ? 8_555 98.1  ? 
2  O2    ? A C   8  ? A C   9   ? 1_555 CA ? F CA . ? C CA 101 ? 6_454 O     ? G HOH .  ? A HOH 209 ? 8_555 99.0  ? 
3  O     ? G HOH .  ? A HOH 205 ? 8_555 CA ? F CA . ? C CA 101 ? 6_454 O     ? G HOH .  ? A HOH 209 ? 8_555 1.6   ? 
4  O2    ? A C   8  ? A C   9   ? 1_555 CA ? F CA . ? C CA 101 ? 6_454 O     ? G HOH .  ? A HOH 210 ? 8_555 96.2  ? 
5  O     ? G HOH .  ? A HOH 205 ? 8_555 CA ? F CA . ? C CA 101 ? 6_454 O     ? G HOH .  ? A HOH 210 ? 8_555 2.0   ? 
6  O     ? G HOH .  ? A HOH 209 ? 8_555 CA ? F CA . ? C CA 101 ? 6_454 O     ? G HOH .  ? A HOH 210 ? 8_555 3.1   ? 
7  O2    ? A C   8  ? A C   9   ? 1_555 CA ? F CA . ? C CA 101 ? 6_454 O     ? G HOH .  ? A HOH 212 ? 7_445 97.4  ? 
8  O     ? G HOH .  ? A HOH 205 ? 8_555 CA ? F CA . ? C CA 101 ? 6_454 O     ? G HOH .  ? A HOH 212 ? 7_445 2.1   ? 
9  O     ? G HOH .  ? A HOH 209 ? 8_555 CA ? F CA . ? C CA 101 ? 6_454 O     ? G HOH .  ? A HOH 212 ? 7_445 1.7   ? 
10 O     ? G HOH .  ? A HOH 210 ? 8_555 CA ? F CA . ? C CA 101 ? 6_454 O     ? G HOH .  ? A HOH 212 ? 7_445 2.1   ? 
11 O2    ? A C   8  ? A C   9   ? 1_555 CA ? F CA . ? C CA 101 ? 6_454 "O3'" ? C C   16 ? C C   17  ? 1_555 96.4  ? 
12 O     ? G HOH .  ? A HOH 205 ? 8_555 CA ? F CA . ? C CA 101 ? 6_454 "O3'" ? C C   16 ? C C   17  ? 1_555 2.7   ? 
13 O     ? G HOH .  ? A HOH 209 ? 8_555 CA ? F CA . ? C CA 101 ? 6_454 "O3'" ? C C   16 ? C C   17  ? 1_555 2.7   ? 
14 O     ? G HOH .  ? A HOH 210 ? 8_555 CA ? F CA . ? C CA 101 ? 6_454 "O3'" ? C C   16 ? C C   17  ? 1_555 1.9   ? 
15 O     ? G HOH .  ? A HOH 212 ? 7_445 CA ? F CA . ? C CA 101 ? 6_454 "O3'" ? C C   16 ? C C   17  ? 1_555 1.0   ? 
16 O2    ? A C   8  ? A C   9   ? 1_555 CA ? F CA . ? C CA 101 ? 6_454 "O2'" ? C C   16 ? C C   17  ? 1_555 96.9  ? 
17 O     ? G HOH .  ? A HOH 205 ? 8_555 CA ? F CA . ? C CA 101 ? 6_454 "O2'" ? C C   16 ? C C   17  ? 1_555 1.3   ? 
18 O     ? G HOH .  ? A HOH 209 ? 8_555 CA ? F CA . ? C CA 101 ? 6_454 "O2'" ? C C   16 ? C C   17  ? 1_555 2.2   ? 
19 O     ? G HOH .  ? A HOH 210 ? 8_555 CA ? F CA . ? C CA 101 ? 6_454 "O2'" ? C C   16 ? C C   17  ? 1_555 0.8   ? 
20 O     ? G HOH .  ? A HOH 212 ? 7_445 CA ? F CA . ? C CA 101 ? 6_454 "O2'" ? C C   16 ? C C   17  ? 1_555 1.5   ? 
21 "O3'" ? C C   16 ? C C   17  ? 1_555 CA ? F CA . ? C CA 101 ? 6_454 "O2'" ? C C   16 ? C C   17  ? 1_555 1.7   ? 
22 "O2'" ? A G   15 ? A G   16  ? 1_555 CA ? E CA . ? A CA 101 ? 1_555 O2    ? C C   9  ? C C   10  ? 1_555 100.2 ? 
# 
loop_
_struct_site.id 
_struct_site.pdbx_evidence_code 
_struct_site.pdbx_auth_asym_id 
_struct_site.pdbx_auth_comp_id 
_struct_site.pdbx_auth_seq_id 
_struct_site.pdbx_auth_ins_code 
_struct_site.pdbx_num_residues 
_struct_site.details 
AC1 Software A CA 101 ? 3 'binding site for residue CA A 101' 
AC2 Software C CA 101 ? 6 'binding site for residue CA C 101' 
# 
loop_
_struct_site_gen.id 
_struct_site_gen.site_id 
_struct_site_gen.pdbx_num_res 
_struct_site_gen.label_comp_id 
_struct_site_gen.label_asym_id 
_struct_site_gen.label_seq_id 
_struct_site_gen.pdbx_auth_ins_code 
_struct_site_gen.auth_comp_id 
_struct_site_gen.auth_asym_id 
_struct_site_gen.auth_seq_id 
_struct_site_gen.label_atom_id 
_struct_site_gen.label_alt_id 
_struct_site_gen.symmetry 
_struct_site_gen.details 
1 AC1 3 G   A 15 ? G   A 16  . ? 1_555 ? 
2 AC1 3 C   C 9  ? C   C 10  . ? 8_554 ? 
3 AC1 3 A   C 10 ? A   C 11  . ? 8_554 ? 
4 AC2 6 C   A 8  ? C   A 9   . ? 8_555 ? 
5 AC2 6 HOH G .  ? HOH A 205 . ? 8_555 ? 
6 AC2 6 HOH G .  ? HOH A 209 . ? 8_555 ? 
7 AC2 6 HOH G .  ? HOH A 210 . ? 8_555 ? 
8 AC2 6 HOH G .  ? HOH A 212 . ? 7_445 ? 
9 AC2 6 C   C 16 ? C   C 17  . ? 1_555 ? 
# 
loop_
_pdbx_validate_close_contact.id 
_pdbx_validate_close_contact.PDB_model_num 
_pdbx_validate_close_contact.auth_atom_id_1 
_pdbx_validate_close_contact.auth_asym_id_1 
_pdbx_validate_close_contact.auth_comp_id_1 
_pdbx_validate_close_contact.auth_seq_id_1 
_pdbx_validate_close_contact.PDB_ins_code_1 
_pdbx_validate_close_contact.label_alt_id_1 
_pdbx_validate_close_contact.auth_atom_id_2 
_pdbx_validate_close_contact.auth_asym_id_2 
_pdbx_validate_close_contact.auth_comp_id_2 
_pdbx_validate_close_contact.auth_seq_id_2 
_pdbx_validate_close_contact.PDB_ins_code_2 
_pdbx_validate_close_contact.label_alt_id_2 
_pdbx_validate_close_contact.dist 
1 1 O   B HOH 120 ? ? O B HOH 121 ? ? 1.84 
2 1 OP1 D G   40  ? ? O D HOH 117 ? ? 2.00 
3 1 O   A HOH 228 ? ? O B HOH 118 ? ? 2.09 
4 1 O   B HOH 117 ? ? O B HOH 118 ? ? 2.10 
5 1 O   B HOH 110 ? ? O B HOH 121 ? ? 2.15 
6 1 O   C HOH 232 ? ? O D HOH 119 ? ? 2.19 
# 
loop_
_pdbx_validate_rmsd_angle.id 
_pdbx_validate_rmsd_angle.PDB_model_num 
_pdbx_validate_rmsd_angle.auth_atom_id_1 
_pdbx_validate_rmsd_angle.auth_asym_id_1 
_pdbx_validate_rmsd_angle.auth_comp_id_1 
_pdbx_validate_rmsd_angle.auth_seq_id_1 
_pdbx_validate_rmsd_angle.PDB_ins_code_1 
_pdbx_validate_rmsd_angle.label_alt_id_1 
_pdbx_validate_rmsd_angle.auth_atom_id_2 
_pdbx_validate_rmsd_angle.auth_asym_id_2 
_pdbx_validate_rmsd_angle.auth_comp_id_2 
_pdbx_validate_rmsd_angle.auth_seq_id_2 
_pdbx_validate_rmsd_angle.PDB_ins_code_2 
_pdbx_validate_rmsd_angle.label_alt_id_2 
_pdbx_validate_rmsd_angle.auth_atom_id_3 
_pdbx_validate_rmsd_angle.auth_asym_id_3 
_pdbx_validate_rmsd_angle.auth_comp_id_3 
_pdbx_validate_rmsd_angle.auth_seq_id_3 
_pdbx_validate_rmsd_angle.PDB_ins_code_3 
_pdbx_validate_rmsd_angle.label_alt_id_3 
_pdbx_validate_rmsd_angle.angle_value 
_pdbx_validate_rmsd_angle.angle_target_value 
_pdbx_validate_rmsd_angle.angle_deviation 
_pdbx_validate_rmsd_angle.angle_standard_deviation 
_pdbx_validate_rmsd_angle.linker_flag 
1 1 N3 A U 6  ? ? C4 A U 6  ? ? O4    A U 6  ? ? 114.72 119.40 -4.68 0.70 N 
2 1 N1 A C 9  ? ? C2 A C 9  ? ? O2    A C 9  ? ? 114.06 118.90 -4.84 0.60 N 
3 1 C2 B G 36 ? ? N3 B G 36 ? ? C4    B G 36 ? ? 114.96 111.90 3.06  0.50 N 
4 1 C8 D A 37 ? ? N9 D A 37 ? ? C4    D A 37 ? ? 109.38 105.80 3.58  0.40 N 
5 1 N9 D G 45 ? ? C4 D G 45 ? ? C5    D G 45 ? ? 107.85 105.40 2.45  0.40 N 
6 1 C8 D G 45 ? ? N9 D G 45 ? ? "C1'" D G 45 ? ? 135.43 127.00 8.43  1.30 N 
# 
loop_
_chem_comp_atom.comp_id 
_chem_comp_atom.atom_id 
_chem_comp_atom.type_symbol 
_chem_comp_atom.pdbx_aromatic_flag 
_chem_comp_atom.pdbx_stereo_config 
_chem_comp_atom.pdbx_ordinal 
A   OP3    O  N N 1   
A   P      P  N N 2   
A   OP1    O  N N 3   
A   OP2    O  N N 4   
A   "O5'"  O  N N 5   
A   "C5'"  C  N N 6   
A   "C4'"  C  N R 7   
A   "O4'"  O  N N 8   
A   "C3'"  C  N S 9   
A   "O3'"  O  N N 10  
A   "C2'"  C  N R 11  
A   "O2'"  O  N N 12  
A   "C1'"  C  N R 13  
A   N9     N  Y N 14  
A   C8     C  Y N 15  
A   N7     N  Y N 16  
A   C5     C  Y N 17  
A   C6     C  Y N 18  
A   N6     N  N N 19  
A   N1     N  Y N 20  
A   C2     C  Y N 21  
A   N3     N  Y N 22  
A   C4     C  Y N 23  
A   HOP3   H  N N 24  
A   HOP2   H  N N 25  
A   "H5'"  H  N N 26  
A   "H5''" H  N N 27  
A   "H4'"  H  N N 28  
A   "H3'"  H  N N 29  
A   "HO3'" H  N N 30  
A   "H2'"  H  N N 31  
A   "HO2'" H  N N 32  
A   "H1'"  H  N N 33  
A   H8     H  N N 34  
A   H61    H  N N 35  
A   H62    H  N N 36  
A   H2     H  N N 37  
C   OP3    O  N N 38  
C   P      P  N N 39  
C   OP1    O  N N 40  
C   OP2    O  N N 41  
C   "O5'"  O  N N 42  
C   "C5'"  C  N N 43  
C   "C4'"  C  N R 44  
C   "O4'"  O  N N 45  
C   "C3'"  C  N S 46  
C   "O3'"  O  N N 47  
C   "C2'"  C  N R 48  
C   "O2'"  O  N N 49  
C   "C1'"  C  N R 50  
C   N1     N  N N 51  
C   C2     C  N N 52  
C   O2     O  N N 53  
C   N3     N  N N 54  
C   C4     C  N N 55  
C   N4     N  N N 56  
C   C5     C  N N 57  
C   C6     C  N N 58  
C   HOP3   H  N N 59  
C   HOP2   H  N N 60  
C   "H5'"  H  N N 61  
C   "H5''" H  N N 62  
C   "H4'"  H  N N 63  
C   "H3'"  H  N N 64  
C   "HO3'" H  N N 65  
C   "H2'"  H  N N 66  
C   "HO2'" H  N N 67  
C   "H1'"  H  N N 68  
C   H41    H  N N 69  
C   H42    H  N N 70  
C   H5     H  N N 71  
C   H6     H  N N 72  
CA  CA     CA N N 73  
G   OP3    O  N N 74  
G   P      P  N N 75  
G   OP1    O  N N 76  
G   OP2    O  N N 77  
G   "O5'"  O  N N 78  
G   "C5'"  C  N N 79  
G   "C4'"  C  N R 80  
G   "O4'"  O  N N 81  
G   "C3'"  C  N S 82  
G   "O3'"  O  N N 83  
G   "C2'"  C  N R 84  
G   "O2'"  O  N N 85  
G   "C1'"  C  N R 86  
G   N9     N  Y N 87  
G   C8     C  Y N 88  
G   N7     N  Y N 89  
G   C5     C  Y N 90  
G   C6     C  N N 91  
G   O6     O  N N 92  
G   N1     N  N N 93  
G   C2     C  N N 94  
G   N2     N  N N 95  
G   N3     N  N N 96  
G   C4     C  Y N 97  
G   HOP3   H  N N 98  
G   HOP2   H  N N 99  
G   "H5'"  H  N N 100 
G   "H5''" H  N N 101 
G   "H4'"  H  N N 102 
G   "H3'"  H  N N 103 
G   "HO3'" H  N N 104 
G   "H2'"  H  N N 105 
G   "HO2'" H  N N 106 
G   "H1'"  H  N N 107 
G   H8     H  N N 108 
G   H1     H  N N 109 
G   H21    H  N N 110 
G   H22    H  N N 111 
HOH O      O  N N 112 
HOH H1     H  N N 113 
HOH H2     H  N N 114 
U   OP3    O  N N 115 
U   P      P  N N 116 
U   OP1    O  N N 117 
U   OP2    O  N N 118 
U   "O5'"  O  N N 119 
U   "C5'"  C  N N 120 
U   "C4'"  C  N R 121 
U   "O4'"  O  N N 122 
U   "C3'"  C  N S 123 
U   "O3'"  O  N N 124 
U   "C2'"  C  N R 125 
U   "O2'"  O  N N 126 
U   "C1'"  C  N R 127 
U   N1     N  N N 128 
U   C2     C  N N 129 
U   O2     O  N N 130 
U   N3     N  N N 131 
U   C4     C  N N 132 
U   O4     O  N N 133 
U   C5     C  N N 134 
U   C6     C  N N 135 
U   HOP3   H  N N 136 
U   HOP2   H  N N 137 
U   "H5'"  H  N N 138 
U   "H5''" H  N N 139 
U   "H4'"  H  N N 140 
U   "H3'"  H  N N 141 
U   "HO3'" H  N N 142 
U   "H2'"  H  N N 143 
U   "HO2'" H  N N 144 
U   "H1'"  H  N N 145 
U   H3     H  N N 146 
U   H5     H  N N 147 
U   H6     H  N N 148 
# 
loop_
_chem_comp_bond.comp_id 
_chem_comp_bond.atom_id_1 
_chem_comp_bond.atom_id_2 
_chem_comp_bond.value_order 
_chem_comp_bond.pdbx_aromatic_flag 
_chem_comp_bond.pdbx_stereo_config 
_chem_comp_bond.pdbx_ordinal 
A   OP3   P      sing N N 1   
A   OP3   HOP3   sing N N 2   
A   P     OP1    doub N N 3   
A   P     OP2    sing N N 4   
A   P     "O5'"  sing N N 5   
A   OP2   HOP2   sing N N 6   
A   "O5'" "C5'"  sing N N 7   
A   "C5'" "C4'"  sing N N 8   
A   "C5'" "H5'"  sing N N 9   
A   "C5'" "H5''" sing N N 10  
A   "C4'" "O4'"  sing N N 11  
A   "C4'" "C3'"  sing N N 12  
A   "C4'" "H4'"  sing N N 13  
A   "O4'" "C1'"  sing N N 14  
A   "C3'" "O3'"  sing N N 15  
A   "C3'" "C2'"  sing N N 16  
A   "C3'" "H3'"  sing N N 17  
A   "O3'" "HO3'" sing N N 18  
A   "C2'" "O2'"  sing N N 19  
A   "C2'" "C1'"  sing N N 20  
A   "C2'" "H2'"  sing N N 21  
A   "O2'" "HO2'" sing N N 22  
A   "C1'" N9     sing N N 23  
A   "C1'" "H1'"  sing N N 24  
A   N9    C8     sing Y N 25  
A   N9    C4     sing Y N 26  
A   C8    N7     doub Y N 27  
A   C8    H8     sing N N 28  
A   N7    C5     sing Y N 29  
A   C5    C6     sing Y N 30  
A   C5    C4     doub Y N 31  
A   C6    N6     sing N N 32  
A   C6    N1     doub Y N 33  
A   N6    H61    sing N N 34  
A   N6    H62    sing N N 35  
A   N1    C2     sing Y N 36  
A   C2    N3     doub Y N 37  
A   C2    H2     sing N N 38  
A   N3    C4     sing Y N 39  
C   OP3   P      sing N N 40  
C   OP3   HOP3   sing N N 41  
C   P     OP1    doub N N 42  
C   P     OP2    sing N N 43  
C   P     "O5'"  sing N N 44  
C   OP2   HOP2   sing N N 45  
C   "O5'" "C5'"  sing N N 46  
C   "C5'" "C4'"  sing N N 47  
C   "C5'" "H5'"  sing N N 48  
C   "C5'" "H5''" sing N N 49  
C   "C4'" "O4'"  sing N N 50  
C   "C4'" "C3'"  sing N N 51  
C   "C4'" "H4'"  sing N N 52  
C   "O4'" "C1'"  sing N N 53  
C   "C3'" "O3'"  sing N N 54  
C   "C3'" "C2'"  sing N N 55  
C   "C3'" "H3'"  sing N N 56  
C   "O3'" "HO3'" sing N N 57  
C   "C2'" "O2'"  sing N N 58  
C   "C2'" "C1'"  sing N N 59  
C   "C2'" "H2'"  sing N N 60  
C   "O2'" "HO2'" sing N N 61  
C   "C1'" N1     sing N N 62  
C   "C1'" "H1'"  sing N N 63  
C   N1    C2     sing N N 64  
C   N1    C6     sing N N 65  
C   C2    O2     doub N N 66  
C   C2    N3     sing N N 67  
C   N3    C4     doub N N 68  
C   C4    N4     sing N N 69  
C   C4    C5     sing N N 70  
C   N4    H41    sing N N 71  
C   N4    H42    sing N N 72  
C   C5    C6     doub N N 73  
C   C5    H5     sing N N 74  
C   C6    H6     sing N N 75  
G   OP3   P      sing N N 76  
G   OP3   HOP3   sing N N 77  
G   P     OP1    doub N N 78  
G   P     OP2    sing N N 79  
G   P     "O5'"  sing N N 80  
G   OP2   HOP2   sing N N 81  
G   "O5'" "C5'"  sing N N 82  
G   "C5'" "C4'"  sing N N 83  
G   "C5'" "H5'"  sing N N 84  
G   "C5'" "H5''" sing N N 85  
G   "C4'" "O4'"  sing N N 86  
G   "C4'" "C3'"  sing N N 87  
G   "C4'" "H4'"  sing N N 88  
G   "O4'" "C1'"  sing N N 89  
G   "C3'" "O3'"  sing N N 90  
G   "C3'" "C2'"  sing N N 91  
G   "C3'" "H3'"  sing N N 92  
G   "O3'" "HO3'" sing N N 93  
G   "C2'" "O2'"  sing N N 94  
G   "C2'" "C1'"  sing N N 95  
G   "C2'" "H2'"  sing N N 96  
G   "O2'" "HO2'" sing N N 97  
G   "C1'" N9     sing N N 98  
G   "C1'" "H1'"  sing N N 99  
G   N9    C8     sing Y N 100 
G   N9    C4     sing Y N 101 
G   C8    N7     doub Y N 102 
G   C8    H8     sing N N 103 
G   N7    C5     sing Y N 104 
G   C5    C6     sing N N 105 
G   C5    C4     doub Y N 106 
G   C6    O6     doub N N 107 
G   C6    N1     sing N N 108 
G   N1    C2     sing N N 109 
G   N1    H1     sing N N 110 
G   C2    N2     sing N N 111 
G   C2    N3     doub N N 112 
G   N2    H21    sing N N 113 
G   N2    H22    sing N N 114 
G   N3    C4     sing N N 115 
HOH O     H1     sing N N 116 
HOH O     H2     sing N N 117 
U   OP3   P      sing N N 118 
U   OP3   HOP3   sing N N 119 
U   P     OP1    doub N N 120 
U   P     OP2    sing N N 121 
U   P     "O5'"  sing N N 122 
U   OP2   HOP2   sing N N 123 
U   "O5'" "C5'"  sing N N 124 
U   "C5'" "C4'"  sing N N 125 
U   "C5'" "H5'"  sing N N 126 
U   "C5'" "H5''" sing N N 127 
U   "C4'" "O4'"  sing N N 128 
U   "C4'" "C3'"  sing N N 129 
U   "C4'" "H4'"  sing N N 130 
U   "O4'" "C1'"  sing N N 131 
U   "C3'" "O3'"  sing N N 132 
U   "C3'" "C2'"  sing N N 133 
U   "C3'" "H3'"  sing N N 134 
U   "O3'" "HO3'" sing N N 135 
U   "C2'" "O2'"  sing N N 136 
U   "C2'" "C1'"  sing N N 137 
U   "C2'" "H2'"  sing N N 138 
U   "O2'" "HO2'" sing N N 139 
U   "C1'" N1     sing N N 140 
U   "C1'" "H1'"  sing N N 141 
U   N1    C2     sing N N 142 
U   N1    C6     sing N N 143 
U   C2    O2     doub N N 144 
U   C2    N3     sing N N 145 
U   N3    C4     sing N N 146 
U   N3    H3     sing N N 147 
U   C4    O4     doub N N 148 
U   C4    C5     sing N N 149 
U   C5    C6     doub N N 150 
U   C5    H5     sing N N 151 
U   C6    H6     sing N N 152 
# 
loop_
_ndb_struct_conf_na.entry_id 
_ndb_struct_conf_na.feature 
4P97 'double helix'        
4P97 'a-form double helix' 
# 
loop_
_ndb_struct_na_base_pair.model_number 
_ndb_struct_na_base_pair.i_label_asym_id 
_ndb_struct_na_base_pair.i_label_comp_id 
_ndb_struct_na_base_pair.i_label_seq_id 
_ndb_struct_na_base_pair.i_symmetry 
_ndb_struct_na_base_pair.j_label_asym_id 
_ndb_struct_na_base_pair.j_label_comp_id 
_ndb_struct_na_base_pair.j_label_seq_id 
_ndb_struct_na_base_pair.j_symmetry 
_ndb_struct_na_base_pair.shear 
_ndb_struct_na_base_pair.stretch 
_ndb_struct_na_base_pair.stagger 
_ndb_struct_na_base_pair.buckle 
_ndb_struct_na_base_pair.propeller 
_ndb_struct_na_base_pair.opening 
_ndb_struct_na_base_pair.pair_number 
_ndb_struct_na_base_pair.pair_name 
_ndb_struct_na_base_pair.i_auth_asym_id 
_ndb_struct_na_base_pair.i_auth_seq_id 
_ndb_struct_na_base_pair.i_PDB_ins_code 
_ndb_struct_na_base_pair.j_auth_asym_id 
_ndb_struct_na_base_pair.j_auth_seq_id 
_ndb_struct_na_base_pair.j_PDB_ins_code 
_ndb_struct_na_base_pair.hbond_type_28 
_ndb_struct_na_base_pair.hbond_type_12 
1 A C 1  1_555 B G 10 1_555 0.040  -0.273 0.067  7.535  -16.545 -1.775  1  A_C2:G44_B  A 2  ? B 44 ? 19 1 
1 A G 2  1_555 B C 9  1_555 -0.187 -0.162 0.001  -7.499 -17.797 0.791   2  A_G3:C43_B  A 3  ? B 43 ? 19 1 
1 A U 3  1_555 B A 8  1_555 0.273  -0.063 0.308  -5.676 -9.902  0.330   3  A_U4:A42_B  A 4  ? B 42 ? 20 1 
1 A C 4  1_555 B G 7  1_555 0.425  -0.157 0.131  -1.032 -6.397  -0.179  4  A_C5:G41_B  A 5  ? B 41 ? 19 1 
1 A U 5  1_555 B A 5  1_555 4.247  -2.414 -0.305 -3.903 -8.153  -90.233 5  A_U6:A39_B  A 6  ? B 39 ? 24 4 
1 A C 11 1_555 B G 6  1_555 0.381  -0.056 -0.415 24.890 -15.253 2.252   6  A_C12:G40_B A 12 ? B 40 ? 19 1 
1 A C 12 1_555 B G 4  1_555 0.138  -0.139 0.125  11.697 -27.192 -1.505  7  A_C13:G38_B A 13 ? B 38 ? 19 1 
1 A U 13 1_555 B A 3  1_555 0.000  -0.157 0.256  7.995  -14.417 -0.347  8  A_U14:A37_B A 14 ? B 37 ? 20 1 
1 A C 14 1_555 B G 2  1_555 0.199  -0.192 0.072  8.037  -16.694 0.117   9  A_C15:G36_B A 15 ? B 36 ? 19 1 
1 A G 15 1_555 B C 1  1_555 -0.266 -0.224 0.094  1.384  -13.977 -1.670  10 A_G16:C35_B A 16 ? B 35 ? 19 1 
1 C C 1  1_555 D G 10 1_555 0.284  -0.225 0.003  11.025 -17.025 -1.562  11 C_C2:G44_D  C 2  ? D 44 ? 19 1 
1 C G 2  1_555 D C 9  1_555 -0.410 -0.224 0.102  -6.727 -20.934 -0.178  12 C_G3:C43_D  C 3  ? D 43 ? 19 1 
1 C U 3  1_555 D A 8  1_555 0.034  -0.114 0.318  -4.316 -14.608 5.369   13 C_U4:A42_D  C 4  ? D 42 ? 20 1 
1 C C 4  1_555 D G 7  1_555 0.177  -0.081 0.328  -4.893 -8.596  0.672   14 C_C5:G41_D  C 5  ? D 41 ? 19 1 
1 C U 5  1_555 D A 5  1_555 4.166  -2.167 -0.299 -7.635 -5.226  -93.418 15 C_U6:A39_D  C 6  ? D 39 ? 24 4 
1 C C 11 1_555 D G 6  1_555 0.240  -0.048 -0.498 27.742 -14.626 1.259   16 C_C12:G40_D C 12 ? D 40 ? 19 1 
1 C C 12 1_555 D G 4  1_555 0.211  -0.104 0.113  10.753 -24.077 0.029   17 C_C13:G38_D C 13 ? D 38 ? 19 1 
1 C U 13 1_555 D A 3  1_555 -0.193 -0.212 0.282  4.167  -12.953 1.095   18 C_U14:A37_D C 14 ? D 37 ? 20 1 
1 C C 14 1_555 D G 2  1_555 0.128  -0.331 -0.048 7.534  -15.056 -2.073  19 C_C15:G36_D C 15 ? D 36 ? 19 1 
1 C G 15 1_555 D C 1  1_555 -0.278 -0.204 0.245  3.000  -12.543 -2.639  20 C_G16:C35_D C 16 ? D 35 ? 19 1 
# 
loop_
_ndb_struct_na_base_pair_step.model_number 
_ndb_struct_na_base_pair_step.i_label_asym_id_1 
_ndb_struct_na_base_pair_step.i_label_comp_id_1 
_ndb_struct_na_base_pair_step.i_label_seq_id_1 
_ndb_struct_na_base_pair_step.i_symmetry_1 
_ndb_struct_na_base_pair_step.j_label_asym_id_1 
_ndb_struct_na_base_pair_step.j_label_comp_id_1 
_ndb_struct_na_base_pair_step.j_label_seq_id_1 
_ndb_struct_na_base_pair_step.j_symmetry_1 
_ndb_struct_na_base_pair_step.i_label_asym_id_2 
_ndb_struct_na_base_pair_step.i_label_comp_id_2 
_ndb_struct_na_base_pair_step.i_label_seq_id_2 
_ndb_struct_na_base_pair_step.i_symmetry_2 
_ndb_struct_na_base_pair_step.j_label_asym_id_2 
_ndb_struct_na_base_pair_step.j_label_comp_id_2 
_ndb_struct_na_base_pair_step.j_label_seq_id_2 
_ndb_struct_na_base_pair_step.j_symmetry_2 
_ndb_struct_na_base_pair_step.shift 
_ndb_struct_na_base_pair_step.slide 
_ndb_struct_na_base_pair_step.rise 
_ndb_struct_na_base_pair_step.tilt 
_ndb_struct_na_base_pair_step.roll 
_ndb_struct_na_base_pair_step.twist 
_ndb_struct_na_base_pair_step.x_displacement 
_ndb_struct_na_base_pair_step.y_displacement 
_ndb_struct_na_base_pair_step.helical_rise 
_ndb_struct_na_base_pair_step.inclination 
_ndb_struct_na_base_pair_step.tip 
_ndb_struct_na_base_pair_step.helical_twist 
_ndb_struct_na_base_pair_step.step_number 
_ndb_struct_na_base_pair_step.step_name 
_ndb_struct_na_base_pair_step.i_auth_asym_id_1 
_ndb_struct_na_base_pair_step.i_auth_seq_id_1 
_ndb_struct_na_base_pair_step.i_PDB_ins_code_1 
_ndb_struct_na_base_pair_step.j_auth_asym_id_1 
_ndb_struct_na_base_pair_step.j_auth_seq_id_1 
_ndb_struct_na_base_pair_step.j_PDB_ins_code_1 
_ndb_struct_na_base_pair_step.i_auth_asym_id_2 
_ndb_struct_na_base_pair_step.i_auth_seq_id_2 
_ndb_struct_na_base_pair_step.i_PDB_ins_code_2 
_ndb_struct_na_base_pair_step.j_auth_asym_id_2 
_ndb_struct_na_base_pair_step.j_auth_seq_id_2 
_ndb_struct_na_base_pair_step.j_PDB_ins_code_2 
1 A C 1  1_555 B G 10 1_555 A G 2  1_555 B C 9 1_555 0.496  -1.855 3.470 -0.665 14.466 32.652 -5.020 -0.901 2.446 24.296 1.116  
35.639 1  AA_C2G3:C43G44_BB   A 2  ? B 44 ? A 3  ? B 43 ? 
1 A G 2  1_555 B C 9  1_555 A U 3  1_555 B A 8 1_555 -0.381 -1.581 3.219 -3.599 1.304  34.993 -2.805 0.104  3.182 2.161  5.962  
35.196 2  AA_G3U4:A42C43_BB   A 3  ? B 43 ? A 4  ? B 42 ? 
1 A U 3  1_555 B A 8  1_555 A C 4  1_555 B G 7 1_555 0.560  -2.016 3.099 4.173  0.579  28.082 -4.238 -0.226 3.106 1.186  -8.538 
28.390 3  AA_U4C5:G41A42_BB   A 4  ? B 42 ? A 5  ? B 41 ? 
1 A C 4  1_555 B G 7  1_555 A U 5  1_555 B A 5 1_555 -2.872 -1.782 3.329 3.268  1.741  77.484 -1.472 2.385  3.191 1.391  -2.609 
77.559 4  AA_C5U6:A39G41_BB   A 5  ? B 41 ? A 6  ? B 39 ? 
1 A C 11 1_555 B G 6  1_555 A C 12 1_555 B G 4 1_555 1.596  -1.458 3.325 0.295  11.017 50.982 -2.376 -1.798 2.980 12.630 -0.338 
52.081 5  AA_C12C13:G38G40_BB A 12 ? B 40 ? A 13 ? B 38 ? 
1 A C 12 1_555 B G 4  1_555 A U 13 1_555 B A 3 1_555 -0.088 -1.334 3.296 -5.009 9.926  35.097 -3.410 -0.514 2.815 15.972 8.059  
36.763 6  AA_C13U14:A37G38_BB A 13 ? B 38 ? A 14 ? B 37 ? 
1 A U 13 1_555 B A 3  1_555 A C 14 1_555 B G 2 1_555 0.065  -1.480 3.187 0.235  3.372  32.973 -3.135 -0.076 3.025 5.922  -0.413 
33.141 7  AA_U14C15:G36A37_BB A 14 ? B 37 ? A 15 ? B 36 ? 
1 A C 14 1_555 B G 2  1_555 A G 15 1_555 B C 1 1_555 -0.643 -2.272 3.204 -3.619 14.303 26.418 -6.757 0.628  1.830 28.633 7.245  
30.194 8  AA_C15G16:C35G36_BB A 15 ? B 36 ? A 16 ? B 35 ? 
1 C C 1  1_555 D G 10 1_555 C G 2  1_555 D C 9 1_555 0.098  -1.763 3.519 -2.266 14.345 32.512 -4.920 -0.481 2.530 24.175 3.818  
35.528 9  CC_C2G3:C43G44_DD   C 2  ? D 44 ? C 3  ? D 43 ? 
1 C G 2  1_555 D C 9  1_555 C U 3  1_555 D A 8 1_555 0.047  -1.254 3.183 -1.660 0.884  33.302 -2.326 -0.348 3.144 1.542  2.893  
33.354 10 CC_G3U4:A42C43_DD   C 3  ? D 43 ? C 4  ? D 42 ? 
1 C U 3  1_555 D A 8  1_555 C C 4  1_555 D G 7 1_555 0.190  -1.747 3.200 2.221  4.721  32.981 -3.780 0.017  2.935 8.251  -3.882 
33.380 11 CC_U4C5:G41A42_DD   C 4  ? D 42 ? C 5  ? D 41 ? 
1 C C 4  1_555 D G 7  1_555 C U 5  1_555 D A 5 1_555 -2.748 -2.116 3.240 6.225  0.411  73.058 -1.785 2.494  3.020 0.344  -5.219 
73.286 12 CC_C5U6:A39G41_DD   C 5  ? D 41 ? C 6  ? D 39 ? 
1 C C 11 1_555 D G 6  1_555 C C 12 1_555 D G 4 1_555 1.543  -1.565 3.400 -1.398 12.353 52.509 -2.483 -1.789 2.950 13.744 1.556  
53.859 13 CC_C12C13:G38G40_DD C 12 ? D 40 ? C 13 ? D 38 ? 
1 C C 12 1_555 D G 4  1_555 C U 13 1_555 D A 3 1_555 -0.136 -1.384 3.426 -5.001 8.854  32.666 -3.753 -0.558 2.950 15.287 8.635  
34.171 14 CC_C13U14:A37G38_DD C 13 ? D 38 ? C 14 ? D 37 ? 
1 C U 13 1_555 D A 3  1_555 C C 14 1_555 D G 2 1_555 -0.026 -1.430 3.079 1.081  2.996  34.754 -2.803 0.194  2.947 5.003  -1.805 
34.895 15 CC_U14C15:G36A37_DD C 14 ? D 37 ? C 15 ? D 36 ? 
1 C C 14 1_555 D G 2  1_555 C G 15 1_555 D C 1 1_555 -0.486 -2.297 3.196 -5.076 12.794 25.560 -6.943 0.037  1.912 26.600 10.553 
28.976 16 CC_C15G16:C35G36_DD C 15 ? D 36 ? C 16 ? D 35 ? 
# 
_pdbx_audit_support.funding_organization   
'National Institutes of Health/National Institute Of Allergy and Infectious Diseases (NIH/NIAID)' 
_pdbx_audit_support.country                'United States' 
_pdbx_audit_support.grant_number           R01AI072012 
_pdbx_audit_support.ordinal                1 
# 
_atom_sites.entry_id                    4P97 
_atom_sites.fract_transf_matrix[1][1]   0.00616744 
_atom_sites.fract_transf_matrix[1][2]   -0.01803880 
_atom_sites.fract_transf_matrix[1][3]   -0.00066956 
_atom_sites.fract_transf_matrix[2][1]   0.01686083 
_atom_sites.fract_transf_matrix[2][2]   -0.00460538 
_atom_sites.fract_transf_matrix[2][3]   0.00764177 
_atom_sites.fract_transf_matrix[3][1]   -0.00364521 
_atom_sites.fract_transf_matrix[3][2]   -0.00151102 
_atom_sites.fract_transf_matrix[3][3]   0.00713218 
_atom_sites.fract_transf_vector[1]      0.162059 
_atom_sites.fract_transf_vector[2]      0.311575 
_atom_sites.fract_transf_vector[3]      0.410905 
# 
loop_
_atom_type.symbol 
C  
CA 
N  
O  
P  
# 
loop_
_atom_site.group_PDB 
_atom_site.id 
_atom_site.type_symbol 
_atom_site.label_atom_id 
_atom_site.label_alt_id 
_atom_site.label_comp_id 
_atom_site.label_asym_id 
_atom_site.label_entity_id 
_atom_site.label_seq_id 
_atom_site.pdbx_PDB_ins_code 
_atom_site.Cartn_x 
_atom_site.Cartn_y 
_atom_site.Cartn_z 
_atom_site.occupancy 
_atom_site.B_iso_or_equiv 
_atom_site.pdbx_formal_charge 
_atom_site.auth_seq_id 
_atom_site.auth_comp_id 
_atom_site.auth_asym_id 
_atom_site.auth_atom_id 
_atom_site.pdbx_PDB_model_num 
ATOM   1    O  "O5'" . C   A 1 1  ? 4.270   -4.756  -22.935 1.00 44.56 ? 2   C   A "O5'" 1 
ATOM   2    C  "C5'" . C   A 1 1  ? 3.632   -5.702  -22.090 1.00 42.49 ? 2   C   A "C5'" 1 
ATOM   3    C  "C4'" . C   A 1 1  ? 4.032   -7.115  -22.431 1.00 37.53 ? 2   C   A "C4'" 1 
ATOM   4    O  "O4'" . C   A 1 1  ? 3.547   -7.457  -23.766 1.00 35.83 ? 2   C   A "O4'" 1 
ATOM   5    C  "C3'" . C   A 1 1  ? 5.519   -7.380  -22.508 1.00 37.30 ? 2   C   A "C3'" 1 
ATOM   6    O  "O3'" . C   A 1 1  ? 6.122   -7.567  -21.236 1.00 39.52 ? 2   C   A "O3'" 1 
ATOM   7    C  "C2'" . C   A 1 1  ? 5.566   -8.614  -23.381 1.00 35.98 ? 2   C   A "C2'" 1 
ATOM   8    O  "O2'" . C   A 1 1  ? 5.151   -9.753  -22.643 1.00 34.86 ? 2   C   A "O2'" 1 
ATOM   9    C  "C1'" . C   A 1 1  ? 4.478   -8.277  -24.414 1.00 34.61 ? 2   C   A "C1'" 1 
ATOM   10   N  N1    . C   A 1 1  ? 5.036   -7.520  -25.553 1.00 33.23 ? 2   C   A N1    1 
ATOM   11   C  C2    . C   A 1 1  ? 5.702   -8.229  -26.545 1.00 30.74 ? 2   C   A C2    1 
ATOM   12   O  O2    . C   A 1 1  ? 5.769   -9.461  -26.422 1.00 31.28 ? 2   C   A O2    1 
ATOM   13   N  N3    . C   A 1 1  ? 6.226   -7.576  -27.586 1.00 29.40 ? 2   C   A N3    1 
ATOM   14   C  C4    . C   A 1 1  ? 6.117   -6.248  -27.682 1.00 31.73 ? 2   C   A C4    1 
ATOM   15   N  N4    . C   A 1 1  ? 6.692   -5.616  -28.738 1.00 30.87 ? 2   C   A N4    1 
ATOM   16   C  C5    . C   A 1 1  ? 5.470   -5.493  -26.667 1.00 32.46 ? 2   C   A C5    1 
ATOM   17   C  C6    . C   A 1 1  ? 4.942   -6.163  -25.634 1.00 33.53 ? 2   C   A C6    1 
ATOM   18   P  P     . G   A 1 2  ? 7.623   -7.127  -20.989 1.00 39.42 ? 3   G   A P     1 
ATOM   19   O  OP1   . G   A 1 2  ? 7.917   -7.376  -19.564 1.00 39.37 ? 3   G   A OP1   1 
ATOM   20   O  OP2   . G   A 1 2  ? 7.778   -5.753  -21.514 1.00 39.93 ? 3   G   A OP2   1 
ATOM   21   O  "O5'" . G   A 1 2  ? 8.451   -8.119  -21.878 1.00 35.88 ? 3   G   A "O5'" 1 
ATOM   22   C  "C5'" . G   A 1 2  ? 8.439   -9.503  -21.662 1.00 36.26 ? 3   G   A "C5'" 1 
ATOM   23   C  "C4'" . G   A 1 2  ? 9.235   -10.201 -22.734 1.00 36.03 ? 3   G   A "C4'" 1 
ATOM   24   O  "O4'" . G   A 1 2  ? 8.593   -10.026 -24.024 1.00 36.73 ? 3   G   A "O4'" 1 
ATOM   25   C  "C3'" . G   A 1 2  ? 10.628  -9.673  -22.962 1.00 36.01 ? 3   G   A "C3'" 1 
ATOM   26   O  "O3'" . G   A 1 2  ? 11.545  -10.155 -22.007 1.00 38.86 ? 3   G   A "O3'" 1 
ATOM   27   C  "C2'" . G   A 1 2  ? 10.923  -10.146 -24.380 1.00 34.97 ? 3   G   A "C2'" 1 
ATOM   28   O  "O2'" . G   A 1 2  ? 11.220  -11.537 -24.397 1.00 35.76 ? 3   G   A "O2'" 1 
ATOM   29   C  "C1'" . G   A 1 2  ? 9.573   -9.956  -25.038 1.00 33.76 ? 3   G   A "C1'" 1 
ATOM   30   N  N9    . G   A 1 2  ? 9.464   -8.653  -25.706 1.00 31.92 ? 3   G   A N9    1 
ATOM   31   C  C8    . G   A 1 2  ? 8.778   -7.523  -25.317 1.00 30.31 ? 3   G   A C8    1 
ATOM   32   N  N7    . G   A 1 2  ? 8.907   -6.550  -26.185 1.00 27.57 ? 3   G   A N7    1 
ATOM   33   C  C5    . G   A 1 2  ? 9.721   -7.087  -27.176 1.00 26.81 ? 3   G   A C5    1 
ATOM   34   C  C6    . G   A 1 2  ? 10.226  -6.529  -28.381 1.00 30.50 ? 3   G   A C6    1 
ATOM   35   O  O6    . G   A 1 2  ? 10.025  -5.406  -28.839 1.00 31.92 ? 3   G   A O6    1 
ATOM   36   N  N1    . G   A 1 2  ? 11.014  -7.420  -29.065 1.00 27.11 ? 3   G   A N1    1 
ATOM   37   C  C2    . G   A 1 2  ? 11.320  -8.694  -28.659 1.00 27.17 ? 3   G   A C2    1 
ATOM   38   N  N2    . G   A 1 2  ? 12.101  -9.440  -29.442 1.00 27.39 ? 3   G   A N2    1 
ATOM   39   N  N3    . G   A 1 2  ? 10.858  -9.222  -27.546 1.00 27.05 ? 3   G   A N3    1 
ATOM   40   C  C4    . G   A 1 2  ? 10.073  -8.371  -26.887 1.00 28.00 ? 3   G   A C4    1 
ATOM   41   P  P     . U   A 1 3  ? 12.896  -9.359  -21.670 1.00 37.30 ? 4   U   A P     1 
ATOM   42   O  OP1   . U   A 1 3  ? 13.480  -10.037 -20.512 1.00 41.40 ? 4   U   A OP1   1 
ATOM   43   O  OP2   . U   A 1 3  ? 12.567  -7.934  -21.558 1.00 37.35 ? 4   U   A OP2   1 
ATOM   44   O  "O5'" . U   A 1 3  ? 13.810  -9.590  -22.974 1.00 39.30 ? 4   U   A "O5'" 1 
ATOM   45   C  "C5'" . U   A 1 3  ? 14.238  -10.883 -23.380 1.00 38.90 ? 4   U   A "C5'" 1 
ATOM   46   C  "C4'" . U   A 1 3  ? 15.008  -10.836 -24.686 1.00 39.32 ? 4   U   A "C4'" 1 
ATOM   47   O  "O4'" . U   A 1 3  ? 14.131  -10.426 -25.780 1.00 38.78 ? 4   U   A "O4'" 1 
ATOM   48   C  "C3'" . U   A 1 3  ? 16.173  -9.841  -24.758 1.00 40.18 ? 4   U   A "C3'" 1 
ATOM   49   O  "O3'" . U   A 1 3  ? 17.365  -10.328 -24.155 1.00 42.41 ? 4   U   A "O3'" 1 
ATOM   50   C  "C2'" . U   A 1 3  ? 16.313  -9.606  -26.253 1.00 39.57 ? 4   U   A "C2'" 1 
ATOM   51   O  "O2'" . U   A 1 3  ? 16.991  -10.694 -26.871 1.00 43.09 ? 4   U   A "O2'" 1 
ATOM   52   C  "C1'" . U   A 1 3  ? 14.858  -9.634  -26.706 1.00 37.65 ? 4   U   A "C1'" 1 
ATOM   53   N  N1    . U   A 1 3  ? 14.272  -8.282  -26.728 1.00 32.94 ? 4   U   A N1    1 
ATOM   54   C  C2    . U   A 1 3  ? 14.559  -7.496  -27.829 1.00 33.54 ? 4   U   A C2    1 
ATOM   55   O  O2    . U   A 1 3  ? 15.299  -7.832  -28.747 1.00 35.03 ? 4   U   A O2    1 
ATOM   56   N  N3    . U   A 1 3  ? 13.933  -6.282  -27.824 1.00 32.03 ? 4   U   A N3    1 
ATOM   57   C  C4    . U   A 1 3  ? 13.112  -5.790  -26.855 1.00 32.70 ? 4   U   A C4    1 
ATOM   58   O  O4    . U   A 1 3  ? 12.679  -4.670  -27.019 1.00 34.71 ? 4   U   A O4    1 
ATOM   59   C  C5    . U   A 1 3  ? 12.846  -6.655  -25.747 1.00 31.24 ? 4   U   A C5    1 
ATOM   60   C  C6    . U   A 1 3  ? 13.437  -7.852  -25.737 1.00 30.30 ? 4   U   A C6    1 
ATOM   61   P  P     . C   A 1 4  ? 18.506  -9.299  -23.647 1.00 54.16 ? 5   C   A P     1 
ATOM   62   O  OP1   . C   A 1 4  ? 19.686  -10.125 -23.308 1.00 54.86 ? 5   C   A OP1   1 
ATOM   63   O  OP2   . C   A 1 4  ? 17.905  -8.446  -22.593 1.00 51.03 ? 5   C   A OP2   1 
ATOM   64   O  "O5'" . C   A 1 4  ? 18.811  -8.404  -24.932 1.00 46.54 ? 5   C   A "O5'" 1 
ATOM   65   C  "C5'" . C   A 1 4  ? 19.874  -8.705  -25.802 1.00 45.20 ? 5   C   A "C5'" 1 
ATOM   66   C  "C4'" . C   A 1 4  ? 19.868  -7.831  -27.031 1.00 43.06 ? 5   C   A "C4'" 1 
ATOM   67   O  "O4'" . C   A 1 4  ? 18.512  -7.452  -27.423 1.00 41.43 ? 5   C   A "O4'" 1 
ATOM   68   C  "C3'" . C   A 1 4  ? 20.604  -6.504  -26.942 1.00 41.00 ? 5   C   A "C3'" 1 
ATOM   69   O  "O3'" . C   A 1 4  ? 22.003  -6.690  -27.017 1.00 40.31 ? 5   C   A "O3'" 1 
ATOM   70   C  "C2'" . C   A 1 4  ? 20.054  -5.784  -28.161 1.00 39.60 ? 5   C   A "C2'" 1 
ATOM   71   O  "O2'" . C   A 1 4  ? 20.705  -6.269  -29.329 1.00 39.99 ? 5   C   A "O2'" 1 
ATOM   72   C  "C1'" . C   A 1 4  ? 18.588  -6.269  -28.196 1.00 37.76 ? 5   C   A "C1'" 1 
ATOM   73   N  N1    . C   A 1 4  ? 17.638  -5.252  -27.664 1.00 32.84 ? 5   C   A N1    1 
ATOM   74   C  C2    . C   A 1 4  ? 17.354  -4.171  -28.482 1.00 31.57 ? 5   C   A C2    1 
ATOM   75   O  O2    . C   A 1 4  ? 17.892  -4.110  -29.587 1.00 31.06 ? 5   C   A O2    1 
ATOM   76   N  N3    . C   A 1 4  ? 16.482  -3.223  -28.066 1.00 30.77 ? 5   C   A N3    1 
ATOM   77   C  C4    . C   A 1 4  ? 15.902  -3.317  -26.875 1.00 31.34 ? 5   C   A C4    1 
ATOM   78   N  N4    . C   A 1 4  ? 15.069  -2.327  -26.534 1.00 30.65 ? 5   C   A N4    1 
ATOM   79   C  C5    . C   A 1 4  ? 16.171  -4.403  -25.997 1.00 31.02 ? 5   C   A C5    1 
ATOM   80   C  C6    . C   A 1 4  ? 17.036  -5.324  -26.422 1.00 30.51 ? 5   C   A C6    1 
ATOM   81   P  P     . U   A 1 5  ? 23.056  -5.544  -26.559 1.00 38.20 ? 6   U   A P     1 
ATOM   82   O  OP1   . U   A 1 5  ? 24.421  -6.173  -26.684 1.00 34.96 ? 6   U   A OP1   1 
ATOM   83   O  OP2   . U   A 1 5  ? 22.608  -5.025  -25.226 1.00 35.60 ? 6   U   A OP2   1 
ATOM   84   O  "O5'" . U   A 1 5  ? 22.878  -4.422  -27.675 1.00 34.64 ? 6   U   A "O5'" 1 
ATOM   85   C  "C5'" . U   A 1 5  ? 23.410  -4.606  -28.977 1.00 35.55 ? 6   U   A "C5'" 1 
ATOM   86   C  "C4'" . U   A 1 5  ? 23.076  -3.441  -29.858 1.00 37.92 ? 6   U   A "C4'" 1 
ATOM   87   O  "O4'" . U   A 1 5  ? 21.633  -3.283  -29.949 1.00 36.19 ? 6   U   A "O4'" 1 
ATOM   88   C  "C3'" . U   A 1 5  ? 23.545  -2.097  -29.342 1.00 38.40 ? 6   U   A "C3'" 1 
ATOM   89   O  "O3'" . U   A 1 5  ? 24.922  -1.890  -29.579 1.00 39.50 ? 6   U   A "O3'" 1 
ATOM   90   C  "C2'" . U   A 1 5  ? 22.623  -1.133  -30.073 1.00 38.77 ? 6   U   A "C2'" 1 
ATOM   91   O  "O2'" . U   A 1 5  ? 22.988  -1.028  -31.453 1.00 38.88 ? 6   U   A "O2'" 1 
ATOM   92   C  "C1'" . U   A 1 5  ? 21.311  -1.907  -30.014 1.00 37.01 ? 6   U   A "C1'" 1 
ATOM   93   N  N1    . U   A 1 5  ? 20.461  -1.556  -28.854 1.00 33.12 ? 6   U   A N1    1 
ATOM   94   C  C2    . U   A 1 5  ? 19.652  -0.478  -29.108 1.00 33.57 ? 6   U   A C2    1 
ATOM   95   O  O2    . U   A 1 5  ? 19.717  0.158   -30.142 1.00 37.17 ? 6   U   A O2    1 
ATOM   96   N  N3    . U   A 1 5  ? 18.775  -0.154  -28.121 1.00 28.73 ? 6   U   A N3    1 
ATOM   97   C  C4    . U   A 1 5  ? 18.644  -0.805  -26.917 1.00 28.60 ? 6   U   A C4    1 
ATOM   98   O  O4    . U   A 1 5  ? 17.782  -0.328  -26.158 1.00 27.85 ? 6   U   A O4    1 
ATOM   99   C  C5    . U   A 1 5  ? 19.518  -1.939  -26.688 1.00 29.03 ? 6   U   A C5    1 
ATOM   100  C  C6    . U   A 1 5  ? 20.387  -2.268  -27.674 1.00 30.54 ? 6   U   A C6    1 
ATOM   101  P  P     . A   A 1 6  ? 25.754  -0.837  -28.692 1.00 50.76 ? 7   A   A P     1 
ATOM   102  O  OP1   . A   A 1 6  ? 27.175  -0.929  -29.140 1.00 52.62 ? 7   A   A OP1   1 
ATOM   103  O  OP2   . A   A 1 6  ? 25.441  -1.091  -27.251 1.00 48.21 ? 7   A   A OP2   1 
ATOM   104  O  "O5'" . A   A 1 6  ? 25.138  0.556   -29.147 1.00 44.39 ? 7   A   A "O5'" 1 
ATOM   105  C  "C5'" . A   A 1 6  ? 25.352  1.060   -30.454 1.00 42.37 ? 7   A   A "C5'" 1 
ATOM   106  C  "C4'" . A   A 1 6  ? 24.572  2.328   -30.681 1.00 40.31 ? 7   A   A "C4'" 1 
ATOM   107  O  "O4'" . A   A 1 6  ? 23.146  2.052   -30.604 1.00 38.57 ? 7   A   A "O4'" 1 
ATOM   108  C  "C3'" . A   A 1 6  ? 24.764  3.447   -29.669 1.00 40.52 ? 7   A   A "C3'" 1 
ATOM   109  O  "O3'" . A   A 1 6  ? 25.969  4.180   -29.856 1.00 40.77 ? 7   A   A "O3'" 1 
ATOM   110  C  "C2'" . A   A 1 6  ? 23.513  4.274   -29.913 1.00 41.40 ? 7   A   A "C2'" 1 
ATOM   111  O  "O2'" . A   A 1 6  ? 23.630  4.970   -31.145 1.00 43.14 ? 7   A   A "O2'" 1 
ATOM   112  C  "C1'" . A   A 1 6  ? 22.470  3.186   -30.100 1.00 39.93 ? 7   A   A "C1'" 1 
ATOM   113  N  N9    . A   A 1 6  ? 21.792  2.819   -28.840 1.00 38.71 ? 7   A   A N9    1 
ATOM   114  C  C8    . A   A 1 6  ? 22.062  1.733   -28.043 1.00 40.10 ? 7   A   A C8    1 
ATOM   115  N  N7    . A   A 1 6  ? 21.280  1.637   -27.004 1.00 39.80 ? 7   A   A N7    1 
ATOM   116  C  C5    . A   A 1 6  ? 20.437  2.729   -27.141 1.00 39.65 ? 7   A   A C5    1 
ATOM   117  C  C6    . A   A 1 6  ? 19.387  3.175   -26.338 1.00 40.44 ? 7   A   A C6    1 
ATOM   118  N  N6    . A   A 1 6  ? 19.045  2.509   -25.239 1.00 45.31 ? 7   A   A N6    1 
ATOM   119  N  N1    . A   A 1 6  ? 18.722  4.298   -26.684 1.00 36.66 ? 7   A   A N1    1 
ATOM   120  C  C2    . A   A 1 6  ? 19.123  4.909   -27.821 1.00 37.07 ? 7   A   A C2    1 
ATOM   121  N  N3    . A   A 1 6  ? 20.117  4.595   -28.664 1.00 37.06 ? 7   A   A N3    1 
ATOM   122  C  C4    . A   A 1 6  ? 20.731  3.467   -28.259 1.00 37.98 ? 7   A   A C4    1 
ATOM   123  P  P     . C   A 1 7  ? 26.626  4.982   -28.623 1.00 46.13 ? 8   C   A P     1 
ATOM   124  O  OP1   . C   A 1 7  ? 27.770  5.731   -29.164 1.00 47.41 ? 8   C   A OP1   1 
ATOM   125  O  OP2   . C   A 1 7  ? 26.872  4.011   -27.526 1.00 46.16 ? 8   C   A OP2   1 
ATOM   126  O  "O5'" . C   A 1 7  ? 25.474  5.986   -28.211 1.00 43.57 ? 8   C   A "O5'" 1 
ATOM   127  C  "C5'" . C   A 1 7  ? 25.093  7.021   -29.101 1.00 42.92 ? 8   C   A "C5'" 1 
ATOM   128  C  "C4'" . C   A 1 7  ? 23.974  7.836   -28.543 1.00 40.95 ? 8   C   A "C4'" 1 
ATOM   129  O  "O4'" . C   A 1 7  ? 22.825  6.993   -28.267 1.00 39.62 ? 8   C   A "O4'" 1 
ATOM   130  C  "C3'" . C   A 1 7  ? 24.277  8.538   -27.237 1.00 39.65 ? 8   C   A "C3'" 1 
ATOM   131  O  "O3'" . C   A 1 7  ? 24.999  9.738   -27.465 1.00 40.82 ? 8   C   A "O3'" 1 
ATOM   132  C  "C2'" . C   A 1 7  ? 22.874  8.742   -26.642 1.00 39.30 ? 8   C   A "C2'" 1 
ATOM   133  O  "O2'" . C   A 1 7  ? 22.225  9.892   -27.210 1.00 38.83 ? 8   C   A "O2'" 1 
ATOM   134  C  "C1'" . C   A 1 7  ? 22.143  7.465   -27.131 1.00 39.03 ? 8   C   A "C1'" 1 
ATOM   135  N  N1    . C   A 1 7  ? 22.143  6.381   -26.120 1.00 40.30 ? 8   C   A N1    1 
ATOM   136  C  C2    . C   A 1 7  ? 21.147  6.340   -25.152 1.00 41.89 ? 8   C   A C2    1 
ATOM   137  O  O2    . C   A 1 7  ? 20.304  7.233   -25.169 1.00 42.42 ? 8   C   A O2    1 
ATOM   138  N  N3    . C   A 1 7  ? 21.110  5.350   -24.233 1.00 42.63 ? 8   C   A N3    1 
ATOM   139  C  C4    . C   A 1 7  ? 22.037  4.405   -24.252 1.00 43.42 ? 8   C   A C4    1 
ATOM   140  N  N4    . C   A 1 7  ? 21.964  3.450   -23.308 1.00 44.40 ? 8   C   A N4    1 
ATOM   141  C  C5    . C   A 1 7  ? 23.061  4.392   -25.243 1.00 42.96 ? 8   C   A C5    1 
ATOM   142  C  C6    . C   A 1 7  ? 23.084  5.394   -26.144 1.00 41.77 ? 8   C   A C6    1 
ATOM   143  P  P     . C   A 1 8  ? 26.158  10.233  -26.476 1.00 46.09 ? 9   C   A P     1 
ATOM   144  O  OP1   . C   A 1 8  ? 27.087  11.025  -27.300 1.00 48.36 ? 9   C   A OP1   1 
ATOM   145  O  OP2   . C   A 1 8  ? 26.678  9.057   -25.731 1.00 46.83 ? 9   C   A OP2   1 
ATOM   146  O  "O5'" . C   A 1 8  ? 25.338  11.221  -25.498 1.00 44.12 ? 9   C   A "O5'" 1 
ATOM   147  C  "C5'" . C   A 1 8  ? 25.456  11.175  -24.101 1.00 39.33 ? 9   C   A "C5'" 1 
ATOM   148  C  "C4'" . C   A 1 8  ? 25.860  12.513  -23.558 1.00 35.06 ? 9   C   A "C4'" 1 
ATOM   149  O  "O4'" . C   A 1 8  ? 27.033  12.971  -24.268 1.00 33.26 ? 9   C   A "O4'" 1 
ATOM   150  C  "C3'" . C   A 1 8  ? 24.886  13.673  -23.750 1.00 33.55 ? 9   C   A "C3'" 1 
ATOM   151  O  "O3'" . C   A 1 8  ? 23.760  13.652  -22.877 1.00 32.35 ? 9   C   A "O3'" 1 
ATOM   152  C  "C2'" . C   A 1 8  ? 25.802  14.862  -23.524 1.00 33.97 ? 9   C   A "C2'" 1 
ATOM   153  O  "O2'" . C   A 1 8  ? 26.084  15.044  -22.130 1.00 34.96 ? 9   C   A "O2'" 1 
ATOM   154  C  "C1'" . C   A 1 8  ? 27.073  14.387  -24.215 1.00 31.70 ? 9   C   A "C1'" 1 
ATOM   155  N  N1    . C   A 1 8  ? 27.205  14.929  -25.584 1.00 29.41 ? 9   C   A N1    1 
ATOM   156  C  C2    . C   A 1 8  ? 27.608  16.241  -25.631 1.00 29.31 ? 9   C   A C2    1 
ATOM   157  O  O2    . C   A 1 8  ? 27.730  16.759  -24.544 1.00 29.52 ? 9   C   A O2    1 
ATOM   158  N  N3    . C   A 1 8  ? 27.805  16.897  -26.773 1.00 29.60 ? 9   C   A N3    1 
ATOM   159  C  C4    . C   A 1 8  ? 27.602  16.238  -27.930 1.00 29.72 ? 9   C   A C4    1 
ATOM   160  N  N4    . C   A 1 8  ? 27.802  16.942  -29.048 1.00 29.13 ? 9   C   A N4    1 
ATOM   161  C  C5    . C   A 1 8  ? 27.174  14.860  -27.954 1.00 28.48 ? 9   C   A C5    1 
ATOM   162  C  C6    . C   A 1 8  ? 27.010  14.254  -26.752 1.00 29.76 ? 9   C   A C6    1 
ATOM   163  P  P     . C   A 1 9  ? 22.281  14.090  -23.405 1.00 31.54 ? 10  C   A P     1 
ATOM   164  O  OP1   . C   A 1 9  ? 21.401  14.120  -22.227 1.00 32.18 ? 10  C   A OP1   1 
ATOM   165  O  OP2   . C   A 1 9  ? 21.931  13.202  -24.518 1.00 28.77 ? 10  C   A OP2   1 
ATOM   166  O  "O5'" . C   A 1 9  ? 22.512  15.592  -23.952 1.00 34.50 ? 10  C   A "O5'" 1 
ATOM   167  C  "C5'" . C   A 1 9  ? 22.866  16.656  -23.074 1.00 33.42 ? 10  C   A "C5'" 1 
ATOM   168  C  "C4'" . C   A 1 9  ? 23.289  17.906  -23.826 1.00 32.42 ? 10  C   A "C4'" 1 
ATOM   169  O  "O4'" . C   A 1 9  ? 24.436  17.631  -24.667 1.00 30.82 ? 10  C   A "O4'" 1 
ATOM   170  C  "C3'" . C   A 1 9  ? 22.283  18.492  -24.800 1.00 32.20 ? 10  C   A "C3'" 1 
ATOM   171  O  "O3'" . C   A 1 9  ? 21.280  19.230  -24.153 1.00 33.68 ? 10  C   A "O3'" 1 
ATOM   172  C  "C2'" . C   A 1 9  ? 23.184  19.348  -25.676 1.00 32.10 ? 10  C   A "C2'" 1 
ATOM   173  O  "O2'" . C   A 1 9  ? 23.622  20.492  -24.951 1.00 35.57 ? 10  C   A "O2'" 1 
ATOM   174  C  "C1'" . C   A 1 9  ? 24.373  18.424  -25.836 1.00 30.31 ? 10  C   A "C1'" 1 
ATOM   175  N  N1    . C   A 1 9  ? 24.219  17.522  -27.021 1.00 29.89 ? 10  C   A N1    1 
ATOM   176  C  C2    . C   A 1 9  ? 24.560  18.034  -28.282 1.00 29.87 ? 10  C   A C2    1 
ATOM   177  O  O2    . C   A 1 9  ? 24.971  19.195  -28.353 1.00 29.87 ? 10  C   A O2    1 
ATOM   178  N  N3    . C   A 1 9  ? 24.408  17.284  -29.382 1.00 27.96 ? 10  C   A N3    1 
ATOM   179  C  C4    . C   A 1 9  ? 23.952  16.032  -29.271 1.00 29.94 ? 10  C   A C4    1 
ATOM   180  N  N4    . C   A 1 9  ? 23.844  15.295  -30.386 1.00 27.67 ? 10  C   A N4    1 
ATOM   181  C  C5    . C   A 1 9  ? 23.592  15.470  -27.998 1.00 30.68 ? 10  C   A C5    1 
ATOM   182  C  C6    . C   A 1 9  ? 23.746  16.260  -26.913 1.00 29.62 ? 10  C   A C6    1 
ATOM   183  P  P     . A   A 1 10 ? 19.726  18.974  -24.466 1.00 39.49 ? 11  A   A P     1 
ATOM   184  O  OP1   . A   A 1 10 ? 18.975  19.990  -23.701 1.00 41.33 ? 11  A   A OP1   1 
ATOM   185  O  OP2   . A   A 1 10 ? 19.449  17.526  -24.217 1.00 39.97 ? 11  A   A OP2   1 
ATOM   186  O  "O5'" . A   A 1 10 ? 19.606  19.262  -26.054 1.00 37.58 ? 11  A   A "O5'" 1 
ATOM   187  C  "C5'" . A   A 1 10 ? 20.097  20.468  -26.659 1.00 34.05 ? 11  A   A "C5'" 1 
ATOM   188  C  "C4'" . A   A 1 10 ? 20.276  20.291  -28.157 1.00 31.39 ? 11  A   A "C4'" 1 
ATOM   189  O  "O4'" . A   A 1 10 ? 21.205  19.203  -28.407 1.00 31.56 ? 11  A   A "O4'" 1 
ATOM   190  C  "C3'" . A   A 1 10 ? 19.026  19.902  -28.944 1.00 29.65 ? 11  A   A "C3'" 1 
ATOM   191  O  "O3'" . A   A 1 10 ? 18.191  21.025  -29.258 1.00 30.41 ? 11  A   A "O3'" 1 
ATOM   192  C  "C2'" . A   A 1 10 ? 19.616  19.200  -30.163 1.00 31.88 ? 11  A   A "C2'" 1 
ATOM   193  O  "O2'" . A   A 1 10 ? 20.143  20.138  -31.087 1.00 32.49 ? 11  A   A "O2'" 1 
ATOM   194  C  "C1'" . A   A 1 10 ? 20.796  18.458  -29.538 1.00 31.74 ? 11  A   A "C1'" 1 
ATOM   195  N  N9    . A   A 1 10 ? 20.442  17.088  -29.093 1.00 30.40 ? 11  A   A N9    1 
ATOM   196  C  C8    . A   A 1 10 ? 20.318  16.652  -27.790 1.00 30.75 ? 11  A   A C8    1 
ATOM   197  N  N7    . A   A 1 10 ? 20.012  15.364  -27.668 1.00 30.91 ? 11  A   A N7    1 
ATOM   198  C  C5    . A   A 1 10 ? 19.943  14.916  -28.988 1.00 32.99 ? 11  A   A C5    1 
ATOM   199  C  C6    . A   A 1 10 ? 19.657  13.648  -29.558 1.00 32.87 ? 11  A   A C6    1 
ATOM   200  N  N6    . A   A 1 10 ? 19.395  12.574  -28.841 1.00 29.81 ? 11  A   A N6    1 
ATOM   201  N  N1    . A   A 1 10 ? 19.651  13.531  -30.920 1.00 34.66 ? 11  A   A N1    1 
ATOM   202  C  C2    . A   A 1 10 ? 19.918  14.643  -31.641 1.00 34.40 ? 11  A   A C2    1 
ATOM   203  N  N3    . A   A 1 10 ? 20.200  15.895  -31.205 1.00 32.09 ? 11  A   A N3    1 
ATOM   204  C  C4    . A   A 1 10 ? 20.202  15.976  -29.867 1.00 31.51 ? 11  A   A C4    1 
ATOM   205  P  P     . C   A 1 11 ? 16.607  20.988  -28.983 1.00 37.40 ? 12  C   A P     1 
ATOM   206  O  OP1   . C   A 1 11 ? 16.094  22.372  -29.116 1.00 39.72 ? 12  C   A OP1   1 
ATOM   207  O  OP2   . C   A 1 11 ? 16.406  20.293  -27.704 1.00 36.83 ? 12  C   A OP2   1 
ATOM   208  O  "O5'" . C   A 1 11 ? 16.065  20.094  -30.182 1.00 35.99 ? 12  C   A "O5'" 1 
ATOM   209  C  "C5'" . C   A 1 11 ? 16.277  20.477  -31.538 1.00 35.01 ? 12  C   A "C5'" 1 
ATOM   210  C  "C4'" . C   A 1 11 ? 16.028  19.324  -32.478 1.00 34.19 ? 12  C   A "C4'" 1 
ATOM   211  O  "O4'" . C   A 1 11 ? 17.030  18.287  -32.262 1.00 35.11 ? 12  C   A "O4'" 1 
ATOM   212  C  "C3'" . C   A 1 11 ? 14.687  18.611  -32.317 1.00 34.59 ? 12  C   A "C3'" 1 
ATOM   213  O  "O3'" . C   A 1 11 ? 13.656  19.242  -33.045 1.00 36.62 ? 12  C   A "O3'" 1 
ATOM   214  C  "C2'" . C   A 1 11 ? 14.983  17.218  -32.825 1.00 35.23 ? 12  C   A "C2'" 1 
ATOM   215  O  "O2'" . C   A 1 11 ? 14.924  17.198  -34.235 1.00 37.29 ? 12  C   A "O2'" 1 
ATOM   216  C  "C1'" . C   A 1 11 ? 16.443  17.013  -32.385 1.00 33.76 ? 12  C   A "C1'" 1 
ATOM   217  N  N1    . C   A 1 11 ? 16.530  16.336  -31.062 1.00 32.34 ? 12  C   A N1    1 
ATOM   218  C  C2    . C   A 1 11 ? 16.375  14.927  -31.026 1.00 32.65 ? 12  C   A C2    1 
ATOM   219  O  O2    . C   A 1 11 ? 16.156  14.326  -32.111 1.00 31.94 ? 12  C   A O2    1 
ATOM   220  N  N3    . C   A 1 11 ? 16.439  14.282  -29.819 1.00 28.17 ? 12  C   A N3    1 
ATOM   221  C  C4    . C   A 1 11 ? 16.645  14.965  -28.687 1.00 29.39 ? 12  C   A C4    1 
ATOM   222  N  N4    . C   A 1 11 ? 16.727  14.279  -27.536 1.00 27.28 ? 12  C   A N4    1 
ATOM   223  C  C5    . C   A 1 11 ? 16.830  16.395  -28.673 1.00 30.19 ? 12  C   A C5    1 
ATOM   224  C  C6    . C   A 1 11 ? 16.769  17.021  -29.890 1.00 30.82 ? 12  C   A C6    1 
ATOM   225  P  P     . C   A 1 12 ? 12.204  19.452  -32.421 1.00 40.72 ? 13  C   A P     1 
ATOM   226  O  OP1   . C   A 1 12 ? 11.419  20.270  -33.387 1.00 41.91 ? 13  C   A OP1   1 
ATOM   227  O  OP2   . C   A 1 12 ? 12.369  19.958  -31.035 1.00 40.53 ? 13  C   A OP2   1 
ATOM   228  O  "O5'" . C   A 1 12 ? 11.624  17.970  -32.387 1.00 37.33 ? 13  C   A "O5'" 1 
ATOM   229  C  "C5'" . C   A 1 12 ? 11.485  17.212  -33.576 1.00 35.26 ? 13  C   A "C5'" 1 
ATOM   230  C  "C4'" . C   A 1 12 ? 11.133  15.781  -33.260 1.00 34.19 ? 13  C   A "C4'" 1 
ATOM   231  O  "O4'" . C   A 1 12 ? 12.276  15.124  -32.657 1.00 31.80 ? 13  C   A "O4'" 1 
ATOM   232  C  "C3'" . C   A 1 12 ? 10.011  15.568  -32.248 1.00 32.78 ? 13  C   A "C3'" 1 
ATOM   233  O  "O3'" . C   A 1 12 ? 8.716   15.690  -32.818 1.00 30.13 ? 13  C   A "O3'" 1 
ATOM   234  C  "C2'" . C   A 1 12 ? 10.325  14.164  -31.735 1.00 32.22 ? 13  C   A "C2'" 1 
ATOM   235  O  "O2'" . C   A 1 12 ? 9.966   13.185  -32.704 1.00 32.02 ? 13  C   A "O2'" 1 
ATOM   236  C  "C1'" . C   A 1 12 ? 11.840  14.215  -31.673 1.00 31.15 ? 13  C   A "C1'" 1 
ATOM   237  N  N1    . C   A 1 12 ? 12.360  14.669  -30.356 1.00 30.26 ? 13  C   A N1    1 
ATOM   238  C  C2    . C   A 1 12 ? 12.545  13.720  -29.345 1.00 30.76 ? 13  C   A C2    1 
ATOM   239  O  O2    . C   A 1 12 ? 12.195  12.564  -29.555 1.00 29.88 ? 13  C   A O2    1 
ATOM   240  N  N3    . C   A 1 12 ? 13.056  14.084  -28.139 1.00 27.15 ? 13  C   A N3    1 
ATOM   241  C  C4    . C   A 1 12 ? 13.403  15.347  -27.885 1.00 28.94 ? 13  C   A C4    1 
ATOM   242  N  N4    . C   A 1 12 ? 13.965  15.622  -26.679 1.00 27.13 ? 13  C   A N4    1 
ATOM   243  C  C5    . C   A 1 12 ? 13.238  16.341  -28.900 1.00 28.88 ? 13  C   A C5    1 
ATOM   244  C  C6    . C   A 1 12 ? 12.731  15.978  -30.105 1.00 28.55 ? 13  C   A C6    1 
ATOM   245  P  P     . U   A 1 13 ? 7.471   16.247  -31.974 1.00 39.08 ? 14  U   A P     1 
ATOM   246  O  OP1   . U   A 1 13 ? 6.352   16.367  -32.922 1.00 40.51 ? 14  U   A OP1   1 
ATOM   247  O  OP2   . U   A 1 13 ? 7.902   17.456  -31.224 1.00 36.94 ? 14  U   A OP2   1 
ATOM   248  O  "O5'" . U   A 1 13 ? 7.170   15.093  -30.935 1.00 38.31 ? 14  U   A "O5'" 1 
ATOM   249  C  "C5'" . U   A 1 13 ? 6.527   13.888  -31.321 1.00 36.98 ? 14  U   A "C5'" 1 
ATOM   250  C  "C4'" . U   A 1 13 ? 6.484   12.928  -30.164 1.00 35.50 ? 14  U   A "C4'" 1 
ATOM   251  O  "O4'" . U   A 1 13 ? 7.843   12.653  -29.703 1.00 34.54 ? 14  U   A "O4'" 1 
ATOM   252  C  "C3'" . U   A 1 13 ? 5.806   13.436  -28.909 1.00 34.75 ? 14  U   A "C3'" 1 
ATOM   253  O  "O3'" . U   A 1 13 ? 4.394   13.396  -28.979 1.00 36.29 ? 14  U   A "O3'" 1 
ATOM   254  C  "C2'" . U   A 1 13 ? 6.374   12.494  -27.871 1.00 33.39 ? 14  U   A "C2'" 1 
ATOM   255  O  "O2'" . U   A 1 13 ? 5.807   11.212  -28.049 1.00 33.36 ? 14  U   A "O2'" 1 
ATOM   256  C  "C1'" . U   A 1 13 ? 7.824   12.417  -28.316 1.00 32.45 ? 14  U   A "C1'" 1 
ATOM   257  N  N1    . U   A 1 13 ? 8.692   13.421  -27.658 1.00 28.54 ? 14  U   A N1    1 
ATOM   258  C  C2    . U   A 1 13 ? 9.159   13.185  -26.377 1.00 30.05 ? 14  U   A C2    1 
ATOM   259  O  O2    . U   A 1 13 ? 8.832   12.210  -25.728 1.00 31.34 ? 14  U   A O2    1 
ATOM   260  N  N3    . U   A 1 13 ? 10.027  14.128  -25.869 1.00 28.78 ? 14  U   A N3    1 
ATOM   261  C  C4    . U   A 1 13 ? 10.400  15.301  -26.522 1.00 30.28 ? 14  U   A C4    1 
ATOM   262  O  O4    . U   A 1 13 ? 11.155  16.121  -25.988 1.00 31.34 ? 14  U   A O4    1 
ATOM   263  C  C5    . U   A 1 13 ? 9.860   15.471  -27.825 1.00 29.43 ? 14  U   A C5    1 
ATOM   264  C  C6    . U   A 1 13 ? 9.041   14.553  -28.346 1.00 29.27 ? 14  U   A C6    1 
ATOM   265  P  P     . C   A 1 14 ? 3.512   14.502  -28.203 1.00 44.67 ? 15  C   A P     1 
ATOM   266  O  OP1   . C   A 1 14 ? 2.141   14.375  -28.702 1.00 42.31 ? 15  C   A OP1   1 
ATOM   267  O  OP2   . C   A 1 14 ? 4.216   15.802  -28.360 1.00 42.84 ? 15  C   A OP2   1 
ATOM   268  O  "O5'" . C   A 1 14 ? 3.575   14.039  -26.668 1.00 36.33 ? 15  C   A "O5'" 1 
ATOM   269  C  "C5'" . C   A 1 14 ? 3.064   12.782  -26.234 1.00 35.91 ? 15  C   A "C5'" 1 
ATOM   270  C  "C4'" . C   A 1 14 ? 3.584   12.421  -24.850 1.00 35.54 ? 15  C   A "C4'" 1 
ATOM   271  O  "O4'" . C   A 1 14 ? 5.032   12.371  -24.876 1.00 36.17 ? 15  C   A "O4'" 1 
ATOM   272  C  "C3'" . C   A 1 14 ? 3.304   13.420  -23.738 1.00 36.41 ? 15  C   A "C3'" 1 
ATOM   273  O  "O3'" . C   A 1 14 ? 1.987   13.369  -23.225 1.00 38.98 ? 15  C   A "O3'" 1 
ATOM   274  C  "C2'" . C   A 1 14 ? 4.376   13.075  -22.717 1.00 36.91 ? 15  C   A "C2'" 1 
ATOM   275  O  "O2'" . C   A 1 14 ? 4.063   11.881  -22.024 1.00 37.19 ? 15  C   A "O2'" 1 
ATOM   276  C  "C1'" . C   A 1 14 ? 5.555   12.794  -23.623 1.00 35.05 ? 15  C   A "C1'" 1 
ATOM   277  N  N1    . C   A 1 14 ? 6.384   14.000  -23.827 1.00 33.64 ? 15  C   A N1    1 
ATOM   278  C  C2    . C   A 1 14 ? 7.294   14.366  -22.804 1.00 30.99 ? 15  C   A C2    1 
ATOM   279  O  O2    . C   A 1 14 ? 7.353   13.714  -21.739 1.00 28.07 ? 15  C   A O2    1 
ATOM   280  N  N3    . C   A 1 14 ? 8.049   15.468  -22.986 1.00 27.82 ? 15  C   A N3    1 
ATOM   281  C  C4    . C   A 1 14 ? 7.954   16.191  -24.095 1.00 30.83 ? 15  C   A C4    1 
ATOM   282  N  N4    . C   A 1 14 ? 8.739   17.259  -24.208 1.00 30.03 ? 15  C   A N4    1 
ATOM   283  C  C5    . C   A 1 14 ? 7.071   15.845  -25.148 1.00 31.57 ? 15  C   A C5    1 
ATOM   284  C  C6    . C   A 1 14 ? 6.300   14.752  -24.967 1.00 33.23 ? 15  C   A C6    1 
ATOM   285  P  P     . G   A 1 15 ? 1.299   14.715  -22.638 1.00 43.92 ? 16  G   A P     1 
ATOM   286  O  OP1   . G   A 1 15 ? -0.135  14.433  -22.479 1.00 44.25 ? 16  G   A OP1   1 
ATOM   287  O  OP2   . G   A 1 15 ? 1.713   15.828  -23.517 1.00 45.65 ? 16  G   A OP2   1 
ATOM   288  O  "O5'" . G   A 1 15 ? 1.985   14.895  -21.208 1.00 35.11 ? 16  G   A "O5'" 1 
ATOM   289  C  "C5'" . G   A 1 15 ? 1.990   13.852  -20.258 1.00 34.43 ? 16  G   A "C5'" 1 
ATOM   290  C  "C4'" . G   A 1 15 ? 2.778   14.243  -19.050 1.00 34.06 ? 16  G   A "C4'" 1 
ATOM   291  O  "O4'" . G   A 1 15 ? 4.181   14.370  -19.405 1.00 34.20 ? 16  G   A "O4'" 1 
ATOM   292  C  "C3'" . G   A 1 15 ? 2.429   15.588  -18.444 1.00 34.93 ? 16  G   A "C3'" 1 
ATOM   293  O  "O3'" . G   A 1 15 ? 1.289   15.517  -17.602 1.00 37.52 ? 16  G   A "O3'" 1 
ATOM   294  C  "C2'" . G   A 1 15 ? 3.714   15.948  -17.706 1.00 33.14 ? 16  G   A "C2'" 1 
ATOM   295  O  "O2'" . G   A 1 15 ? 3.814   15.209  -16.504 1.00 30.03 ? 16  G   A "O2'" 1 
ATOM   296  C  "C1'" . G   A 1 15 ? 4.768   15.390  -18.650 1.00 32.77 ? 16  G   A "C1'" 1 
ATOM   297  N  N9    . G   A 1 15 ? 5.374   16.389  -19.552 1.00 29.61 ? 16  G   A N9    1 
ATOM   298  C  C8    . G   A 1 15 ? 5.235   16.534  -20.903 1.00 28.66 ? 16  G   A C8    1 
ATOM   299  N  N7    . G   A 1 15 ? 6.022   17.463  -21.392 1.00 28.80 ? 16  G   A N7    1 
ATOM   300  C  C5    . G   A 1 15 ? 6.730   17.936  -20.301 1.00 28.59 ? 16  G   A C5    1 
ATOM   301  C  C6    . G   A 1 15 ? 7.730   18.921  -20.207 1.00 28.65 ? 16  G   A C6    1 
ATOM   302  O  O6    . G   A 1 15 ? 8.191   19.611  -21.117 1.00 28.91 ? 16  G   A O6    1 
ATOM   303  N  N1    . G   A 1 15 ? 8.179   19.103  -18.891 1.00 28.42 ? 16  G   A N1    1 
ATOM   304  C  C2    . G   A 1 15 ? 7.732   18.383  -17.794 1.00 31.75 ? 16  G   A C2    1 
ATOM   305  N  N2    . G   A 1 15 ? 8.261   18.657  -16.581 1.00 27.96 ? 16  G   A N2    1 
ATOM   306  N  N3    . G   A 1 15 ? 6.788   17.448  -17.903 1.00 29.25 ? 16  G   A N3    1 
ATOM   307  C  C4    . G   A 1 15 ? 6.342   17.275  -19.163 1.00 28.30 ? 16  G   A C4    1 
ATOM   308  P  P     . C   A 1 16 ? 0.372   16.795  -17.367 1.00 40.43 ? 17  C   A P     1 
ATOM   309  O  OP1   . C   A 1 16 ? -0.715  16.383  -16.453 1.00 40.52 ? 17  C   A OP1   1 
ATOM   310  O  OP2   . C   A 1 16 ? 0.025   17.370  -18.668 1.00 37.49 ? 17  C   A OP2   1 
ATOM   311  O  "O5'" . C   A 1 16 ? 1.368   17.781  -16.615 1.00 34.06 ? 17  C   A "O5'" 1 
ATOM   312  C  "C5'" . C   A 1 16 ? 1.628   17.664  -15.242 1.00 34.38 ? 17  C   A "C5'" 1 
ATOM   313  C  "C4'" . C   A 1 16 ? 2.657   18.690  -14.835 1.00 35.49 ? 17  C   A "C4'" 1 
ATOM   314  O  "O4'" . C   A 1 16 ? 3.797   18.626  -15.735 1.00 36.44 ? 17  C   A "O4'" 1 
ATOM   315  C  "C3'" . C   A 1 16 ? 2.213   20.137  -14.935 1.00 35.02 ? 17  C   A "C3'" 1 
ATOM   316  O  "O3'" . C   A 1 16 ? 1.426   20.527  -13.829 1.00 33.08 ? 17  C   A "O3'" 1 
ATOM   317  C  "C2'" . C   A 1 16 ? 3.543   20.882  -15.017 1.00 35.31 ? 17  C   A "C2'" 1 
ATOM   318  O  "O2'" . C   A 1 16 ? 4.106   20.986  -13.710 1.00 36.55 ? 17  C   A "O2'" 1 
ATOM   319  C  "C1'" . C   A 1 16 ? 4.403   19.893  -15.822 1.00 34.78 ? 17  C   A "C1'" 1 
ATOM   320  N  N1    . C   A 1 16 ? 4.577   20.257  -17.250 1.00 33.22 ? 17  C   A N1    1 
ATOM   321  C  C2    . C   A 1 16 ? 5.553   21.201  -17.554 1.00 32.02 ? 17  C   A C2    1 
ATOM   322  O  O2    . C   A 1 16 ? 6.175   21.745  -16.631 1.00 32.70 ? 17  C   A O2    1 
ATOM   323  N  N3    . C   A 1 16 ? 5.787   21.553  -18.837 1.00 32.79 ? 17  C   A N3    1 
ATOM   324  C  C4    . C   A 1 16 ? 5.089   20.994  -19.829 1.00 31.30 ? 17  C   A C4    1 
ATOM   325  N  N4    . C   A 1 16 ? 5.393   21.387  -21.057 1.00 32.09 ? 17  C   A N4    1 
ATOM   326  C  C5    . C   A 1 16 ? 4.083   20.019  -19.565 1.00 30.11 ? 17  C   A C5    1 
ATOM   327  C  C6    . C   A 1 16 ? 3.868   19.674  -18.288 1.00 30.86 ? 17  C   A C6    1 
ATOM   328  O  "O5'" . C   B 2 1  ? 14.994  24.497  -16.888 1.00 37.58 ? 35  C   B "O5'" 1 
ATOM   329  C  "C5'" . C   B 2 1  ? 14.619  24.936  -15.591 1.00 35.62 ? 35  C   B "C5'" 1 
ATOM   330  C  "C4'" . C   B 2 1  ? 13.547  24.053  -15.008 1.00 33.11 ? 35  C   B "C4'" 1 
ATOM   331  O  "O4'" . C   B 2 1  ? 12.328  24.161  -15.790 1.00 31.40 ? 35  C   B "O4'" 1 
ATOM   332  C  "C3'" . C   B 2 1  ? 13.832  22.564  -15.007 1.00 31.13 ? 35  C   B "C3'" 1 
ATOM   333  O  "O3'" . C   B 2 1  ? 14.701  22.195  -13.949 1.00 33.36 ? 35  C   B "O3'" 1 
ATOM   334  C  "C2'" . C   B 2 1  ? 12.424  21.984  -14.873 1.00 31.25 ? 35  C   B "C2'" 1 
ATOM   335  O  "O2'" . C   B 2 1  ? 11.934  22.182  -13.548 1.00 31.20 ? 35  C   B "O2'" 1 
ATOM   336  C  "C1'" . C   B 2 1  ? 11.644  22.927  -15.771 1.00 30.50 ? 35  C   B "C1'" 1 
ATOM   337  N  N1    . C   B 2 1  ? 11.476  22.445  -17.159 1.00 30.22 ? 35  C   B N1    1 
ATOM   338  C  C2    . C   B 2 1  ? 10.459  21.508  -17.399 1.00 29.58 ? 35  C   B C2    1 
ATOM   339  O  O2    . C   B 2 1  ? 9.872   21.056  -16.410 1.00 28.56 ? 35  C   B O2    1 
ATOM   340  N  N3    . C   B 2 1  ? 10.170  21.087  -18.655 1.00 28.72 ? 35  C   B N3    1 
ATOM   341  C  C4    . C   B 2 1  ? 10.847  21.596  -19.685 1.00 30.82 ? 35  C   B C4    1 
ATOM   342  N  N4    . C   B 2 1  ? 10.546  21.172  -20.908 1.00 28.92 ? 35  C   B N4    1 
ATOM   343  C  C5    . C   B 2 1  ? 11.890  22.575  -19.484 1.00 31.99 ? 35  C   B C5    1 
ATOM   344  C  C6    . C   B 2 1  ? 12.148  22.984  -18.223 1.00 31.80 ? 35  C   B C6    1 
ATOM   345  P  P     . G   B 2 2  ? 15.616  20.867  -14.066 1.00 34.62 ? 36  G   B P     1 
ATOM   346  O  OP1   . G   B 2 2  ? 16.336  20.725  -12.773 1.00 33.64 ? 36  G   B OP1   1 
ATOM   347  O  OP2   . G   B 2 2  ? 16.401  20.955  -15.311 1.00 30.18 ? 36  G   B OP2   1 
ATOM   348  O  "O5'" . G   B 2 2  ? 14.514  19.730  -14.201 1.00 27.10 ? 36  G   B "O5'" 1 
ATOM   349  C  "C5'" . G   B 2 2  ? 14.727  18.584  -15.005 1.00 26.68 ? 36  G   B "C5'" 1 
ATOM   350  C  "C4'" . G   B 2 2  ? 13.534  17.677  -14.934 1.00 29.70 ? 36  G   B "C4'" 1 
ATOM   351  O  "O4'" . G   B 2 2  ? 12.373  18.329  -15.520 1.00 31.00 ? 36  G   B "O4'" 1 
ATOM   352  C  "C3'" . G   B 2 2  ? 13.645  16.353  -15.677 1.00 29.65 ? 36  G   B "C3'" 1 
ATOM   353  O  "O3'" . G   B 2 2  ? 14.278  15.364  -14.901 1.00 31.70 ? 36  G   B "O3'" 1 
ATOM   354  C  "C2'" . G   B 2 2  ? 12.198  16.008  -15.974 1.00 28.81 ? 36  G   B "C2'" 1 
ATOM   355  O  "O2'" . G   B 2 2  ? 11.581  15.471  -14.823 1.00 33.03 ? 36  G   B "O2'" 1 
ATOM   356  C  "C1'" . G   B 2 2  ? 11.598  17.379  -16.239 1.00 27.12 ? 36  G   B "C1'" 1 
ATOM   357  N  N9    . G   B 2 2  ? 11.638  17.703  -17.673 1.00 27.31 ? 36  G   B N9    1 
ATOM   358  C  C8    . G   B 2 2  ? 12.430  18.610  -18.331 1.00 28.77 ? 36  G   B C8    1 
ATOM   359  N  N7    . G   B 2 2  ? 12.217  18.625  -19.638 1.00 28.49 ? 36  G   B N7    1 
ATOM   360  C  C5    . G   B 2 2  ? 11.227  17.673  -19.831 1.00 27.96 ? 36  G   B C5    1 
ATOM   361  C  C6    . G   B 2 2  ? 10.592  17.242  -20.995 1.00 27.58 ? 36  G   B C6    1 
ATOM   362  O  O6    . G   B 2 2  ? 10.776  17.667  -22.102 1.00 30.08 ? 36  G   B O6    1 
ATOM   363  N  N1    . G   B 2 2  ? 9.638   16.259  -20.792 1.00 27.32 ? 36  G   B N1    1 
ATOM   364  C  C2    . G   B 2 2  ? 9.360   15.716  -19.557 1.00 27.05 ? 36  G   B C2    1 
ATOM   365  N  N2    . G   B 2 2  ? 8.424   14.731  -19.503 1.00 26.96 ? 36  G   B N2    1 
ATOM   366  N  N3    . G   B 2 2  ? 9.983   16.125  -18.459 1.00 26.90 ? 36  G   B N3    1 
ATOM   367  C  C4    . G   B 2 2  ? 10.859  17.101  -18.645 1.00 27.06 ? 36  G   B C4    1 
ATOM   368  P  P     . A   B 2 3  ? 15.232  14.268  -15.584 1.00 36.14 ? 37  A   B P     1 
ATOM   369  O  OP1   . A   B 2 3  ? 15.922  13.559  -14.486 1.00 35.67 ? 37  A   B OP1   1 
ATOM   370  O  OP2   . A   B 2 3  ? 16.068  14.971  -16.614 1.00 36.86 ? 37  A   B OP2   1 
ATOM   371  O  "O5'" . A   B 2 3  ? 14.181  13.307  -16.292 1.00 30.25 ? 37  A   B "O5'" 1 
ATOM   372  C  "C5'" . A   B 2 3  ? 13.241  12.576  -15.541 1.00 30.59 ? 37  A   B "C5'" 1 
ATOM   373  C  "C4'" . A   B 2 3  ? 12.239  11.886  -16.427 1.00 30.75 ? 37  A   B "C4'" 1 
ATOM   374  O  "O4'" . A   B 2 3  ? 11.461  12.856  -17.137 1.00 31.51 ? 37  A   B "O4'" 1 
ATOM   375  C  "C3'" . A   B 2 3  ? 12.813  11.013  -17.530 1.00 30.44 ? 37  A   B "C3'" 1 
ATOM   376  O  "O3'" . A   B 2 3  ? 13.201  9.752   -17.070 1.00 32.78 ? 37  A   B "O3'" 1 
ATOM   377  C  "C2'" . A   B 2 3  ? 11.674  10.954  -18.515 1.00 30.04 ? 37  A   B "C2'" 1 
ATOM   378  O  "O2'" . A   B 2 3  ? 10.653  10.103  -18.035 1.00 30.75 ? 37  A   B "O2'" 1 
ATOM   379  C  "C1'" . A   B 2 3  ? 11.165  12.383  -18.427 1.00 29.97 ? 37  A   B "C1'" 1 
ATOM   380  N  N9    . A   B 2 3  ? 11.815  13.270  -19.412 1.00 27.35 ? 37  A   B N9    1 
ATOM   381  C  C8    . A   B 2 3  ? 12.805  14.220  -19.299 1.00 27.25 ? 37  A   B C8    1 
ATOM   382  N  N7    . A   B 2 3  ? 13.090  14.826  -20.444 1.00 26.16 ? 37  A   B N7    1 
ATOM   383  C  C5    . A   B 2 3  ? 12.187  14.221  -21.355 1.00 26.27 ? 37  A   B C5    1 
ATOM   384  C  C6    . A   B 2 3  ? 11.930  14.384  -22.748 1.00 29.73 ? 37  A   B C6    1 
ATOM   385  N  N6    . A   B 2 3  ? 12.585  15.275  -23.475 1.00 29.78 ? 37  A   B N6    1 
ATOM   386  N  N1    . A   B 2 3  ? 10.977  13.629  -23.346 1.00 26.66 ? 37  A   B N1    1 
ATOM   387  C  C2    . A   B 2 3  ? 10.332  12.731  -22.572 1.00 28.05 ? 37  A   B C2    1 
ATOM   388  N  N3    . A   B 2 3  ? 10.514  12.468  -21.249 1.00 26.46 ? 37  A   B N3    1 
ATOM   389  C  C4    . A   B 2 3  ? 11.437  13.263  -20.725 1.00 26.07 ? 37  A   B C4    1 
ATOM   390  P  P     . G   B 2 4  ? 14.433  9.004   -17.744 1.00 37.01 ? 38  G   B P     1 
ATOM   391  O  OP1   . G   B 2 4  ? 14.751  7.821   -16.876 1.00 37.70 ? 38  G   B OP1   1 
ATOM   392  O  OP2   . G   B 2 4  ? 15.483  10.002  -17.997 1.00 33.24 ? 38  G   B OP2   1 
ATOM   393  O  "O5'" . G   B 2 4  ? 13.823  8.501   -19.128 1.00 34.05 ? 38  G   B "O5'" 1 
ATOM   394  C  "C5'" . G   B 2 4  ? 12.741  7.582   -19.164 1.00 33.94 ? 38  G   B "C5'" 1 
ATOM   395  C  "C4'" . G   B 2 4  ? 12.221  7.399   -20.573 1.00 32.98 ? 38  G   B "C4'" 1 
ATOM   396  O  "O4'" . G   B 2 4  ? 11.631  8.639   -21.074 1.00 32.51 ? 38  G   B "O4'" 1 
ATOM   397  C  "C3'" . G   B 2 4  ? 13.256  7.036   -21.629 1.00 31.82 ? 38  G   B "C3'" 1 
ATOM   398  O  "O3'" . G   B 2 4  ? 13.592  5.660   -21.566 1.00 33.56 ? 38  G   B "O3'" 1 
ATOM   399  C  "C2'" . G   B 2 4  ? 12.507  7.415   -22.899 1.00 28.27 ? 38  G   B "C2'" 1 
ATOM   400  O  "O2'" . G   B 2 4  ? 11.484  6.493   -23.112 1.00 27.71 ? 38  G   B "O2'" 1 
ATOM   401  C  "C1'" . G   B 2 4  ? 11.837  8.734   -22.468 1.00 28.25 ? 38  G   B "C1'" 1 
ATOM   402  N  N9    . G   B 2 4  ? 12.701  9.902   -22.762 1.00 26.28 ? 38  G   B N9    1 
ATOM   403  C  C8    . G   B 2 4  ? 13.654  10.483  -21.993 1.00 25.79 ? 38  G   B C8    1 
ATOM   404  N  N7    . G   B 2 4  ? 14.292  11.482  -22.578 1.00 27.01 ? 38  G   B N7    1 
ATOM   405  C  C5    . G   B 2 4  ? 13.677  11.572  -23.821 1.00 27.20 ? 38  G   B C5    1 
ATOM   406  C  C6    . G   B 2 4  ? 13.919  12.457  -24.909 1.00 26.07 ? 38  G   B C6    1 
ATOM   407  O  O6    . G   B 2 4  ? 14.731  13.380  -24.992 1.00 26.22 ? 38  G   B O6    1 
ATOM   408  N  N1    . G   B 2 4  ? 13.095  12.168  -25.977 1.00 26.33 ? 38  G   B N1    1 
ATOM   409  C  C2    . G   B 2 4  ? 12.137  11.187  -26.007 1.00 26.32 ? 38  G   B C2    1 
ATOM   410  N  N2    . G   B 2 4  ? 11.444  11.079  -27.149 1.00 26.67 ? 38  G   B N2    1 
ATOM   411  N  N3    . G   B 2 4  ? 11.907  10.350  -25.007 1.00 28.31 ? 38  G   B N3    1 
ATOM   412  C  C4    . G   B 2 4  ? 12.705  10.600  -23.947 1.00 26.97 ? 38  G   B C4    1 
ATOM   413  P  P     . A   B 2 5  ? 15.032  5.077   -22.032 1.00 39.44 ? 39  A   B P     1 
ATOM   414  O  OP1   . A   B 2 5  ? 15.102  3.705   -21.484 1.00 41.90 ? 39  A   B OP1   1 
ATOM   415  O  OP2   . A   B 2 5  ? 16.090  6.037   -21.688 1.00 35.78 ? 39  A   B OP2   1 
ATOM   416  O  "O5'" . A   B 2 5  ? 14.897  5.019   -23.612 1.00 33.07 ? 39  A   B "O5'" 1 
ATOM   417  C  "C5'" . A   B 2 5  ? 13.862  4.297   -24.239 1.00 31.73 ? 39  A   B "C5'" 1 
ATOM   418  C  "C4'" . A   B 2 5  ? 13.604  4.852   -25.614 1.00 30.75 ? 39  A   B "C4'" 1 
ATOM   419  O  "O4'" . A   B 2 5  ? 14.830  4.765   -26.426 1.00 30.27 ? 39  A   B "O4'" 1 
ATOM   420  C  "C3'" . A   B 2 5  ? 12.495  4.176   -26.424 1.00 31.60 ? 39  A   B "C3'" 1 
ATOM   421  O  "O3'" . A   B 2 5  ? 11.742  5.200   -27.104 1.00 33.10 ? 39  A   B "O3'" 1 
ATOM   422  C  "C2'" . A   B 2 5  ? 13.279  3.373   -27.453 1.00 30.19 ? 39  A   B "C2'" 1 
ATOM   423  O  "O2'" . A   B 2 5  ? 12.556  3.108   -28.646 1.00 29.18 ? 39  A   B "O2'" 1 
ATOM   424  C  "C1'" . A   B 2 5  ? 14.478  4.306   -27.694 1.00 27.73 ? 39  A   B "C1'" 1 
ATOM   425  N  N9    . A   B 2 5  ? 15.629  3.666   -28.312 1.00 29.32 ? 39  A   B N9    1 
ATOM   426  C  C8    . A   B 2 5  ? 16.235  2.516   -27.935 1.00 28.22 ? 39  A   B C8    1 
ATOM   427  N  N7    . A   B 2 5  ? 17.197  2.151   -28.752 1.00 28.95 ? 39  A   B N7    1 
ATOM   428  C  C5    . A   B 2 5  ? 17.208  3.119   -29.736 1.00 30.77 ? 39  A   B C5    1 
ATOM   429  C  C6    . A   B 2 5  ? 18.017  3.308   -30.883 1.00 31.34 ? 39  A   B C6    1 
ATOM   430  N  N6    . A   B 2 5  ? 18.972  2.478   -31.241 1.00 29.74 ? 39  A   B N6    1 
ATOM   431  N  N1    . A   B 2 5  ? 17.809  4.381   -31.658 1.00 33.49 ? 39  A   B N1    1 
ATOM   432  C  C2    . A   B 2 5  ? 16.815  5.215   -31.299 1.00 35.57 ? 39  A   B C2    1 
ATOM   433  N  N3    . A   B 2 5  ? 15.992  5.150   -30.241 1.00 34.95 ? 39  A   B N3    1 
ATOM   434  C  C4    . A   B 2 5  ? 16.261  4.074   -29.467 1.00 31.40 ? 39  A   B C4    1 
ATOM   435  P  P     . G   B 2 6  ? 10.177  5.047   -27.377 1.00 41.11 ? 40  G   B P     1 
ATOM   436  O  OP1   . G   B 2 6  ? 9.543   6.354   -26.995 1.00 37.56 ? 40  G   B OP1   1 
ATOM   437  O  OP2   . G   B 2 6  ? 9.728   3.806   -26.688 1.00 41.90 ? 40  G   B OP2   1 
ATOM   438  O  "O5'" . G   B 2 6  ? 10.117  4.844   -28.957 1.00 41.23 ? 40  G   B "O5'" 1 
ATOM   439  C  "C5'" . G   B 2 6  ? 9.333   5.697   -29.792 1.00 41.20 ? 40  G   B "C5'" 1 
ATOM   440  C  "C4'" . G   B 2 6  ? 10.195  6.449   -30.795 1.00 38.68 ? 40  G   B "C4'" 1 
ATOM   441  O  "O4'" . G   B 2 6  ? 10.859  7.585   -30.130 1.00 36.00 ? 40  G   B "O4'" 1 
ATOM   442  C  "C3'" . G   B 2 6  ? 11.317  5.628   -31.461 1.00 37.31 ? 40  G   B "C3'" 1 
ATOM   443  O  "O3'" . G   B 2 6  ? 11.339  5.884   -32.867 1.00 40.47 ? 40  G   B "O3'" 1 
ATOM   444  C  "C2'" . G   B 2 6  ? 12.586  6.212   -30.836 1.00 36.59 ? 40  G   B "C2'" 1 
ATOM   445  O  "O2'" . G   B 2 6  ? 13.727  6.138   -31.660 1.00 39.80 ? 40  G   B "O2'" 1 
ATOM   446  C  "C1'" . G   B 2 6  ? 12.180  7.657   -30.594 1.00 34.79 ? 40  G   B "C1'" 1 
ATOM   447  N  N9    . G   B 2 6  ? 13.011  8.368   -29.614 1.00 31.54 ? 40  G   B N9    1 
ATOM   448  C  C8    . G   B 2 6  ? 13.274  8.052   -28.316 1.00 30.22 ? 40  G   B C8    1 
ATOM   449  N  N7    . G   B 2 6  ? 14.109  8.867   -27.728 1.00 26.96 ? 40  G   B N7    1 
ATOM   450  C  C5    . G   B 2 6  ? 14.376  9.822   -28.709 1.00 29.18 ? 40  G   B C5    1 
ATOM   451  C  C6    . G   B 2 6  ? 15.188  10.979  -28.692 1.00 28.20 ? 40  G   B C6    1 
ATOM   452  O  O6    . G   B 2 6  ? 15.832  11.409  -27.780 1.00 26.97 ? 40  G   B O6    1 
ATOM   453  N  N1    . G   B 2 6  ? 15.212  11.672  -29.896 1.00 28.83 ? 40  G   B N1    1 
ATOM   454  C  C2    . G   B 2 6  ? 14.511  11.280  -31.004 1.00 31.83 ? 40  G   B C2    1 
ATOM   455  N  N2    . G   B 2 6  ? 14.632  12.065  -32.094 1.00 31.05 ? 40  G   B N2    1 
ATOM   456  N  N3    . G   B 2 6  ? 13.774  10.182  -31.046 1.00 31.92 ? 40  G   B N3    1 
ATOM   457  C  C4    . G   B 2 6  ? 13.733  9.520   -29.876 1.00 31.05 ? 40  G   B C4    1 
ATOM   458  P  P     . G   B 2 7  ? 10.955  4.723   -33.935 1.00 38.74 ? 41  G   B P     1 
ATOM   459  O  OP1   . G   B 2 7  ? 10.553  5.412   -35.174 1.00 40.16 ? 41  G   B OP1   1 
ATOM   460  O  OP2   . G   B 2 7  ? 9.998   3.821   -33.267 1.00 36.26 ? 41  G   B OP2   1 
ATOM   461  O  "O5'" . G   B 2 7  ? 12.347  3.976   -34.176 1.00 31.74 ? 41  G   B "O5'" 1 
ATOM   462  C  "C5'" . G   B 2 7  ? 13.278  4.477   -35.139 1.00 33.39 ? 41  G   B "C5'" 1 
ATOM   463  C  "C4'" . G   B 2 7  ? 14.498  3.592   -35.273 1.00 34.33 ? 41  G   B "C4'" 1 
ATOM   464  O  "O4'" . G   B 2 7  ? 15.307  3.668   -34.073 1.00 35.53 ? 41  G   B "O4'" 1 
ATOM   465  C  "C3'" . G   B 2 7  ? 14.219  2.100   -35.444 1.00 35.13 ? 41  G   B "C3'" 1 
ATOM   466  O  "O3'" . G   B 2 7  ? 13.894  1.752   -36.784 1.00 36.44 ? 41  G   B "O3'" 1 
ATOM   467  C  "C2'" . G   B 2 7  ? 15.501  1.461   -34.939 1.00 33.58 ? 41  G   B "C2'" 1 
ATOM   468  O  "O2'" . G   B 2 7  ? 16.513  1.556   -35.915 1.00 33.67 ? 41  G   B "O2'" 1 
ATOM   469  C  "C1'" . G   B 2 7  ? 15.868  2.390   -33.785 1.00 33.00 ? 41  G   B "C1'" 1 
ATOM   470  N  N9    . G   B 2 7  ? 15.321  1.914   -32.492 1.00 30.52 ? 41  G   B N9    1 
ATOM   471  C  C8    . G   B 2 7  ? 14.310  2.492   -31.777 1.00 30.53 ? 41  G   B C8    1 
ATOM   472  N  N7    . G   B 2 7  ? 14.039  1.853   -30.662 1.00 31.14 ? 41  G   B N7    1 
ATOM   473  C  C5    . G   B 2 7  ? 14.908  0.788   -30.656 1.00 28.97 ? 41  G   B C5    1 
ATOM   474  C  C6    . G   B 2 7  ? 15.099  -0.219  -29.685 1.00 28.90 ? 41  G   B C6    1 
ATOM   475  O  O6    . G   B 2 7  ? 14.473  -0.396  -28.625 1.00 29.91 ? 41  G   B O6    1 
ATOM   476  N  N1    . G   B 2 7  ? 16.074  -1.126  -30.079 1.00 28.03 ? 41  G   B N1    1 
ATOM   477  C  C2    . G   B 2 7  ? 16.799  -1.023  -31.248 1.00 27.92 ? 41  G   B C2    1 
ATOM   478  N  N2    . G   B 2 7  ? 17.756  -1.955  -31.479 1.00 26.55 ? 41  G   B N2    1 
ATOM   479  N  N3    . G   B 2 7  ? 16.648  -0.055  -32.123 1.00 28.13 ? 41  G   B N3    1 
ATOM   480  C  C4    . G   B 2 7  ? 15.697  0.812   -31.774 1.00 28.98 ? 41  G   B C4    1 
ATOM   481  P  P     . A   B 2 8  ? 12.968  0.481   -37.097 1.00 37.42 ? 42  A   B P     1 
ATOM   482  O  OP1   . A   B 2 8  ? 12.668  0.499   -38.544 1.00 39.83 ? 42  A   B OP1   1 
ATOM   483  O  OP2   . A   B 2 8  ? 11.836  0.490   -36.139 1.00 36.54 ? 42  A   B OP2   1 
ATOM   484  O  "O5'" . A   B 2 8  ? 13.946  -0.734  -36.764 1.00 36.26 ? 42  A   B "O5'" 1 
ATOM   485  C  "C5'" . A   B 2 8  ? 15.148  -0.919  -37.476 1.00 34.18 ? 42  A   B "C5'" 1 
ATOM   486  C  "C4'" . A   B 2 8  ? 15.901  -2.101  -36.932 1.00 33.37 ? 42  A   B "C4'" 1 
ATOM   487  O  "O4'" . A   B 2 8  ? 16.312  -1.825  -35.562 1.00 34.41 ? 42  A   B "O4'" 1 
ATOM   488  C  "C3'" . A   B 2 8  ? 15.102  -3.393  -36.818 1.00 33.47 ? 42  A   B "C3'" 1 
ATOM   489  O  "O3'" . A   B 2 8  ? 15.008  -4.100  -38.053 1.00 34.39 ? 42  A   B "O3'" 1 
ATOM   490  C  "C2'" . A   B 2 8  ? 15.869  -4.142  -35.741 1.00 34.38 ? 42  A   B "C2'" 1 
ATOM   491  O  "O2'" . A   B 2 8  ? 17.095  -4.633  -36.258 1.00 35.50 ? 42  A   B "O2'" 1 
ATOM   492  C  "C1'" . A   B 2 8  ? 16.219  -3.004  -34.792 1.00 32.59 ? 42  A   B "C1'" 1 
ATOM   493  N  N9    . A   B 2 8  ? 15.222  -2.816  -33.722 1.00 29.37 ? 42  A   B N9    1 
ATOM   494  C  C8    . A   B 2 8  ? 14.269  -1.831  -33.530 1.00 31.61 ? 42  A   B C8    1 
ATOM   495  N  N7    . A   B 2 8  ? 13.579  -1.961  -32.419 1.00 30.36 ? 42  A   B N7    1 
ATOM   496  C  C5    . A   B 2 8  ? 14.107  -3.109  -31.817 1.00 30.06 ? 42  A   B C5    1 
ATOM   497  C  C6    . A   B 2 8  ? 13.821  -3.793  -30.609 1.00 30.35 ? 42  A   B C6    1 
ATOM   498  N  N6    . A   B 2 8  ? 12.899  -3.449  -29.709 1.00 32.01 ? 42  A   B N6    1 
ATOM   499  N  N1    . A   B 2 8  ? 14.533  -4.902  -30.345 1.00 29.18 ? 42  A   B N1    1 
ATOM   500  C  C2    . A   B 2 8  ? 15.459  -5.275  -31.212 1.00 29.29 ? 42  A   B C2    1 
ATOM   501  N  N3    . A   B 2 8  ? 15.853  -4.750  -32.359 1.00 30.14 ? 42  A   B N3    1 
ATOM   502  C  C4    . A   B 2 8  ? 15.112  -3.645  -32.609 1.00 29.92 ? 42  A   B C4    1 
ATOM   503  P  P     . C   B 2 9  ? 13.670  -4.916  -38.435 1.00 45.45 ? 43  C   B P     1 
ATOM   504  O  OP1   . C   B 2 9  ? 13.829  -5.360  -39.827 1.00 47.97 ? 43  C   B OP1   1 
ATOM   505  O  OP2   . C   B 2 9  ? 12.505  -4.066  -38.076 1.00 45.28 ? 43  C   B OP2   1 
ATOM   506  O  "O5'" . C   B 2 9  ? 13.719  -6.183  -37.474 1.00 39.57 ? 43  C   B "O5'" 1 
ATOM   507  C  "C5'" . C   B 2 9  ? 14.785  -7.112  -37.569 1.00 39.32 ? 43  C   B "C5'" 1 
ATOM   508  C  "C4'" . C   B 2 9  ? 14.848  -8.010  -36.369 1.00 39.06 ? 43  C   B "C4'" 1 
ATOM   509  O  "O4'" . C   B 2 9  ? 15.022  -7.218  -35.155 1.00 38.73 ? 43  C   B "O4'" 1 
ATOM   510  C  "C3'" . C   B 2 9  ? 13.602  -8.822  -36.074 1.00 38.96 ? 43  C   B "C3'" 1 
ATOM   511  O  "O3'" . C   B 2 9  ? 13.423  -9.926  -36.954 1.00 39.37 ? 43  C   B "O3'" 1 
ATOM   512  C  "C2'" . C   B 2 9  ? 13.839  -9.204  -34.626 1.00 38.85 ? 43  C   B "C2'" 1 
ATOM   513  O  "O2'" . C   B 2 9  ? 14.867  -10.171 -34.540 1.00 39.93 ? 43  C   B "O2'" 1 
ATOM   514  C  "C1'" . C   B 2 9  ? 14.400  -7.887  -34.075 1.00 36.33 ? 43  C   B "C1'" 1 
ATOM   515  N  N1    . C   B 2 9  ? 13.343  -7.027  -33.520 1.00 33.69 ? 43  C   B N1    1 
ATOM   516  C  C2    . C   B 2 9  ? 12.941  -7.326  -32.209 1.00 32.53 ? 43  C   B C2    1 
ATOM   517  O  O2    . C   B 2 9  ? 13.506  -8.279  -31.624 1.00 32.93 ? 43  C   B O2    1 
ATOM   518  N  N3    . C   B 2 9  ? 11.991  -6.571  -31.625 1.00 29.37 ? 43  C   B N3    1 
ATOM   519  C  C4    . C   B 2 9  ? 11.429  -5.554  -32.284 1.00 30.44 ? 43  C   B C4    1 
ATOM   520  N  N4    . C   B 2 9  ? 10.464  -4.838  -31.679 1.00 27.60 ? 43  C   B N4    1 
ATOM   521  C  C5    . C   B 2 9  ? 11.808  -5.252  -33.631 1.00 31.32 ? 43  C   B C5    1 
ATOM   522  C  C6    . C   B 2 9  ? 12.770  -6.009  -34.203 1.00 32.75 ? 43  C   B C6    1 
ATOM   523  P  P     . G   B 2 10 ? 11.998  -10.668 -37.041 1.00 47.26 ? 44  G   B P     1 
ATOM   524  O  OP1   . G   B 2 10 ? 12.151  -11.782 -38.000 1.00 49.58 ? 44  G   B OP1   1 
ATOM   525  O  OP2   . G   B 2 10 ? 10.959  -9.632  -37.313 1.00 46.03 ? 44  G   B OP2   1 
ATOM   526  O  "O5'" . G   B 2 10 ? 11.810  -11.248 -35.561 1.00 43.98 ? 44  G   B "O5'" 1 
ATOM   527  C  "C5'" . G   B 2 10 ? 12.565  -12.362 -35.098 1.00 44.14 ? 44  G   B "C5'" 1 
ATOM   528  C  "C4'" . G   B 2 10 ? 11.994  -12.917 -33.818 1.00 42.94 ? 44  G   B "C4'" 1 
ATOM   529  O  "O4'" . G   B 2 10 ? 12.001  -11.885 -32.801 1.00 40.83 ? 44  G   B "O4'" 1 
ATOM   530  C  "C3'" . G   B 2 10 ? 10.544  -13.374 -33.877 1.00 43.43 ? 44  G   B "C3'" 1 
ATOM   531  O  "O3'" . G   B 2 10 ? 10.399  -14.697 -34.395 1.00 45.94 ? 44  G   B "O3'" 1 
ATOM   532  C  "C2'" . G   B 2 10 ? 10.087  -13.228 -32.428 1.00 41.74 ? 44  G   B "C2'" 1 
ATOM   533  O  "O2'" . G   B 2 10 ? 10.544  -14.322 -31.650 1.00 43.18 ? 44  G   B "O2'" 1 
ATOM   534  C  "C1'" . G   B 2 10 ? 10.869  -12.008 -31.977 1.00 38.61 ? 44  G   B "C1'" 1 
ATOM   535  N  N9    . G   B 2 10 ? 10.109  -10.745 -32.024 1.00 33.00 ? 44  G   B N9    1 
ATOM   536  C  C8    . G   B 2 10 ? 10.206  -9.763  -32.972 1.00 32.24 ? 44  G   B C8    1 
ATOM   537  N  N7    . G   B 2 10 ? 9.479   -8.721  -32.691 1.00 32.16 ? 44  G   B N7    1 
ATOM   538  C  C5    . G   B 2 10 ? 8.903   -9.009  -31.459 1.00 30.39 ? 44  G   B C5    1 
ATOM   539  C  C6    . G   B 2 10 ? 8.060   -8.248  -30.658 1.00 30.82 ? 44  G   B C6    1 
ATOM   540  O  O6    . G   B 2 10 ? 7.620   -7.122  -30.895 1.00 31.30 ? 44  G   B O6    1 
ATOM   541  N  N1    . G   B 2 10 ? 7.693   -8.920  -29.487 1.00 30.56 ? 44  G   B N1    1 
ATOM   542  C  C2    . G   B 2 10 ? 8.155   -10.175 -29.168 1.00 31.73 ? 44  G   B C2    1 
ATOM   543  N  N2    . G   B 2 10 ? 7.731   -10.718 -28.024 1.00 31.67 ? 44  G   B N2    1 
ATOM   544  N  N3    . G   B 2 10 ? 8.962   -10.884 -29.924 1.00 30.11 ? 44  G   B N3    1 
ATOM   545  C  C4    . G   B 2 10 ? 9.296   -10.246 -31.036 1.00 30.70 ? 44  G   B C4    1 
ATOM   546  P  P     . G   B 2 11 ? 9.018   -15.166 -35.072 1.00 60.14 ? 45  G   B P     1 
ATOM   547  O  OP1   . G   B 2 11 ? 9.220   -16.560 -35.546 1.00 61.53 ? 45  G   B OP1   1 
ATOM   548  O  OP2   . G   B 2 11 ? 8.637   -14.130 -36.054 1.00 60.12 ? 45  G   B OP2   1 
ATOM   549  O  "O5'" . G   B 2 11 ? 7.990   -15.151 -33.862 1.00 56.78 ? 45  G   B "O5'" 1 
ATOM   550  C  "C5'" . G   B 2 11 ? 7.963   -16.196 -32.909 1.00 55.52 ? 45  G   B "C5'" 1 
ATOM   551  C  "C4'" . G   B 2 11 ? 6.966   -15.924 -31.801 1.00 53.47 ? 45  G   B "C4'" 1 
ATOM   552  O  "O4'" . G   B 2 11 ? 7.194   -14.616 -31.221 1.00 51.60 ? 45  G   B "O4'" 1 
ATOM   553  C  "C3'" . G   B 2 11 ? 5.498   -15.873 -32.185 1.00 53.27 ? 45  G   B "C3'" 1 
ATOM   554  O  "O3'" . G   B 2 11 ? 4.947   -17.155 -32.386 1.00 53.45 ? 45  G   B "O3'" 1 
ATOM   555  C  "C2'" . G   B 2 11 ? 4.890   -15.153 -30.988 1.00 53.15 ? 45  G   B "C2'" 1 
ATOM   556  O  "O2'" . G   B 2 11 ? 4.743   -16.054 -29.900 1.00 55.95 ? 45  G   B "O2'" 1 
ATOM   557  C  "C1'" . G   B 2 11 ? 5.996   -14.181 -30.612 1.00 48.70 ? 45  G   B "C1'" 1 
ATOM   558  N  N9    . G   B 2 11 ? 5.719   -12.768 -30.964 1.00 42.09 ? 45  G   B N9    1 
ATOM   559  C  C8    . G   B 2 11 ? 6.183   -11.925 -31.971 1.00 39.89 ? 45  G   B C8    1 
ATOM   560  N  N7    . G   B 2 11 ? 5.760   -10.677 -31.819 1.00 37.09 ? 45  G   B N7    1 
ATOM   561  C  C5    . G   B 2 11 ? 5.029   -10.682 -30.630 1.00 35.77 ? 45  G   B C5    1 
ATOM   562  C  C6    . G   B 2 11 ? 4.314   -9.673  -29.928 1.00 34.05 ? 45  G   B C6    1 
ATOM   563  O  O6    . G   B 2 11 ? 4.144   -8.478  -30.184 1.00 33.46 ? 45  G   B O6    1 
ATOM   564  N  N1    . G   B 2 11 ? 3.692   -10.173 -28.801 1.00 34.35 ? 45  G   B N1    1 
ATOM   565  C  C2    . G   B 2 11 ? 3.750   -11.472 -28.345 1.00 34.79 ? 45  G   B C2    1 
ATOM   566  N  N2    . G   B 2 11 ? 3.083   -11.781 -27.223 1.00 34.09 ? 45  G   B N2    1 
ATOM   567  N  N3    . G   B 2 11 ? 4.399   -12.414 -28.978 1.00 35.32 ? 45  G   B N3    1 
ATOM   568  C  C4    . G   B 2 11 ? 4.998   -11.962 -30.104 1.00 37.88 ? 45  G   B C4    1 
ATOM   569  O  "O5'" . C   C 1 1  ? -23.168 -15.528 30.268  1.00 42.22 ? 2   C   C "O5'" 1 
ATOM   570  C  "C5'" . C   C 1 1  ? -23.929 -16.417 31.073  1.00 40.24 ? 2   C   C "C5'" 1 
ATOM   571  C  "C4'" . C   C 1 1  ? -23.702 -17.858 30.691  1.00 39.50 ? 2   C   C "C4'" 1 
ATOM   572  O  "O4'" . C   C 1 1  ? -24.203 -18.100 29.342  1.00 40.12 ? 2   C   C "O4'" 1 
ATOM   573  C  "C3'" . C   C 1 1  ? -22.257 -18.339 30.636  1.00 36.87 ? 2   C   C "C3'" 1 
ATOM   574  O  "O3'" . C   C 1 1  ? -21.715 -18.641 31.921  1.00 38.38 ? 2   C   C "O3'" 1 
ATOM   575  C  "C2'" . C   C 1 1  ? -22.369 -19.553 29.727  1.00 37.20 ? 2   C   C "C2'" 1 
ATOM   576  O  "O2'" . C   C 1 1  ? -22.934 -20.648 30.432  1.00 38.85 ? 2   C   C "O2'" 1 
ATOM   577  C  "C1'" . C   C 1 1  ? -23.418 -19.073 28.700  1.00 36.08 ? 2   C   C "C1'" 1 
ATOM   578  N  N1    . C   C 1 1  ? -22.807 -18.454 27.509  1.00 32.80 ? 2   C   C N1    1 
ATOM   579  C  C2    . C   C 1 1  ? -22.256 -19.267 26.552  1.00 32.16 ? 2   C   C C2    1 
ATOM   580  O  O2    . C   C 1 1  ? -22.307 -20.492 26.728  1.00 32.64 ? 2   C   C O2    1 
ATOM   581  N  N3    . C   C 1 1  ? -21.702 -18.700 25.476  1.00 31.82 ? 2   C   C N3    1 
ATOM   582  C  C4    . C   C 1 1  ? -21.639 -17.364 25.342  1.00 31.88 ? 2   C   C C4    1 
ATOM   583  N  N4    . C   C 1 1  ? -21.051 -16.871 24.243  1.00 31.40 ? 2   C   C N4    1 
ATOM   584  C  C5    . C   C 1 1  ? -22.153 -16.478 26.328  1.00 31.08 ? 2   C   C C5    1 
ATOM   585  C  C6    . C   C 1 1  ? -22.712 -17.080 27.385  1.00 32.76 ? 2   C   C C6    1 
ATOM   586  P  P     . G   C 1 2  ? -20.142 -18.455 32.220  1.00 37.11 ? 3   G   C P     1 
ATOM   587  O  OP1   . G   C 1 2  ? -19.949 -18.643 33.659  1.00 38.85 ? 3   G   C OP1   1 
ATOM   588  O  OP2   . G   C 1 2  ? -19.701 -17.188 31.614  1.00 36.15 ? 3   G   C OP2   1 
ATOM   589  O  "O5'" . G   C 1 2  ? -19.459 -19.657 31.441  1.00 37.29 ? 3   G   C "O5'" 1 
ATOM   590  C  "C5'" . G   C 1 2  ? -19.868 -20.991 31.611  1.00 36.77 ? 3   G   C "C5'" 1 
ATOM   591  C  "C4'" . G   C 1 2  ? -19.151 -21.897 30.631  1.00 36.75 ? 3   G   C "C4'" 1 
ATOM   592  O  "O4'" . G   C 1 2  ? -19.702 -21.745 29.288  1.00 35.69 ? 3   G   C "O4'" 1 
ATOM   593  C  "C3'" . G   C 1 2  ? -17.667 -21.619 30.458  1.00 36.35 ? 3   G   C "C3'" 1 
ATOM   594  O  "O3'" . G   C 1 2  ? -16.909 -22.204 31.486  1.00 37.41 ? 3   G   C "O3'" 1 
ATOM   595  C  "C2'" . G   C 1 2  ? -17.375 -22.198 29.083  1.00 35.22 ? 3   G   C "C2'" 1 
ATOM   596  O  "O2'" . G   C 1 2  ? -17.276 -23.610 29.151  1.00 36.17 ? 3   G   C "O2'" 1 
ATOM   597  C  "C1'" . G   C 1 2  ? -18.662 -21.844 28.336  1.00 33.75 ? 3   G   C "C1'" 1 
ATOM   598  N  N9    . G   C 1 2  ? -18.559 -20.561 27.645  1.00 31.75 ? 3   G   C N9    1 
ATOM   599  C  C8    . G   C 1 2  ? -19.120 -19.339 27.969  1.00 33.83 ? 3   G   C C8    1 
ATOM   600  N  N7    . G   C 1 2  ? -18.845 -18.392 27.096  1.00 32.80 ? 3   G   C N7    1 
ATOM   601  C  C5    . G   C 1 2  ? -18.089 -19.072 26.146  1.00 31.53 ? 3   G   C C5    1 
ATOM   602  C  C6    . G   C 1 2  ? -17.519 -18.638 24.934  1.00 31.77 ? 3   G   C C6    1 
ATOM   603  O  O6    . G   C 1 2  ? -17.537 -17.511 24.458  1.00 31.18 ? 3   G   C O6    1 
ATOM   604  N  N1    . G   C 1 2  ? -16.813 -19.647 24.300  1.00 31.56 ? 3   G   C N1    1 
ATOM   605  C  C2    . G   C 1 2  ? -16.696 -20.945 24.719  1.00 33.08 ? 3   G   C C2    1 
ATOM   606  N  N2    . G   C 1 2  ? -15.953 -21.785 23.976  1.00 27.79 ? 3   G   C N2    1 
ATOM   607  N  N3    . G   C 1 2  ? -17.248 -21.373 25.845  1.00 32.27 ? 3   G   C N3    1 
ATOM   608  C  C4    . G   C 1 2  ? -17.921 -20.393 26.477  1.00 31.28 ? 3   G   C C4    1 
ATOM   609  P  P     . U   C 1 3  ? -15.477 -21.649 31.892  1.00 35.81 ? 4   U   C P     1 
ATOM   610  O  OP1   . U   C 1 3  ? -14.987 -22.576 32.962  1.00 40.33 ? 4   U   C OP1   1 
ATOM   611  O  OP2   . U   C 1 3  ? -15.597 -20.199 32.218  1.00 32.36 ? 4   U   C OP2   1 
ATOM   612  O  "O5'" . U   C 1 3  ? -14.622 -21.837 30.577  1.00 36.22 ? 4   U   C "O5'" 1 
ATOM   613  C  "C5'" . U   C 1 3  ? -14.114 -23.120 30.248  1.00 37.71 ? 4   U   C "C5'" 1 
ATOM   614  C  "C4'" . U   C 1 3  ? -13.423 -23.130 28.916  1.00 37.56 ? 4   U   C "C4'" 1 
ATOM   615  O  "O4'" . U   C 1 3  ? -14.299 -22.624 27.874  1.00 38.44 ? 4   U   C "O4'" 1 
ATOM   616  C  "C3'" . U   C 1 3  ? -12.185 -22.285 28.806  1.00 36.68 ? 4   U   C "C3'" 1 
ATOM   617  O  "O3'" . U   C 1 3  ? -11.063 -22.919 29.368  1.00 39.80 ? 4   U   C "O3'" 1 
ATOM   618  C  "C2'" . U   C 1 3  ? -12.073 -22.065 27.306  1.00 37.15 ? 4   U   C "C2'" 1 
ATOM   619  O  "O2'" . U   C 1 3  ? -11.569 -23.225 26.656  1.00 38.15 ? 4   U   C "O2'" 1 
ATOM   620  C  "C1'" . U   C 1 3  ? -13.537 -21.914 26.928  1.00 36.59 ? 4   U   C "C1'" 1 
ATOM   621  N  N1    . U   C 1 3  ? -13.966 -20.517 26.943  1.00 33.50 ? 4   U   C N1    1 
ATOM   622  C  C2    . U   C 1 3  ? -13.643 -19.827 25.802  1.00 31.78 ? 4   U   C C2    1 
ATOM   623  O  O2    . U   C 1 3  ? -12.999 -20.342 24.900  1.00 33.21 ? 4   U   C O2    1 
ATOM   624  N  N3    . U   C 1 3  ? -14.083 -18.541 25.782  1.00 30.42 ? 4   U   C N3    1 
ATOM   625  C  C4    . U   C 1 3  ? -14.822 -17.911 26.754  1.00 31.80 ? 4   U   C C4    1 
ATOM   626  O  O4    . U   C 1 3  ? -15.155 -16.744 26.577  1.00 32.97 ? 4   U   C O4    1 
ATOM   627  C  C5    . U   C 1 3  ? -15.130 -18.709 27.915  1.00 32.46 ? 4   U   C C5    1 
ATOM   628  C  C6    . U   C 1 3  ? -14.702 -19.972 27.957  1.00 32.35 ? 4   U   C C6    1 
ATOM   629  P  P     . C   C 1 4  ? -9.853  -22.062 29.971  1.00 42.14 ? 5   C   C P     1 
ATOM   630  O  OP1   . C   C 1 4  ? -8.865  -23.047 30.480  1.00 45.38 ? 5   C   C OP1   1 
ATOM   631  O  OP2   . C   C 1 4  ? -10.412 -21.069 30.918  1.00 39.75 ? 5   C   C OP2   1 
ATOM   632  O  "O5'" . C   C 1 4  ? -9.273  -21.310 28.692  1.00 36.45 ? 5   C   C "O5'" 1 
ATOM   633  C  "C5'" . C   C 1 4  ? -8.743  -22.051 27.605  1.00 37.11 ? 5   C   C "C5'" 1 
ATOM   634  C  "C4'" . C   C 1 4  ? -8.351  -21.166 26.444  1.00 37.74 ? 5   C   C "C4'" 1 
ATOM   635  O  "O4'" . C   C 1 4  ? -9.514  -20.529 25.854  1.00 37.71 ? 5   C   C "O4'" 1 
ATOM   636  C  "C3'" . C   C 1 4  ? -7.429  -20.002 26.762  1.00 36.73 ? 5   C   C "C3'" 1 
ATOM   637  O  "O3'" . C   C 1 4  ? -6.095  -20.438 26.945  1.00 36.73 ? 5   C   C "O3'" 1 
ATOM   638  C  "C2'" . C   C 1 4  ? -7.626  -19.106 25.537  1.00 33.64 ? 5   C   C "C2'" 1 
ATOM   639  O  "O2'" . C   C 1 4  ? -6.912  -19.624 24.417  1.00 31.23 ? 5   C   C "O2'" 1 
ATOM   640  C  "C1'" . C   C 1 4  ? -9.123  -19.302 25.262  1.00 34.84 ? 5   C   C "C1'" 1 
ATOM   641  N  N1    . C   C 1 4  ? -9.957  -18.221 25.807  1.00 32.72 ? 5   C   C N1    1 
ATOM   642  C  C2    . C   C 1 4  ? -10.154 -17.097 24.998  1.00 30.41 ? 5   C   C C2    1 
ATOM   643  O  O2    . C   C 1 4  ? -9.571  -17.060 23.916  1.00 29.28 ? 5   C   C O2    1 
ATOM   644  N  N3    . C   C 1 4  ? -10.939 -16.076 25.418  1.00 29.63 ? 5   C   C N3    1 
ATOM   645  C  C4    . C   C 1 4  ? -11.554 -16.180 26.599  1.00 29.82 ? 5   C   C C4    1 
ATOM   646  N  N4    . C   C 1 4  ? -12.350 -15.160 26.969  1.00 28.79 ? 5   C   C N4    1 
ATOM   647  C  C5    . C   C 1 4  ? -11.390 -17.335 27.433  1.00 29.15 ? 5   C   C C5    1 
ATOM   648  C  C6    . C   C 1 4  ? -10.606 -18.328 27.004  1.00 31.44 ? 5   C   C C6    1 
ATOM   649  P  P     . U   C 1 5  ? -4.995  -19.453 27.556  1.00 42.64 ? 6   U   C P     1 
ATOM   650  O  OP1   . U   C 1 5  ? -3.772  -20.269 27.801  1.00 42.69 ? 6   U   C OP1   1 
ATOM   651  O  OP2   . U   C 1 5  ? -5.606  -18.744 28.685  1.00 43.33 ? 6   U   C OP2   1 
ATOM   652  O  "O5'" . U   C 1 5  ? -4.744  -18.453 26.343  1.00 31.21 ? 6   U   C "O5'" 1 
ATOM   653  C  "C5'" . U   C 1 5  ? -4.577  -17.082 26.560  1.00 28.09 ? 6   U   C "C5'" 1 
ATOM   654  C  "C4'" . U   C 1 5  ? -4.668  -16.329 25.265  1.00 29.30 ? 6   U   C "C4'" 1 
ATOM   655  O  "O4'" . U   C 1 5  ? -6.057  -16.315 24.798  1.00 29.80 ? 6   U   C "O4'" 1 
ATOM   656  C  "C3'" . U   C 1 5  ? -4.278  -14.868 25.358  1.00 30.39 ? 6   U   C "C3'" 1 
ATOM   657  O  "O3'" . U   C 1 5  ? -2.883  -14.680 25.219  1.00 32.07 ? 6   U   C "O3'" 1 
ATOM   658  C  "C2'" . U   C 1 5  ? -5.102  -14.209 24.263  1.00 29.32 ? 6   U   C "C2'" 1 
ATOM   659  O  "O2'" . U   C 1 5  ? -4.509  -14.428 23.005  1.00 31.07 ? 6   U   C "O2'" 1 
ATOM   660  C  "C1'" . U   C 1 5  ? -6.391  -15.027 24.324  1.00 29.38 ? 6   U   C "C1'" 1 
ATOM   661  N  N1    . U   C 1 5  ? -7.365  -14.453 25.252  1.00 28.20 ? 6   U   C N1    1 
ATOM   662  C  C2    . U   C 1 5  ? -8.038  -13.325 24.846  1.00 28.93 ? 6   U   C C2    1 
ATOM   663  O  O2    . U   C 1 5  ? -7.798  -12.807 23.771  1.00 29.90 ? 6   U   C O2    1 
ATOM   664  N  N3    . U   C 1 5  ? -8.980  -12.859 25.743  1.00 26.56 ? 6   U   C N3    1 
ATOM   665  C  C4    . U   C 1 5  ? -9.246  -13.386 26.988  1.00 28.06 ? 6   U   C C4    1 
ATOM   666  O  O4    . U   C 1 5  ? -10.115 -12.892 27.727  1.00 27.33 ? 6   U   C O4    1 
ATOM   667  C  C5    . U   C 1 5  ? -8.508  -14.572 27.312  1.00 29.81 ? 6   U   C C5    1 
ATOM   668  C  C6    . U   C 1 5  ? -7.593  -15.052 26.470  1.00 29.19 ? 6   U   C C6    1 
ATOM   669  P  P     . A   C 1 6  ? -2.163  -13.508 26.022  1.00 36.65 ? 7   A   C P     1 
ATOM   670  O  OP1   . A   C 1 6  ? -0.716  -13.650 25.777  1.00 36.80 ? 7   A   C OP1   1 
ATOM   671  O  OP2   . A   C 1 6  ? -2.665  -13.531 27.412  1.00 38.16 ? 7   A   C OP2   1 
ATOM   672  O  "O5'" . A   C 1 6  ? -2.709  -12.210 25.284  1.00 31.62 ? 7   A   C "O5'" 1 
ATOM   673  C  "C5'" . A   C 1 6  ? -2.409  -11.997 23.922  1.00 31.92 ? 7   A   C "C5'" 1 
ATOM   674  C  "C4'" . A   C 1 6  ? -3.080  -10.763 23.406  1.00 29.82 ? 7   A   C "C4'" 1 
ATOM   675  O  "O4'" . A   C 1 6  ? -4.515  -10.945 23.422  1.00 32.36 ? 7   A   C "O4'" 1 
ATOM   676  C  "C3'" . A   C 1 6  ? -2.849  -9.501  24.222  1.00 29.88 ? 7   A   C "C3'" 1 
ATOM   677  O  "O3'" . A   C 1 6  ? -1.614  -8.874  23.906  1.00 30.79 ? 7   A   C "O3'" 1 
ATOM   678  C  "C2'" . A   C 1 6  ? -4.036  -8.666  23.829  1.00 31.53 ? 7   A   C "C2'" 1 
ATOM   679  O  "O2'" . A   C 1 6  ? -3.833  -8.171  22.529  1.00 34.47 ? 7   A   C "O2'" 1 
ATOM   680  C  "C1'" . A   C 1 6  ? -5.135  -9.724  23.746  1.00 31.04 ? 7   A   C "C1'" 1 
ATOM   681  N  N9    . A   C 1 6  ? -5.869  -9.891  25.006  1.00 28.94 ? 7   A   C N9    1 
ATOM   682  C  C8    . A   C 1 6  ? -5.734  -10.852 25.967  1.00 31.84 ? 7   A   C C8    1 
ATOM   683  N  N7    . A   C 1 6  ? -6.589  -10.732 26.964  1.00 33.89 ? 7   A   C N7    1 
ATOM   684  C  C5    . A   C 1 6  ? -7.320  -9.606  26.649  1.00 31.82 ? 7   A   C C5    1 
ATOM   685  C  C6    . A   C 1 6  ? -8.388  -8.974  27.315  1.00 32.24 ? 7   A   C C6    1 
ATOM   686  N  N6    . A   C 1 6  ? -8.918  -9.366  28.498  1.00 33.27 ? 7   A   C N6    1 
ATOM   687  N  N1    . A   C 1 6  ? -8.872  -7.897  26.717  1.00 30.03 ? 7   A   C N1    1 
ATOM   688  C  C2    . A   C 1 6  ? -8.342  -7.492  25.541  1.00 29.78 ? 7   A   C C2    1 
ATOM   689  N  N3    . A   C 1 6  ? -7.356  -8.002  24.820  1.00 29.75 ? 7   A   C N3    1 
ATOM   690  C  C4    . A   C 1 6  ? -6.880  -9.075  25.447  1.00 29.30 ? 7   A   C C4    1 
ATOM   691  P  P     . C   C 1 7  ? -0.846  -7.974  24.979  1.00 35.48 ? 8   C   C P     1 
ATOM   692  O  OP1   . C   C 1 7  ? 0.339   -7.444  24.302  1.00 37.17 ? 8   C   C OP1   1 
ATOM   693  O  OP2   . C   C 1 7  ? -0.673  -8.790  26.218  1.00 31.80 ? 8   C   C OP2   1 
ATOM   694  O  "O5'" . C   C 1 7  ? -1.855  -6.785  25.288  1.00 32.91 ? 8   C   C "O5'" 1 
ATOM   695  C  "C5'" . C   C 1 7  ? -2.161  -5.780  24.330  1.00 31.95 ? 8   C   C "C5'" 1 
ATOM   696  C  "C4'" . C   C 1 7  ? -3.285  -4.909  24.838  1.00 30.91 ? 8   C   C "C4'" 1 
ATOM   697  O  "O4'" . C   C 1 7  ? -4.433  -5.729  25.155  1.00 32.23 ? 8   C   C "O4'" 1 
ATOM   698  C  "C3'" . C   C 1 7  ? -2.998  -4.166  26.133  1.00 31.03 ? 8   C   C "C3'" 1 
ATOM   699  O  "O3'" . C   C 1 7  ? -2.243  -2.988  25.899  1.00 31.12 ? 8   C   C "O3'" 1 
ATOM   700  C  "C2'" . C   C 1 7  ? -4.402  -3.916  26.695  1.00 32.13 ? 8   C   C "C2'" 1 
ATOM   701  O  "O2'" . C   C 1 7  ? -5.022  -2.839  26.023  1.00 32.87 ? 8   C   C "O2'" 1 
ATOM   702  C  "C1'" . C   C 1 7  ? -5.121  -5.197  26.273  1.00 33.52 ? 8   C   C "C1'" 1 
ATOM   703  N  N1    . C   C 1 7  ? -5.142  -6.226  27.351  1.00 35.52 ? 8   C   C N1    1 
ATOM   704  C  C2    . C   C 1 7  ? -6.234  -6.169  28.217  1.00 35.77 ? 8   C   C C2    1 
ATOM   705  O  O2    . C   C 1 7  ? -7.060  -5.266  28.081  1.00 37.05 ? 8   C   C O2    1 
ATOM   706  N  N3    . C   C 1 7  ? -6.357  -7.073  29.199  1.00 36.92 ? 8   C   C N3    1 
ATOM   707  C  C4    . C   C 1 7  ? -5.442  -8.013  29.337  1.00 37.85 ? 8   C   C C4    1 
ATOM   708  N  N4    . C   C 1 7  ? -5.671  -8.858  30.345  1.00 38.87 ? 8   C   C N4    1 
ATOM   709  C  C5    . C   C 1 7  ? -4.298  -8.141  28.453  1.00 37.12 ? 8   C   C C5    1 
ATOM   710  C  C6    . C   C 1 7  ? -4.203  -7.215  27.468  1.00 35.88 ? 8   C   C C6    1 
ATOM   711  P  P     . C   C 1 8  ? -1.066  -2.515  26.896  1.00 36.18 ? 9   C   C P     1 
ATOM   712  O  OP1   . C   C 1 8  ? -0.045  -1.895  26.080  1.00 37.24 ? 9   C   C OP1   1 
ATOM   713  O  OP2   . C   C 1 8  ? -0.704  -3.629  27.758  1.00 40.99 ? 9   C   C OP2   1 
ATOM   714  O  "O5'" . C   C 1 8  ? -1.820  -1.390  27.703  1.00 44.65 ? 9   C   C "O5'" 1 
ATOM   715  C  "C5'" . C   C 1 8  ? -2.213  -1.553  29.023  1.00 37.73 ? 9   C   C "C5'" 1 
ATOM   716  C  "C4'" . C   C 1 8  ? -1.659  -0.431  29.840  1.00 29.10 ? 9   C   C "C4'" 1 
ATOM   717  O  "O4'" . C   C 1 8  ? -0.358  -0.053  29.318  1.00 25.98 ? 9   C   C "O4'" 1 
ATOM   718  C  "C3'" . C   C 1 8  ? -2.426  0.877   29.812  1.00 26.87 ? 9   C   C "C3'" 1 
ATOM   719  O  "O3'" . C   C 1 8  ? -3.558  0.845   30.652  1.00 24.66 ? 9   C   C "O3'" 1 
ATOM   720  C  "C2'" . C   C 1 8  ? -1.368  1.832   30.332  1.00 29.29 ? 9   C   C "C2'" 1 
ATOM   721  O  "O2'" . C   C 1 8  ? -1.200  1.639   31.724  1.00 31.75 ? 9   C   C "O2'" 1 
ATOM   722  C  "C1'" . C   C 1 8  ? -0.114  1.308   29.646  1.00 27.77 ? 9   C   C "C1'" 1 
ATOM   723  N  N1    . C   C 1 8  ? 0.204   2.078   28.417  1.00 27.49 ? 9   C   C N1    1 
ATOM   724  C  C2    . C   C 1 8  ? 0.618   3.418   28.590  1.00 28.81 ? 9   C   C C2    1 
ATOM   725  O  O2    . C   C 1 8  ? 0.735   3.903   29.723  1.00 27.98 ? 9   C   C O2    1 
ATOM   726  N  N3    . C   C 1 8  ? 0.898   4.149   27.501  1.00 29.62 ? 9   C   C N3    1 
ATOM   727  C  C4    . C   C 1 8  ? 0.776   3.598   26.276  1.00 27.23 ? 9   C   C C4    1 
ATOM   728  N  N4    . C   C 1 8  ? 1.071   4.347   25.211  1.00 28.01 ? 9   C   C N4    1 
ATOM   729  C  C5    . C   C 1 8  ? 0.339   2.260   26.058  1.00 26.90 ? 9   C   C C5    1 
ATOM   730  C  C6    . C   C 1 8  ? 0.059   1.548   27.157  1.00 27.24 ? 9   C   C C6    1 
ATOM   731  P  P     . C   C 1 9  ? -5.019  1.236   30.129  1.00 33.08 ? 10  C   C P     1 
ATOM   732  O  OP1   . C   C 1 9  ? -5.928  1.121   31.306  1.00 32.12 ? 10  C   C OP1   1 
ATOM   733  O  OP2   . C   C 1 9  ? -5.272  0.417   28.921  1.00 29.86 ? 10  C   C OP2   1 
ATOM   734  O  "O5'" . C   C 1 9  ? -4.869  2.779   29.720  1.00 30.00 ? 10  C   C "O5'" 1 
ATOM   735  C  "C5'" . C   C 1 9  ? -4.473  3.744   30.682  1.00 30.49 ? 10  C   C "C5'" 1 
ATOM   736  C  "C4'" . C   C 1 9  ? -3.945  4.989   30.030  1.00 30.65 ? 10  C   C "C4'" 1 
ATOM   737  O  "O4'" . C   C 1 9  ? -2.752  4.678   29.258  1.00 28.46 ? 10  C   C "O4'" 1 
ATOM   738  C  "C3'" . C   C 1 9  ? -4.869  5.645   29.006  1.00 32.14 ? 10  C   C "C3'" 1 
ATOM   739  O  "O3'" . C   C 1 9  ? -5.914  6.397   29.609  1.00 32.49 ? 10  C   C "O3'" 1 
ATOM   740  C  "C2'" . C   C 1 9  ? -3.876  6.478   28.197  1.00 31.16 ? 10  C   C "C2'" 1 
ATOM   741  O  "O2'" . C   C 1 9  ? -3.462  7.609   28.937  1.00 29.91 ? 10  C   C "O2'" 1 
ATOM   742  C  "C1'" . C   C 1 9  ? -2.689  5.520   28.125  1.00 28.80 ? 10  C   C "C1'" 1 
ATOM   743  N  N1    . C   C 1 9  ? -2.728  4.673   26.901  1.00 28.73 ? 10  C   C N1    1 
ATOM   744  C  C2    . C   C 1 9  ? -2.276  5.215   25.698  1.00 29.54 ? 10  C   C C2    1 
ATOM   745  O  O2    . C   C 1 9  ? -1.829  6.380   25.693  1.00 29.11 ? 10  C   C O2    1 
ATOM   746  N  N3    . C   C 1 9  ? -2.298  4.466   24.571  1.00 27.38 ? 10  C   C N3    1 
ATOM   747  C  C4    . C   C 1 9  ? -2.782  3.237   24.588  1.00 27.47 ? 10  C   C C4    1 
ATOM   748  N  N4    . C   C 1 9  ? -2.782  2.551   23.419  1.00 24.78 ? 10  C   C N4    1 
ATOM   749  C  C5    . C   C 1 9  ? -3.271  2.663   25.799  1.00 26.55 ? 10  C   C C5    1 
ATOM   750  C  C6    . C   C 1 9  ? -3.231  3.417   26.915  1.00 27.87 ? 10  C   C C6    1 
ATOM   751  P  P     . A   C 1 10 ? -7.463  6.185   29.177  1.00 32.83 ? 11  A   C P     1 
ATOM   752  O  OP1   . A   C 1 10 ? -8.255  7.243   29.867  1.00 32.63 ? 11  A   C OP1   1 
ATOM   753  O  OP2   . A   C 1 10 ? -7.818  4.774   29.409  1.00 31.07 ? 11  A   C OP2   1 
ATOM   754  O  "O5'" . A   C 1 10 ? -7.447  6.455   27.600  1.00 34.90 ? 11  A   C "O5'" 1 
ATOM   755  C  "C5'" . A   C 1 10 ? -7.041  7.701   27.046  1.00 31.59 ? 11  A   C "C5'" 1 
ATOM   756  C  "C4'" . A   C 1 10 ? -6.713  7.540   25.573  1.00 28.30 ? 11  A   C "C4'" 1 
ATOM   757  O  "O4'" . A   C 1 10 ? -5.787  6.424   25.414  1.00 28.96 ? 11  A   C "O4'" 1 
ATOM   758  C  "C3'" . A   C 1 10 ? -7.892  7.170   24.677  1.00 30.31 ? 11  A   C "C3'" 1 
ATOM   759  O  "O3'" . A   C 1 10 ? -8.693  8.293   24.289  1.00 31.12 ? 11  A   C "O3'" 1 
ATOM   760  C  "C2'" . A   C 1 10 ? -7.225  6.438   23.517  1.00 30.66 ? 11  A   C "C2'" 1 
ATOM   761  O  "O2'" . A   C 1 10 ? -6.616  7.356   22.642  1.00 32.36 ? 11  A   C "O2'" 1 
ATOM   762  C  "C1'" . A   C 1 10 ? -6.106  5.686   24.243  1.00 29.97 ? 11  A   C "C1'" 1 
ATOM   763  N  N9    . A   C 1 10 ? -6.516  4.321   24.631  1.00 32.25 ? 11  A   C N9    1 
ATOM   764  C  C8    . A   C 1 10 ? -6.777  3.838   25.910  1.00 31.43 ? 11  A   C C8    1 
ATOM   765  N  N7    . A   C 1 10 ? -7.117  2.552   25.899  1.00 31.66 ? 11  A   C N7    1 
ATOM   766  C  C5    . A   C 1 10 ? -7.106  2.169   24.552  1.00 31.91 ? 11  A   C C5    1 
ATOM   767  C  C6    . A   C 1 10 ? -7.407  0.964   23.916  1.00 33.38 ? 11  A   C C6    1 
ATOM   768  N  N6    . A   C 1 10 ? -7.774  -0.141  24.594  1.00 35.45 ? 11  A   C N6    1 
ATOM   769  N  N1    . A   C 1 10 ? -7.316  0.903   22.557  1.00 32.73 ? 11  A   C N1    1 
ATOM   770  C  C2    . A   C 1 10 ? -6.955  2.015   21.902  1.00 34.19 ? 11  A   C C2    1 
ATOM   771  N  N3    . A   C 1 10 ? -6.645  3.221   22.418  1.00 35.27 ? 11  A   C N3    1 
ATOM   772  C  C4    . A   C 1 10 ? -6.741  3.243   23.763  1.00 32.53 ? 11  A   C C4    1 
ATOM   773  P  P     . C   C 1 11 ? -10.299 8.262   24.484  1.00 37.60 ? 12  C   C P     1 
ATOM   774  O  OP1   . C   C 1 11 ? -10.778 9.659   24.348  1.00 39.24 ? 12  C   C OP1   1 
ATOM   775  O  OP2   . C   C 1 11 ? -10.594 7.531   25.738  1.00 35.88 ? 12  C   C OP2   1 
ATOM   776  O  "O5'" . C   C 1 11 ? -10.800 7.387   23.251  1.00 35.60 ? 12  C   C "O5'" 1 
ATOM   777  C  "C5'" . C   C 1 11 ? -10.539 7.768   21.917  1.00 34.00 ? 12  C   C "C5'" 1 
ATOM   778  C  "C4'" . C   C 1 11 ? -10.695 6.590   20.991  1.00 32.44 ? 12  C   C "C4'" 1 
ATOM   779  O  "O4'" . C   C 1 11 ? -9.761  5.549   21.360  1.00 31.92 ? 12  C   C "O4'" 1 
ATOM   780  C  "C3'" . C   C 1 11 ? -12.046 5.891   21.013  1.00 31.79 ? 12  C   C "C3'" 1 
ATOM   781  O  "O3'" . C   C 1 11 ? -13.009 6.557   20.225  1.00 31.24 ? 12  C   C "O3'" 1 
ATOM   782  C  "C2'" . C   C 1 11 ? -11.695 4.490   20.504  1.00 35.09 ? 12  C   C "C2'" 1 
ATOM   783  O  "O2'" . C   C 1 11 ? -11.516 4.482   19.091  1.00 37.43 ? 12  C   C "O2'" 1 
ATOM   784  C  "C1'" . C   C 1 11 ? -10.334 4.274   21.135  1.00 31.81 ? 12  C   C "C1'" 1 
ATOM   785  N  N1    . C   C 1 11 ? -10.406 3.538   22.434  1.00 31.02 ? 12  C   C N1    1 
ATOM   786  C  C2    . C   C 1 11 ? -10.608 2.157   22.421  1.00 32.20 ? 12  C   C C2    1 
ATOM   787  O  O2    . C   C 1 11 ? -10.769 1.580   21.328  1.00 31.99 ? 12  C   C O2    1 
ATOM   788  N  N3    . C   C 1 11 ? -10.655 1.474   23.603  1.00 29.92 ? 12  C   C N3    1 
ATOM   789  C  C4    . C   C 1 11 ? -10.510 2.096   24.757  1.00 29.07 ? 12  C   C C4    1 
ATOM   790  N  N4    . C   C 1 11 ? -10.568 1.346   25.874  1.00 28.09 ? 12  C   C N4    1 
ATOM   791  C  C5    . C   C 1 11 ? -10.261 3.503   24.809  1.00 29.38 ? 12  C   C C5    1 
ATOM   792  C  C6    . C   C 1 11 ? -10.249 4.174   23.633  1.00 29.35 ? 12  C   C C6    1 
ATOM   793  P  P     . C   C 1 12 ? -14.515 6.788   20.742  1.00 40.37 ? 13  C   C P     1 
ATOM   794  O  OP1   . C   C 1 12 ? -15.243 7.533   19.669  1.00 43.14 ? 13  C   C OP1   1 
ATOM   795  O  OP2   . C   C 1 12 ? -14.483 7.390   22.093  1.00 37.70 ? 13  C   C OP2   1 
ATOM   796  O  "O5'" . C   C 1 12 ? -15.072 5.310   20.819  1.00 35.14 ? 13  C   C "O5'" 1 
ATOM   797  C  "C5'" . C   C 1 12 ? -15.307 4.571   19.616  1.00 34.84 ? 13  C   C "C5'" 1 
ATOM   798  C  "C4'" . C   C 1 12 ? -15.741 3.156   19.907  1.00 35.83 ? 13  C   C "C4'" 1 
ATOM   799  O  "O4'" . C   C 1 12 ? -14.655 2.407   20.538  1.00 35.52 ? 13  C   C "O4'" 1 
ATOM   800  C  "C3'" . C   C 1 12 ? -16.919 2.989   20.853  1.00 34.08 ? 13  C   C "C3'" 1 
ATOM   801  O  "O3'" . C   C 1 12 ? -18.151 3.113   20.190  1.00 36.82 ? 13  C   C "O3'" 1 
ATOM   802  C  "C2'" . C   C 1 12 ? -16.706 1.594   21.405  1.00 34.78 ? 13  C   C "C2'" 1 
ATOM   803  O  "O2'" . C   C 1 12 ? -17.135 0.626   20.453  1.00 35.72 ? 13  C   C "O2'" 1 
ATOM   804  C  "C1'" . C   C 1 12 ? -15.190 1.533   21.509  1.00 33.81 ? 13  C   C "C1'" 1 
ATOM   805  N  N1    . C   C 1 12 ? -14.691 1.980   22.828  1.00 30.46 ? 13  C   C N1    1 
ATOM   806  C  C2    . C   C 1 12 ? -14.695 1.034   23.859  1.00 30.77 ? 13  C   C C2    1 
ATOM   807  O  O2    . C   C 1 12 ? -15.182 -0.075  23.634  1.00 31.36 ? 13  C   C O2    1 
ATOM   808  N  N3    . C   C 1 12 ? -14.179 1.370   25.060  1.00 28.24 ? 13  C   C N3    1 
ATOM   809  C  C4    . C   C 1 12 ? -13.718 2.612   25.273  1.00 27.62 ? 13  C   C C4    1 
ATOM   810  N  N4    . C   C 1 12 ? -13.227 2.864   26.496  1.00 27.47 ? 13  C   C N4    1 
ATOM   811  C  C5    . C   C 1 12 ? -13.725 3.616   24.231  1.00 29.29 ? 13  C   C C5    1 
ATOM   812  C  C6    . C   C 1 12 ? -14.213 3.252   23.034  1.00 28.06 ? 13  C   C C6    1 
ATOM   813  P  P     . U   C 1 13 ? -19.379 3.879   20.874  1.00 41.29 ? 14  U   C P     1 
ATOM   814  O  OP1   . U   C 1 13 ? -20.413 4.091   19.823  1.00 41.26 ? 14  U   C OP1   1 
ATOM   815  O  OP2   . U   C 1 13 ? -18.830 5.051   21.571  1.00 41.51 ? 14  U   C OP2   1 
ATOM   816  O  "O5'" . U   C 1 13 ? -19.926 2.808   21.938  1.00 42.34 ? 14  U   C "O5'" 1 
ATOM   817  C  "C5'" . U   C 1 13 ? -20.417 1.536   21.510  1.00 40.70 ? 14  U   C "C5'" 1 
ATOM   818  C  "C4'" . U   C 1 13 ? -20.676 0.601   22.679  1.00 39.44 ? 14  U   C "C4'" 1 
ATOM   819  O  "O4'" . U   C 1 13 ? -19.416 0.158   23.255  1.00 36.80 ? 14  U   C "O4'" 1 
ATOM   820  C  "C3'" . U   C 1 13 ? -21.441 1.187   23.869  1.00 39.77 ? 14  U   C "C3'" 1 
ATOM   821  O  "O3'" . U   C 1 13 ? -22.845 1.213   23.681  1.00 42.03 ? 14  U   C "O3'" 1 
ATOM   822  C  "C2'" . U   C 1 13 ? -21.032 0.259   24.989  1.00 38.48 ? 14  U   C "C2'" 1 
ATOM   823  O  "O2'" . U   C 1 13 ? -21.692 -0.981  24.848  1.00 37.40 ? 14  U   C "O2'" 1 
ATOM   824  C  "C1'" . U   C 1 13 ? -19.559 0.035   24.661  1.00 37.19 ? 14  U   C "C1'" 1 
ATOM   825  N  N1    . U   C 1 13 ? -18.675 1.012   25.328  1.00 34.01 ? 14  U   C N1    1 
ATOM   826  C  C2    . U   C 1 13 ? -18.336 0.748   26.645  1.00 33.91 ? 14  U   C C2    1 
ATOM   827  O  O2    . U   C 1 13 ? -18.782 -0.199  27.257  1.00 31.90 ? 14  U   C O2    1 
ATOM   828  N  N3    . U   C 1 13 ? -17.466 1.646   27.230  1.00 33.54 ? 14  U   C N3    1 
ATOM   829  C  C4    . U   C 1 13 ? -16.914 2.769   26.630  1.00 34.11 ? 14  U   C C4    1 
ATOM   830  O  O4    . U   C 1 13 ? -16.120 3.466   27.260  1.00 33.79 ? 14  U   C O4    1 
ATOM   831  C  C5    . U   C 1 13 ? -17.297 2.972   25.264  1.00 32.46 ? 14  U   C C5    1 
ATOM   832  C  C6    . U   C 1 13 ? -18.132 2.104   24.673  1.00 33.60 ? 14  U   C C6    1 
ATOM   833  P  P     . C   C 1 14 ? -23.740 2.317   24.433  1.00 40.95 ? 15  C   C P     1 
ATOM   834  O  OP1   . C   C 1 14 ? -25.095 2.212   23.868  1.00 42.00 ? 15  C   C OP1   1 
ATOM   835  O  OP2   . C   C 1 14 ? -23.026 3.604   24.322  1.00 42.99 ? 15  C   C OP2   1 
ATOM   836  O  "O5'" . C   C 1 14 ? -23.737 1.854   25.959  1.00 42.02 ? 15  C   C "O5'" 1 
ATOM   837  C  "C5'" . C   C 1 14 ? -24.248 0.592   26.356  1.00 41.63 ? 15  C   C "C5'" 1 
ATOM   838  C  "C4'" . C   C 1 14 ? -23.928 0.292   27.804  1.00 40.19 ? 15  C   C "C4'" 1 
ATOM   839  O  "O4'" . C   C 1 14 ? -22.499 0.091   27.979  1.00 39.09 ? 15  C   C "O4'" 1 
ATOM   840  C  "C3'" . C   C 1 14 ? -24.253 1.383   28.804  1.00 41.40 ? 15  C   C "C3'" 1 
ATOM   841  O  "O3'" . C   C 1 14 ? -25.629 1.449   29.132  1.00 43.03 ? 15  C   C "O3'" 1 
ATOM   842  C  "C2'" . C   C 1 14 ? -23.354 1.009   29.976  1.00 42.75 ? 15  C   C "C2'" 1 
ATOM   843  O  "O2'" . C   C 1 14 ? -23.860 -0.126  30.667  1.00 44.50 ? 15  C   C "O2'" 1 
ATOM   844  C  "C1'" . C   C 1 14 ? -22.097 0.584   29.241  1.00 38.08 ? 15  C   C "C1'" 1 
ATOM   845  N  N1    . C   C 1 14 ? -21.181 1.729   29.033  1.00 35.06 ? 15  C   C N1    1 
ATOM   846  C  C2    . C   C 1 14 ? -20.347 2.018   30.104  1.00 34.50 ? 15  C   C C2    1 
ATOM   847  O  O2    . C   C 1 14 ? -20.475 1.312   31.110  1.00 34.56 ? 15  C   C O2    1 
ATOM   848  N  N3    . C   C 1 14 ? -19.459 3.039   30.012  1.00 30.46 ? 15  C   C N3    1 
ATOM   849  C  C4    . C   C 1 14 ? -19.410 3.779   28.923  1.00 30.68 ? 15  C   C C4    1 
ATOM   850  N  N4    . C   C 1 14 ? -18.512 4.772   28.912  1.00 31.20 ? 15  C   C N4    1 
ATOM   851  C  C5    . C   C 1 14 ? -20.255 3.520   27.803  1.00 31.27 ? 15  C   C C5    1 
ATOM   852  C  C6    . C   C 1 14 ? -21.129 2.493   27.906  1.00 31.76 ? 15  C   C C6    1 
ATOM   853  P  P     . G   C 1 15 ? -26.280 2.842   29.621  1.00 48.05 ? 16  G   C P     1 
ATOM   854  O  OP1   . G   C 1 15 ? -27.735 2.647   29.661  1.00 47.83 ? 16  G   C OP1   1 
ATOM   855  O  OP2   . G   C 1 15 ? -25.731 3.906   28.769  1.00 48.71 ? 16  G   C OP2   1 
ATOM   856  O  "O5'" . G   C 1 15 ? -25.723 3.004   31.100  1.00 40.76 ? 16  G   C "O5'" 1 
ATOM   857  C  "C5'" . G   C 1 15 ? -25.943 2.006   32.081  1.00 39.34 ? 16  G   C "C5'" 1 
ATOM   858  C  "C4'" . G   C 1 15 ? -25.203 2.336   33.347  1.00 38.33 ? 16  G   C "C4'" 1 
ATOM   859  O  "O4'" . G   C 1 15 ? -23.772 2.274   33.117  1.00 38.02 ? 16  G   C "O4'" 1 
ATOM   860  C  "C3'" . G   C 1 15 ? -25.420 3.735   33.893  1.00 38.92 ? 16  G   C "C3'" 1 
ATOM   861  O  "O3'" . G   C 1 15 ? -26.632 3.832   34.621  1.00 41.42 ? 16  G   C "O3'" 1 
ATOM   862  C  "C2'" . G   C 1 15 ? -24.183 3.923   34.762  1.00 37.25 ? 16  G   C "C2'" 1 
ATOM   863  O  "O2'" . G   C 1 15 ? -24.330 3.189   35.959  1.00 37.16 ? 16  G   C "O2'" 1 
ATOM   864  C  "C1'" . G   C 1 15 ? -23.117 3.222   33.938  1.00 36.47 ? 16  G   C "C1'" 1 
ATOM   865  N  N9    . G   C 1 15 ? -22.324 4.155   33.095  1.00 32.40 ? 16  G   C N9    1 
ATOM   866  C  C8    . G   C 1 15 ? -22.354 4.380   31.747  1.00 35.14 ? 16  G   C C8    1 
ATOM   867  N  N7    . G   C 1 15 ? -21.475 5.272   31.316  1.00 35.19 ? 16  G   C N7    1 
ATOM   868  C  C5    . G   C 1 15 ? -20.834 5.669   32.486  1.00 32.11 ? 16  G   C C5    1 
ATOM   869  C  C6    . G   C 1 15 ? -19.779 6.595   32.688  1.00 31.90 ? 16  G   C C6    1 
ATOM   870  O  O6    . G   C 1 15 ? -19.207 7.290   31.862  1.00 31.86 ? 16  G   C O6    1 
ATOM   871  N  N1    . G   C 1 15 ? -19.409 6.695   34.023  1.00 31.79 ? 16  G   C N1    1 
ATOM   872  C  C2    . G   C 1 15 ? -19.990 5.976   35.045  1.00 32.83 ? 16  G   C C2    1 
ATOM   873  N  N2    . G   C 1 15 ? -19.553 6.219   36.290  1.00 31.76 ? 16  G   C N2    1 
ATOM   874  N  N3    . G   C 1 15 ? -20.983 5.103   34.866  1.00 32.02 ? 16  G   C N3    1 
ATOM   875  C  C4    . G   C 1 15 ? -21.356 5.007   33.570  1.00 32.16 ? 16  G   C C4    1 
ATOM   876  P  P     . C   C 1 16 ? -27.477 5.225   34.696  1.00 43.52 ? 17  C   C P     1 
ATOM   877  O  OP1   . C   C 1 16 ? -28.750 4.907   35.331  1.00 44.94 ? 17  C   C OP1   1 
ATOM   878  O  OP2   . C   C 1 16 ? -27.473 5.831   33.341  1.00 41.94 ? 17  C   C OP2   1 
ATOM   879  O  "O5'" . C   C 1 16 ? -26.592 6.112   35.677  1.00 38.97 ? 17  C   C "O5'" 1 
ATOM   880  C  "C5'" . C   C 1 16 ? -26.191 5.637   36.939  1.00 38.06 ? 17  C   C "C5'" 1 
ATOM   881  C  "C4'" . C   C 1 16 ? -25.122 6.529   37.507  1.00 38.39 ? 17  C   C "C4'" 1 
ATOM   882  O  "O4'" . C   C 1 16 ? -23.903 6.378   36.742  1.00 36.42 ? 17  C   C "O4'" 1 
ATOM   883  C  "C3'" . C   C 1 16 ? -25.396 8.019   37.393  1.00 35.82 ? 17  C   C "C3'" 1 
ATOM   884  O  "O3'" . C   C 1 16 ? -26.298 8.489   38.354  1.00 36.62 ? 17  C   C "O3'" 1 
ATOM   885  C  "C2'" . C   C 1 16 ? -24.010 8.614   37.519  1.00 35.26 ? 17  C   C "C2'" 1 
ATOM   886  O  "O2'" . C   C 1 16 ? -23.566 8.544   38.851  1.00 35.03 ? 17  C   C "O2'" 1 
ATOM   887  C  "C1'" . C   C 1 16 ? -23.195 7.608   36.733  1.00 34.31 ? 17  C   C "C1'" 1 
ATOM   888  N  N1    . C   C 1 16 ? -22.927 8.048   35.345  1.00 34.30 ? 17  C   C N1    1 
ATOM   889  C  C2    . C   C 1 16 ? -21.857 8.956   35.249  1.00 34.10 ? 17  C   C C2    1 
ATOM   890  O  O2    . C   C 1 16 ? -21.267 9.292   36.312  1.00 33.97 ? 17  C   C O2    1 
ATOM   891  N  N3    . C   C 1 16 ? -21.497 9.429   34.022  1.00 34.06 ? 17  C   C N3    1 
ATOM   892  C  C4    . C   C 1 16 ? -22.165 9.015   32.929  1.00 37.13 ? 17  C   C C4    1 
ATOM   893  N  N4    . C   C 1 16 ? -21.785 9.468   31.721  1.00 34.18 ? 17  C   C N4    1 
ATOM   894  C  C5    . C   C 1 16 ? -23.280 8.125   33.018  1.00 34.49 ? 17  C   C C5    1 
ATOM   895  C  C6    . C   C 1 16 ? -23.617 7.661   34.231  1.00 34.51 ? 17  C   C C6    1 
ATOM   896  O  "O5'" . C   D 2 1  ? -12.196 11.511  36.850  1.00 40.51 ? 35  C   D "O5'" 1 
ATOM   897  C  "C5'" . C   D 2 1  ? -12.853 12.062  37.980  1.00 39.57 ? 35  C   D "C5'" 1 
ATOM   898  C  "C4'" . C   D 2 1  ? -14.014 11.201  38.405  1.00 37.02 ? 35  C   D "C4'" 1 
ATOM   899  O  "O4'" . C   D 2 1  ? -15.136 11.391  37.497  1.00 37.07 ? 35  C   D "O4'" 1 
ATOM   900  C  "C3'" . C   D 2 1  ? -13.773 9.699   38.357  1.00 34.61 ? 35  C   D "C3'" 1 
ATOM   901  O  "O3'" . C   D 2 1  ? -13.037 9.236   39.472  1.00 32.76 ? 35  C   D "O3'" 1 
ATOM   902  C  "C2'" . C   D 2 1  ? -15.189 9.150   38.298  1.00 34.68 ? 35  C   D "C2'" 1 
ATOM   903  O  "O2'" . C   D 2 1  ? -15.784 9.219   39.580  1.00 36.25 ? 35  C   D "O2'" 1 
ATOM   904  C  "C1'" . C   D 2 1  ? -15.882 10.196  37.419  1.00 35.91 ? 35  C   D "C1'" 1 
ATOM   905  N  N1    . C   D 2 1  ? -16.006 9.785   36.008  1.00 33.69 ? 35  C   D N1    1 
ATOM   906  C  C2    . C   D 2 1  ? -17.013 8.861   35.726  1.00 31.63 ? 35  C   D C2    1 
ATOM   907  O  O2    . C   D 2 1  ? -17.695 8.416   36.696  1.00 33.36 ? 35  C   D O2    1 
ATOM   908  N  N3    . C   D 2 1  ? -17.253 8.533   34.445  1.00 31.52 ? 35  C   D N3    1 
ATOM   909  C  C4    . C   D 2 1  ? -16.491 9.037   33.459  1.00 32.21 ? 35  C   D C4    1 
ATOM   910  N  N4    . C   D 2 1  ? -16.744 8.655   32.192  1.00 31.52 ? 35  C   D N4    1 
ATOM   911  C  C5    . C   D 2 1  ? -15.450 9.983   33.724  1.00 32.26 ? 35  C   D C5    1 
ATOM   912  C  C6    . C   D 2 1  ? -15.247 10.341  35.007  1.00 34.04 ? 35  C   D C6    1 
ATOM   913  P  P     . G   D 2 2  ? -12.137 7.916   39.361  1.00 36.88 ? 36  G   D P     1 
ATOM   914  O  OP1   . G   D 2 2  ? -11.407 7.790   40.644  1.00 38.57 ? 36  G   D OP1   1 
ATOM   915  O  OP2   . G   D 2 2  ? -11.372 7.979   38.111  1.00 36.11 ? 36  G   D OP2   1 
ATOM   916  O  "O5'" . G   D 2 2  ? -13.224 6.763   39.255  1.00 36.02 ? 36  G   D "O5'" 1 
ATOM   917  C  "C5'" . G   D 2 2  ? -13.099 5.732   38.301  1.00 33.59 ? 36  G   D "C5'" 1 
ATOM   918  C  "C4'" . G   D 2 2  ? -14.332 4.877   38.267  1.00 30.25 ? 36  G   D "C4'" 1 
ATOM   919  O  "O4'" . G   D 2 2  ? -15.427 5.587   37.609  1.00 31.95 ? 36  G   D "O4'" 1 
ATOM   920  C  "C3'" . G   D 2 2  ? -14.191 3.583   37.498  1.00 28.50 ? 36  G   D "C3'" 1 
ATOM   921  O  "O3'" . G   D 2 2  ? -13.570 2.586   38.285  1.00 29.18 ? 36  G   D "O3'" 1 
ATOM   922  C  "C2'" . G   D 2 2  ? -15.647 3.268   37.112  1.00 29.51 ? 36  G   D "C2'" 1 
ATOM   923  O  "O2'" . G   D 2 2  ? -16.363 2.720   38.206  1.00 31.00 ? 36  G   D "O2'" 1 
ATOM   924  C  "C1'" . G   D 2 2  ? -16.195 4.675   36.844  1.00 30.01 ? 36  G   D "C1'" 1 
ATOM   925  N  N9    . G   D 2 2  ? -16.086 5.027   35.417  1.00 29.65 ? 36  G   D N9    1 
ATOM   926  C  C8    . G   D 2 2  ? -15.214 5.904   34.768  1.00 29.56 ? 36  G   D C8    1 
ATOM   927  N  N7    . G   D 2 2  ? -15.358 5.932   33.462  1.00 29.56 ? 36  G   D N7    1 
ATOM   928  C  C5    . G   D 2 2  ? -16.427 5.045   33.243  1.00 29.70 ? 36  G   D C5    1 
ATOM   929  C  C6    . G   D 2 2  ? -17.067 4.681   32.050  1.00 29.83 ? 36  G   D C6    1 
ATOM   930  O  O6    . G   D 2 2  ? -16.815 5.084   30.933  1.00 29.82 ? 36  G   D O6    1 
ATOM   931  N  N1    . G   D 2 2  ? -18.062 3.740   32.215  1.00 29.99 ? 36  G   D N1    1 
ATOM   932  C  C2    . G   D 2 2  ? -18.421 3.204   33.422  1.00 31.48 ? 36  G   D C2    1 
ATOM   933  N  N2    . G   D 2 2  ? -19.395 2.286   33.371  1.00 30.20 ? 36  G   D N2    1 
ATOM   934  N  N3    . G   D 2 2  ? -17.839 3.557   34.591  1.00 31.12 ? 36  G   D N3    1 
ATOM   935  C  C4    . G   D 2 2  ? -16.876 4.480   34.421  1.00 29.75 ? 36  G   D C4    1 
ATOM   936  P  P     . A   D 2 3  ? -12.733 1.389   37.635  1.00 33.47 ? 37  A   D P     1 
ATOM   937  O  OP1   . A   D 2 3  ? -12.187 0.614   38.785  1.00 33.35 ? 37  A   D OP1   1 
ATOM   938  O  OP2   . A   D 2 3  ? -11.781 1.984   36.652  1.00 32.81 ? 37  A   D OP2   1 
ATOM   939  O  "O5'" . A   D 2 3  ? -13.833 0.547   36.878  1.00 35.32 ? 37  A   D "O5'" 1 
ATOM   940  C  "C5'" . A   D 2 3  ? -14.869 -0.096  37.599  1.00 34.25 ? 37  A   D "C5'" 1 
ATOM   941  C  "C4'" . A   D 2 3  ? -15.851 -0.754  36.687  1.00 34.62 ? 37  A   D "C4'" 1 
ATOM   942  O  "O4'" . A   D 2 3  ? -16.515 0.248   35.899  1.00 35.69 ? 37  A   D "O4'" 1 
ATOM   943  C  "C3'" . A   D 2 3  ? -15.273 -1.685  35.644  1.00 34.64 ? 37  A   D "C3'" 1 
ATOM   944  O  "O3'" . A   D 2 3  ? -14.925 -2.939  36.168  1.00 37.38 ? 37  A   D "O3'" 1 
ATOM   945  C  "C2'" . A   D 2 3  ? -16.377 -1.712  34.586  1.00 35.41 ? 37  A   D "C2'" 1 
ATOM   946  O  "O2'" . A   D 2 3  ? -17.501 -2.514  34.987  1.00 38.19 ? 37  A   D "O2'" 1 
ATOM   947  C  "C1'" . A   D 2 3  ? -16.816 -0.262  34.625  1.00 33.16 ? 37  A   D "C1'" 1 
ATOM   948  N  N9    . A   D 2 3  ? -16.110 0.557   33.655  1.00 32.02 ? 37  A   D N9    1 
ATOM   949  C  C8    . A   D 2 3  ? -15.092 1.430   33.904  1.00 30.59 ? 37  A   D C8    1 
ATOM   950  N  N7    . A   D 2 3  ? -14.713 2.067   32.819  1.00 30.76 ? 37  A   D N7    1 
ATOM   951  C  C5    . A   D 2 3  ? -15.585 1.566   31.838  1.00 31.07 ? 37  A   D C5    1 
ATOM   952  C  C6    . A   D 2 3  ? -15.711 1.857   30.482  1.00 29.62 ? 37  A   D C6    1 
ATOM   953  N  N6    . A   D 2 3  ? -14.939 2.743   29.878  1.00 28.20 ? 37  A   D N6    1 
ATOM   954  N  N1    . A   D 2 3  ? -16.616 1.187   29.790  1.00 28.84 ? 37  A   D N1    1 
ATOM   955  C  C2    . A   D 2 3  ? -17.416 0.306   30.431  1.00 30.96 ? 37  A   D C2    1 
ATOM   956  N  N3    . A   D 2 3  ? -17.432 -0.029  31.733  1.00 30.44 ? 37  A   D N3    1 
ATOM   957  C  C4    . A   D 2 3  ? -16.468 0.643   32.351  1.00 28.32 ? 37  A   D C4    1 
ATOM   958  P  P     . G   D 2 4  ? -13.732 -3.789  35.508  1.00 38.35 ? 38  G   D P     1 
ATOM   959  O  OP1   . G   D 2 4  ? -13.534 -4.991  36.358  1.00 40.58 ? 38  G   D OP1   1 
ATOM   960  O  OP2   . G   D 2 4  ? -12.582 -2.886  35.301  1.00 34.51 ? 38  G   D OP2   1 
ATOM   961  O  "O5'" . G   D 2 4  ? -14.365 -4.207  34.103  1.00 36.16 ? 38  G   D "O5'" 1 
ATOM   962  C  "C5'" . G   D 2 4  ? -15.541 -5.013  34.035  1.00 36.35 ? 38  G   D "C5'" 1 
ATOM   963  C  "C4'" . G   D 2 4  ? -16.003 -5.215  32.607  1.00 37.32 ? 38  G   D "C4'" 1 
ATOM   964  O  "O4'" . G   D 2 4  ? -16.512 -3.957  32.051  1.00 36.04 ? 38  G   D "O4'" 1 
ATOM   965  C  "C3'" . G   D 2 4  ? -14.932 -5.677  31.616  1.00 37.77 ? 38  G   D "C3'" 1 
ATOM   966  O  "O3'" . G   D 2 4  ? -14.691 -7.088  31.696  1.00 39.13 ? 38  G   D "O3'" 1 
ATOM   967  C  "C2'" . G   D 2 4  ? -15.536 -5.244  30.291  1.00 36.23 ? 38  G   D "C2'" 1 
ATOM   968  O  "O2'" . G   D 2 4  ? -16.548 -6.153  29.907  1.00 39.42 ? 38  G   D "O2'" 1 
ATOM   969  C  "C1'" . G   D 2 4  ? -16.198 -3.893  30.673  1.00 32.93 ? 38  G   D "C1'" 1 
ATOM   970  N  N9    . G   D 2 4  ? -15.269 -2.762  30.439  1.00 27.85 ? 38  G   D N9    1 
ATOM   971  C  C8    . G   D 2 4  ? -14.298 -2.260  31.248  1.00 27.14 ? 38  G   D C8    1 
ATOM   972  N  N7    . G   D 2 4  ? -13.610 -1.281  30.706  1.00 26.88 ? 38  G   D N7    1 
ATOM   973  C  C5    . G   D 2 4  ? -14.086 -1.188  29.422  1.00 27.58 ? 38  G   D C5    1 
ATOM   974  C  C6    . G   D 2 4  ? -13.716 -0.308  28.356  1.00 27.95 ? 38  G   D C6    1 
ATOM   975  O  O6    . G   D 2 4  ? -12.811 0.532   28.357  1.00 27.32 ? 38  G   D O6    1 
ATOM   976  N  N1    . G   D 2 4  ? -14.474 -0.507  27.221  1.00 27.14 ? 38  G   D N1    1 
ATOM   977  C  C2    . G   D 2 4  ? -15.470 -1.438  27.133  1.00 31.35 ? 38  G   D C2    1 
ATOM   978  N  N2    . G   D 2 4  ? -16.117 -1.504  25.945  1.00 27.72 ? 38  G   D N2    1 
ATOM   979  N  N3    . G   D 2 4  ? -15.815 -2.264  28.138  1.00 29.65 ? 38  G   D N3    1 
ATOM   980  C  C4    . G   D 2 4  ? -15.099 -2.086  29.243  1.00 28.06 ? 38  G   D C4    1 
ATOM   981  P  P     . A   D 2 5  ? -13.246 -7.737  31.360  1.00 46.82 ? 39  A   D P     1 
ATOM   982  O  OP1   . A   D 2 5  ? -13.316 -9.130  31.813  1.00 50.07 ? 39  A   D OP1   1 
ATOM   983  O  OP2   . A   D 2 5  ? -12.190 -6.865  31.901  1.00 44.41 ? 39  A   D OP2   1 
ATOM   984  O  "O5'" . A   D 2 5  ? -13.181 -7.697  29.778  1.00 38.67 ? 39  A   D "O5'" 1 
ATOM   985  C  "C5'" . A   D 2 5  ? -14.157 -8.355  28.993  1.00 34.88 ? 39  A   D "C5'" 1 
ATOM   986  C  "C4'" . A   D 2 5  ? -14.259 -7.723  27.641  1.00 31.60 ? 39  A   D "C4'" 1 
ATOM   987  O  "O4'" . A   D 2 5  ? -12.974 -7.813  26.964  1.00 31.45 ? 39  A   D "O4'" 1 
ATOM   988  C  "C3'" . A   D 2 5  ? -15.300 -8.342  26.709  1.00 32.64 ? 39  A   D "C3'" 1 
ATOM   989  O  "O3'" . A   D 2 5  ? -15.954 -7.282  26.028  1.00 34.73 ? 39  A   D "O3'" 1 
ATOM   990  C  "C2'" . A   D 2 5  ? -14.435 -9.133  25.721  1.00 31.52 ? 39  A   D "C2'" 1 
ATOM   991  O  "O2'" . A   D 2 5  ? -15.039 -9.313  24.440  1.00 32.54 ? 39  A   D "O2'" 1 
ATOM   992  C  "C1'" . A   D 2 5  ? -13.176 -8.261  25.659  1.00 31.20 ? 39  A   D "C1'" 1 
ATOM   993  N  N9    . A   D 2 5  ? -11.979 -8.958  25.211  1.00 31.76 ? 39  A   D N9    1 
ATOM   994  C  C8    . A   D 2 5  ? -11.405 -10.102 25.718  1.00 29.20 ? 39  A   D C8    1 
ATOM   995  N  N7    . A   D 2 5  ? -10.401 -10.502 25.012  1.00 28.24 ? 39  A   D N7    1 
ATOM   996  C  C5    . A   D 2 5  ? -10.302 -9.588  23.971  1.00 27.36 ? 39  A   D C5    1 
ATOM   997  C  C6    . A   D 2 5  ? -9.436  -9.474  22.878  1.00 25.29 ? 39  A   D C6    1 
ATOM   998  N  N6    . A   D 2 5  ? -8.443  -10.337 22.648  1.00 24.33 ? 39  A   D N6    1 
ATOM   999  N  N1    . A   D 2 5  ? -9.588  -8.442  22.022  1.00 25.92 ? 39  A   D N1    1 
ATOM   1000 C  C2    . A   D 2 5  ? -10.605 -7.587  22.218  1.00 27.81 ? 39  A   D C2    1 
ATOM   1001 N  N3    . A   D 2 5  ? -11.504 -7.612  23.216  1.00 29.11 ? 39  A   D N3    1 
ATOM   1002 C  C4    . A   D 2 5  ? -11.274 -8.625  24.073  1.00 29.88 ? 39  A   D C4    1 
ATOM   1003 P  P     . G   D 2 6  ? -17.506 -7.341  25.668  1.00 43.81 ? 40  G   D P     1 
ATOM   1004 O  OP1   . G   D 2 6  ? -18.073 -6.011  25.986  1.00 45.04 ? 40  G   D OP1   1 
ATOM   1005 O  OP2   . G   D 2 6  ? -18.085 -8.543  26.339  1.00 45.23 ? 40  G   D OP2   1 
ATOM   1006 O  "O5'" . G   D 2 6  ? -17.479 -7.556  24.090  1.00 43.75 ? 40  G   D "O5'" 1 
ATOM   1007 C  "C5'" . G   D 2 6  ? -18.185 -6.682  23.207  1.00 41.86 ? 40  G   D "C5'" 1 
ATOM   1008 C  "C4'" . G   D 2 6  ? -17.248 -6.016  22.219  1.00 39.66 ? 40  G   D "C4'" 1 
ATOM   1009 O  "O4'" . G   D 2 6  ? -16.604 -4.882  22.875  1.00 35.94 ? 40  G   D "O4'" 1 
ATOM   1010 C  "C3'" . G   D 2 6  ? -16.113 -6.910  21.671  1.00 39.15 ? 40  G   D "C3'" 1 
ATOM   1011 O  "O3'" . G   D 2 6  ? -15.986 -6.744  20.252  1.00 42.43 ? 40  G   D "O3'" 1 
ATOM   1012 C  "C2'" . G   D 2 6  ? -14.864 -6.334  22.347  1.00 36.78 ? 40  G   D "C2'" 1 
ATOM   1013 O  "O2'" . G   D 2 6  ? -13.686 -6.455  21.585  1.00 38.63 ? 40  G   D "O2'" 1 
ATOM   1014 C  "C1'" . G   D 2 6  ? -15.250 -4.862  22.538  1.00 33.57 ? 40  G   D "C1'" 1 
ATOM   1015 N  N9    . G   D 2 6  ? -14.488 -4.181  23.593  1.00 31.07 ? 40  G   D N9    1 
ATOM   1016 C  C8    . G   D 2 6  ? -14.341 -4.532  24.929  1.00 29.08 ? 40  G   D C8    1 
ATOM   1017 N  N7    . G   D 2 6  ? -13.499 -3.751  25.571  1.00 28.61 ? 40  G   D N7    1 
ATOM   1018 C  C5    . G   D 2 6  ? -13.080 -2.834  24.624  1.00 30.24 ? 40  G   D C5    1 
ATOM   1019 C  C6    . G   D 2 6  ? -12.171 -1.726  24.728  1.00 29.97 ? 40  G   D C6    1 
ATOM   1020 O  O6    . G   D 2 6  ? -11.516 -1.336  25.726  1.00 27.28 ? 40  G   D O6    1 
ATOM   1021 N  N1    . G   D 2 6  ? -12.035 -1.071  23.498  1.00 26.08 ? 40  G   D N1    1 
ATOM   1022 C  C2    . G   D 2 6  ? -12.651 -1.410  22.343  1.00 30.23 ? 40  G   D C2    1 
ATOM   1023 N  N2    . G   D 2 6  ? -12.352 -0.650  21.263  1.00 28.78 ? 40  G   D N2    1 
ATOM   1024 N  N3    . G   D 2 6  ? -13.497 -2.416  22.250  1.00 30.56 ? 40  G   D N3    1 
ATOM   1025 C  C4    . G   D 2 6  ? -13.666 -3.093  23.405  1.00 30.98 ? 40  G   D C4    1 
ATOM   1026 P  P     . G   D 2 7  ? -16.132 -8.004  19.241  1.00 44.94 ? 41  G   D P     1 
ATOM   1027 O  OP1   . G   D 2 7  ? -16.467 -7.446  17.914  1.00 46.31 ? 41  G   D OP1   1 
ATOM   1028 O  OP2   . G   D 2 7  ? -17.076 -8.964  19.880  1.00 43.87 ? 41  G   D OP2   1 
ATOM   1029 O  "O5'" . G   D 2 7  ? -14.672 -8.636  19.212  1.00 36.87 ? 41  G   D "O5'" 1 
ATOM   1030 C  "C5'" . G   D 2 7  ? -13.693 -8.230  18.253  1.00 33.09 ? 41  G   D "C5'" 1 
ATOM   1031 C  "C4'" . G   D 2 7  ? -12.517 -9.159  18.241  1.00 34.84 ? 41  G   D "C4'" 1 
ATOM   1032 O  "O4'" . G   D 2 7  ? -11.808 -9.112  19.505  1.00 34.89 ? 41  G   D "O4'" 1 
ATOM   1033 C  "C3'" . G   D 2 7  ? -12.834 -10.627 18.044  1.00 36.24 ? 41  G   D "C3'" 1 
ATOM   1034 O  "O3'" . G   D 2 7  ? -13.029 -10.931 16.691  1.00 38.19 ? 41  G   D "O3'" 1 
ATOM   1035 C  "C2'" . G   D 2 7  ? -11.613 -11.307 18.648  1.00 35.75 ? 41  G   D "C2'" 1 
ATOM   1036 O  "O2'" . G   D 2 7  ? -10.504 -11.220 17.764  1.00 36.33 ? 41  G   D "O2'" 1 
ATOM   1037 C  "C1'" . G   D 2 7  ? -11.335 -10.402 19.833  1.00 32.99 ? 41  G   D "C1'" 1 
ATOM   1038 N  N9    . G   D 2 7  ? -12.005 -10.858 21.081  1.00 29.11 ? 41  G   D N9    1 
ATOM   1039 C  C8    . G   D 2 7  ? -13.035 -10.231 21.755  1.00 28.26 ? 41  G   D C8    1 
ATOM   1040 N  N7    . G   D 2 7  ? -13.405 -10.826 22.874  1.00 27.02 ? 41  G   D N7    1 
ATOM   1041 C  C5    . G   D 2 7  ? -12.539 -11.939 22.901  1.00 27.54 ? 41  G   D C5    1 
ATOM   1042 C  C6    . G   D 2 7  ? -12.406 -12.961 23.891  1.00 29.48 ? 41  G   D C6    1 
ATOM   1043 O  O6    . G   D 2 7  ? -13.105 -13.112 24.935  1.00 28.76 ? 41  G   D O6    1 
ATOM   1044 N  N1    . G   D 2 7  ? -11.437 -13.877 23.518  1.00 24.95 ? 41  G   D N1    1 
ATOM   1045 C  C2    . G   D 2 7  ? -10.621 -13.817 22.420  1.00 26.80 ? 41  G   D C2    1 
ATOM   1046 N  N2    . G   D 2 7  ? -9.693  -14.803 22.282  1.00 27.24 ? 41  G   D N2    1 
ATOM   1047 N  N3    . G   D 2 7  ? -10.715 -12.841 21.524  1.00 26.82 ? 41  G   D N3    1 
ATOM   1048 C  C4    . G   D 2 7  ? -11.684 -11.957 21.820  1.00 25.80 ? 41  G   D C4    1 
ATOM   1049 P  P     . A   D 2 8  ? -14.067 -12.045 16.245  1.00 40.18 ? 42  A   D P     1 
ATOM   1050 O  OP1   . A   D 2 8  ? -14.169 -11.957 14.769  1.00 44.07 ? 42  A   D OP1   1 
ATOM   1051 O  OP2   . A   D 2 8  ? -15.298 -11.870 17.043  1.00 39.25 ? 42  A   D OP2   1 
ATOM   1052 O  "O5'" . A   D 2 8  ? -13.333 -13.379 16.647  1.00 42.39 ? 42  A   D "O5'" 1 
ATOM   1053 C  "C5'" . A   D 2 8  ? -12.087 -13.708 16.082  1.00 40.51 ? 42  A   D "C5'" 1 
ATOM   1054 C  "C4'" . A   D 2 8  ? -11.543 -14.956 16.690  1.00 38.91 ? 42  A   D "C4'" 1 
ATOM   1055 O  "O4'" . A   D 2 8  ? -11.227 -14.715 18.083  1.00 39.98 ? 42  A   D "O4'" 1 
ATOM   1056 C  "C3'" . A   D 2 8  ? -12.494 -16.135 16.733  1.00 38.14 ? 42  A   D "C3'" 1 
ATOM   1057 O  "O3'" . A   D 2 8  ? -12.576 -16.816 15.490  1.00 38.48 ? 42  A   D "O3'" 1 
ATOM   1058 C  "C2'" . A   D 2 8  ? -11.908 -16.976 17.858  1.00 37.03 ? 42  A   D "C2'" 1 
ATOM   1059 O  "O2'" . A   D 2 8  ? -10.772 -17.676 17.400  1.00 37.53 ? 42  A   D "O2'" 1 
ATOM   1060 C  "C1'" . A   D 2 8  ? -11.432 -15.896 18.832  1.00 37.02 ? 42  A   D "C1'" 1 
ATOM   1061 N  N9    . A   D 2 8  ? -12.412 -15.605 19.900  1.00 32.90 ? 42  A   D N9    1 
ATOM   1062 C  C8    . A   D 2 8  ? -13.246 -14.526 19.927  1.00 31.86 ? 42  A   D C8    1 
ATOM   1063 N  N7    . A   D 2 8  ? -14.005 -14.461 20.992  1.00 31.27 ? 42  A   D N7    1 
ATOM   1064 C  C5    . A   D 2 8  ? -13.643 -15.581 21.714  1.00 31.04 ? 42  A   D C5    1 
ATOM   1065 C  C6    . A   D 2 8  ? -14.095 -16.086 22.956  1.00 31.45 ? 42  A   D C6    1 
ATOM   1066 N  N6    . A   D 2 8  ? -15.048 -15.525 23.716  1.00 29.78 ? 42  A   D N6    1 
ATOM   1067 N  N1    . A   D 2 8  ? -13.517 -17.225 23.372  1.00 31.91 ? 42  A   D N1    1 
ATOM   1068 C  C2    . A   D 2 8  ? -12.589 -17.813 22.617  1.00 30.61 ? 42  A   D C2    1 
ATOM   1069 N  N3    . A   D 2 8  ? -12.082 -17.437 21.456  1.00 32.90 ? 42  A   D N3    1 
ATOM   1070 C  C4    . A   D 2 8  ? -12.661 -16.292 21.054  1.00 31.86 ? 42  A   D C4    1 
ATOM   1071 P  P     . C   D 2 9  ? -13.940 -17.534 15.022  1.00 46.03 ? 43  C   D P     1 
ATOM   1072 O  OP1   . C   D 2 9  ? -13.737 -17.940 13.605  1.00 45.15 ? 43  C   D OP1   1 
ATOM   1073 O  OP2   . C   D 2 9  ? -15.074 -16.634 15.351  1.00 42.31 ? 43  C   D OP2   1 
ATOM   1074 O  "O5'" . C   D 2 9  ? -13.996 -18.822 15.951  1.00 38.90 ? 43  C   D "O5'" 1 
ATOM   1075 C  "C5'" . C   D 2 9  ? -12.946 -19.776 15.932  1.00 39.30 ? 43  C   D "C5'" 1 
ATOM   1076 C  "C4'" . C   D 2 9  ? -12.998 -20.666 17.140  1.00 39.37 ? 43  C   D "C4'" 1 
ATOM   1077 O  "O4'" . C   D 2 9  ? -12.774 -19.882 18.354  1.00 38.85 ? 43  C   D "O4'" 1 
ATOM   1078 C  "C3'" . C   D 2 9  ? -14.324 -21.363 17.390  1.00 39.69 ? 43  C   D "C3'" 1 
ATOM   1079 O  "O3'" . C   D 2 9  ? -14.532 -22.497 16.540  1.00 41.62 ? 43  C   D "O3'" 1 
ATOM   1080 C  "C2'" . C   D 2 9  ? -14.221 -21.696 18.869  1.00 39.08 ? 43  C   D "C2'" 1 
ATOM   1081 O  "O2'" . C   D 2 9  ? -13.355 -22.799 19.068  1.00 41.07 ? 43  C   D "O2'" 1 
ATOM   1082 C  "C1'" . C   D 2 9  ? -13.522 -20.437 19.415  1.00 36.65 ? 43  C   D "C1'" 1 
ATOM   1083 N  N1    . C   D 2 9  ? -14.501 -19.442 19.889  1.00 32.88 ? 43  C   D N1    1 
ATOM   1084 C  C2    . C   D 2 9  ? -14.970 -19.649 21.180  1.00 33.97 ? 43  C   D C2    1 
ATOM   1085 O  O2    . C   D 2 9  ? -14.522 -20.609 21.844  1.00 37.79 ? 43  C   D O2    1 
ATOM   1086 N  N3    . C   D 2 9  ? -15.858 -18.801 21.702  1.00 31.72 ? 43  C   D N3    1 
ATOM   1087 C  C4    . C   D 2 9  ? -16.347 -17.784 21.002  1.00 31.94 ? 43  C   D C4    1 
ATOM   1088 N  N4    . C   D 2 9  ? -17.260 -17.010 21.618  1.00 31.70 ? 43  C   D N4    1 
ATOM   1089 C  C5    . C   D 2 9  ? -15.897 -17.533 19.668  1.00 32.11 ? 43  C   D C5    1 
ATOM   1090 C  C6    . C   D 2 9  ? -14.994 -18.401 19.156  1.00 32.50 ? 43  C   D C6    1 
ATOM   1091 P  P     . G   D 2 10 ? -16.014 -23.049 16.254  1.00 51.83 ? 44  G   D P     1 
ATOM   1092 O  OP1   . G   D 2 10 ? -15.887 -24.154 15.275  1.00 53.09 ? 44  G   D OP1   1 
ATOM   1093 O  OP2   . G   D 2 10 ? -16.864 -21.880 15.905  1.00 52.72 ? 44  G   D OP2   1 
ATOM   1094 O  "O5'" . G   D 2 10 ? -16.460 -23.627 17.674  1.00 53.43 ? 44  G   D "O5'" 1 
ATOM   1095 C  "C5'" . G   D 2 10 ? -15.733 -24.673 18.303  1.00 49.97 ? 44  G   D "C5'" 1 
ATOM   1096 C  "C4'" . G   D 2 10 ? -16.358 -25.057 19.615  1.00 47.42 ? 44  G   D "C4'" 1 
ATOM   1097 O  "O4'" . G   D 2 10 ? -16.269 -23.946 20.550  1.00 45.17 ? 44  G   D "O4'" 1 
ATOM   1098 C  "C3'" . G   D 2 10 ? -17.834 -25.392 19.573  1.00 48.38 ? 44  G   D "C3'" 1 
ATOM   1099 O  "O3'" . G   D 2 10 ? -18.072 -26.720 19.143  1.00 49.17 ? 44  G   D "O3'" 1 
ATOM   1100 C  "C2'" . G   D 2 10 ? -18.272 -25.139 21.005  1.00 47.84 ? 44  G   D "C2'" 1 
ATOM   1101 O  "O2'" . G   D 2 10 ? -17.895 -26.233 21.822  1.00 50.71 ? 44  G   D "O2'" 1 
ATOM   1102 C  "C1'" . G   D 2 10 ? -17.390 -23.955 21.399  1.00 42.83 ? 44  G   D "C1'" 1 
ATOM   1103 N  N9    . G   D 2 10 ? -18.057 -22.643 21.302  1.00 37.78 ? 44  G   D N9    1 
ATOM   1104 C  C8    . G   D 2 10 ? -17.867 -21.698 20.318  1.00 37.82 ? 44  G   D C8    1 
ATOM   1105 N  N7    . G   D 2 10 ? -18.521 -20.577 20.542  1.00 36.48 ? 44  G   D N7    1 
ATOM   1106 C  C5    . G   D 2 10 ? -19.132 -20.769 21.765  1.00 34.35 ? 44  G   D C5    1 
ATOM   1107 C  C6    . G   D 2 10 ? -19.924 -19.876 22.536  1.00 34.45 ? 44  G   D C6    1 
ATOM   1108 O  O6    . G   D 2 10 ? -20.265 -18.725 22.233  1.00 34.47 ? 44  G   D O6    1 
ATOM   1109 N  N1    . G   D 2 10 ? -20.377 -20.472 23.718  1.00 31.47 ? 44  G   D N1    1 
ATOM   1110 C  C2    . G   D 2 10 ? -20.051 -21.759 24.093  1.00 32.07 ? 44  G   D C2    1 
ATOM   1111 N  N2    . G   D 2 10 ? -20.554 -22.205 25.260  1.00 33.31 ? 44  G   D N2    1 
ATOM   1112 N  N3    . G   D 2 10 ? -19.281 -22.576 23.395  1.00 31.46 ? 44  G   D N3    1 
ATOM   1113 C  C4    . G   D 2 10 ? -18.874 -22.031 22.242  1.00 34.21 ? 44  G   D C4    1 
ATOM   1114 P  P     . G   D 2 11 ? -19.438 -27.106 18.420  1.00 61.16 ? 45  G   D P     1 
ATOM   1115 O  OP1   . G   D 2 11 ? -19.352 -28.553 18.093  1.00 61.36 ? 45  G   D OP1   1 
ATOM   1116 O  OP2   . G   D 2 11 ? -19.643 -26.132 17.324  1.00 61.55 ? 45  G   D OP2   1 
ATOM   1117 O  "O5'" . G   D 2 11 ? -20.531 -26.873 19.546  1.00 49.81 ? 45  G   D "O5'" 1 
ATOM   1118 C  "C5'" . G   D 2 11 ? -20.576 -27.696 20.701  1.00 50.40 ? 45  G   D "C5'" 1 
ATOM   1119 C  "C4'" . G   D 2 11 ? -21.649 -27.250 21.670  1.00 50.11 ? 45  G   D "C4'" 1 
ATOM   1120 O  "O4'" . G   D 2 11 ? -21.349 -25.941 22.212  1.00 49.20 ? 45  G   D "O4'" 1 
ATOM   1121 C  "C3'" . G   D 2 11 ? -23.037 -27.070 21.100  1.00 51.95 ? 45  G   D "C3'" 1 
ATOM   1122 O  "O3'" . G   D 2 11 ? -23.693 -28.300 20.889  1.00 53.37 ? 45  G   D "O3'" 1 
ATOM   1123 C  "C2'" . G   D 2 11 ? -23.711 -26.212 22.166  1.00 52.91 ? 45  G   D "C2'" 1 
ATOM   1124 O  "O2'" . G   D 2 11 ? -24.112 -27.023 23.262  1.00 55.99 ? 45  G   D "O2'" 1 
ATOM   1125 C  "C1'" . G   D 2 11 ? -22.562 -25.349 22.645  1.00 49.45 ? 45  G   D "C1'" 1 
ATOM   1126 N  N9    . G   D 2 11 ? -22.640 -23.926 22.222  1.00 43.04 ? 45  G   D N9    1 
ATOM   1127 C  C8    . G   D 2 11 ? -22.103 -23.178 21.207  1.00 40.35 ? 45  G   D C8    1 
ATOM   1128 N  N7    . G   D 2 11 ? -22.377 -21.897 21.329  1.00 37.87 ? 45  G   D N7    1 
ATOM   1129 C  C5    . G   D 2 11 ? -23.147 -21.797 22.480  1.00 36.31 ? 45  G   D C5    1 
ATOM   1130 C  C6    . G   D 2 11 ? -23.752 -20.695 23.157  1.00 35.02 ? 45  G   D C6    1 
ATOM   1131 O  O6    . G   D 2 11 ? -23.747 -19.506 22.865  1.00 34.69 ? 45  G   D O6    1 
ATOM   1132 N  N1    . G   D 2 11 ? -24.439 -21.086 24.291  1.00 32.57 ? 45  G   D N1    1 
ATOM   1133 C  C2    . G   D 2 11 ? -24.525 -22.383 24.741  1.00 34.19 ? 45  G   D C2    1 
ATOM   1134 N  N2    . G   D 2 11 ? -25.203 -22.629 25.860  1.00 33.72 ? 45  G   D N2    1 
ATOM   1135 N  N3    . G   D 2 11 ? -23.956 -23.393 24.117  1.00 36.39 ? 45  G   D N3    1 
ATOM   1136 C  C4    . G   D 2 11 ? -23.300 -23.034 23.021  1.00 37.27 ? 45  G   D C4    1 
HETATM 1137 CA CA    . CA  E 3 .  ? 6.291   15.881  -15.336 1.00 53.63 ? 101 CA  A CA    1 
HETATM 1138 CA CA    . CA  F 3 .  ? -25.251 9.114   40.664  1.00 38.55 ? 101 CA  C CA    1 
HETATM 1139 O  O     . HOH G 4 .  ? 10.989  19.729  -35.520 1.00 53.80 ? 201 HOH A O     1 
HETATM 1140 O  O     . HOH G 4 .  ? 19.807  -5.397  -31.541 1.00 36.98 ? 202 HOH A O     1 
HETATM 1141 O  O     . HOH G 4 .  ? 12.255  -6.400  -19.313 1.00 40.28 ? 203 HOH A O     1 
HETATM 1142 O  O     . HOH G 4 .  ? 23.218  12.610  -29.959 1.00 30.39 ? 204 HOH A O     1 
HETATM 1143 O  O     . HOH G 4 .  ? 27.312  17.532  -21.737 1.00 29.33 ? 205 HOH A O     1 
HETATM 1144 O  O     . HOH G 4 .  ? 3.986   20.289  -23.249 1.00 36.27 ? 206 HOH A O     1 
HETATM 1145 O  O     . HOH G 4 .  ? 5.832   -11.761 -24.739 1.00 38.85 ? 207 HOH A O     1 
HETATM 1146 O  O     . HOH G 4 .  ? 21.469  0.954   -32.918 1.00 42.65 ? 208 HOH A O     1 
HETATM 1147 O  O     . HOH G 4 .  ? 30.292  17.969  -23.479 1.00 43.45 ? 209 HOH A O     1 
HETATM 1148 O  O     . HOH G 4 .  ? 25.919  19.953  -22.921 1.00 30.72 ? 210 HOH A O     1 
HETATM 1149 O  O     . HOH G 4 .  ? 3.043   -11.977 -23.651 1.00 37.00 ? 211 HOH A O     1 
HETATM 1150 O  O     . HOH G 4 .  ? 20.141  -8.438  -31.660 1.00 30.12 ? 212 HOH A O     1 
HETATM 1151 O  O     . HOH G 4 .  ? 6.574   -13.027 -22.220 1.00 38.45 ? 213 HOH A O     1 
HETATM 1152 O  O     . HOH G 4 .  ? 20.882  -11.154 -28.799 1.00 40.25 ? 214 HOH A O     1 
HETATM 1153 O  O     . HOH G 4 .  ? 17.204  15.906  -25.073 1.00 33.84 ? 215 HOH A O     1 
HETATM 1154 O  O     . HOH G 4 .  ? 13.269  -12.428 -29.147 1.00 38.26 ? 216 HOH A O     1 
HETATM 1155 O  O     . HOH G 4 .  ? 19.457  13.311  -25.802 1.00 31.76 ? 217 HOH A O     1 
HETATM 1156 O  O     . HOH G 4 .  ? 8.417   -3.830  -25.574 1.00 34.42 ? 218 HOH A O     1 
HETATM 1157 O  O     . HOH G 4 .  ? 6.256   11.624  -19.743 1.00 45.72 ? 219 HOH A O     1 
HETATM 1158 O  O     . HOH G 4 .  ? 10.044  18.679  -29.340 1.00 32.10 ? 220 HOH A O     1 
HETATM 1159 O  O     . HOH G 4 .  ? 11.468  18.817  -26.314 1.00 38.55 ? 221 HOH A O     1 
HETATM 1160 O  O     . HOH G 4 .  ? 11.792  -12.141 -27.233 1.00 45.02 ? 222 HOH A O     1 
HETATM 1161 O  O     . HOH G 4 .  ? 6.546   17.621  -28.775 1.00 36.44 ? 223 HOH A O     1 
HETATM 1162 O  O     . HOH G 4 .  ? 14.712  18.286  -25.853 1.00 36.72 ? 224 HOH A O     1 
HETATM 1163 O  O     . HOH G 4 .  ? 3.954   17.479  -26.064 1.00 39.72 ? 225 HOH A O     1 
HETATM 1164 O  O     . HOH G 4 .  ? 17.353  -1.903  -23.552 1.00 45.57 ? 226 HOH A O     1 
HETATM 1165 O  O     . HOH G 4 .  ? 18.629  -4.581  -22.958 1.00 40.32 ? 227 HOH A O     1 
HETATM 1166 O  O     . HOH G 4 .  ? 18.750  14.492  -22.088 1.00 45.64 ? 228 HOH A O     1 
HETATM 1167 O  O     . HOH G 4 .  ? 17.334  6.533   -25.458 1.00 38.05 ? 229 HOH A O     1 
HETATM 1168 O  O     . HOH G 4 .  ? 22.807  12.179  -27.065 1.00 38.56 ? 230 HOH A O     1 
HETATM 1169 O  O     . HOH G 4 .  ? 3.567   10.226  -29.320 1.00 48.54 ? 231 HOH A O     1 
HETATM 1170 O  O     . HOH G 4 .  ? -1.400  15.928  -20.418 1.00 49.09 ? 232 HOH A O     1 
HETATM 1171 O  O     . HOH G 4 .  ? 18.551  8.612   -25.212 1.00 44.78 ? 233 HOH A O     1 
HETATM 1172 O  O     . HOH G 4 .  ? 10.588  10.829  -31.774 1.00 38.26 ? 234 HOH A O     1 
HETATM 1173 O  O     . HOH G 4 .  ? 13.800  -2.741  -23.905 1.00 42.70 ? 235 HOH A O     1 
HETATM 1174 O  O     . HOH G 4 .  ? 9.223   17.651  -36.795 1.00 53.53 ? 236 HOH A O     1 
HETATM 1175 O  O     . HOH G 4 .  ? 8.191   18.979  -26.857 1.00 42.98 ? 237 HOH A O     1 
HETATM 1176 O  O     . HOH G 4 .  ? 14.695  -6.015  -22.491 1.00 42.12 ? 238 HOH A O     1 
HETATM 1177 O  O     . HOH H 4 .  ? 16.178  7.731   -14.746 1.00 42.14 ? 101 HOH B O     1 
HETATM 1178 O  O     . HOH H 4 .  ? 7.194   13.039  -17.509 1.00 46.74 ? 102 HOH B O     1 
HETATM 1179 O  O     . HOH H 4 .  ? 12.091  22.317  -23.071 1.00 36.89 ? 103 HOH B O     1 
HETATM 1180 O  O     . HOH H 4 .  ? 18.748  0.532   -34.148 1.00 41.65 ? 104 HOH B O     1 
HETATM 1181 O  O     . HOH H 4 .  ? 15.457  18.501  -10.966 1.00 37.38 ? 105 HOH B O     1 
HETATM 1182 O  O     . HOH H 4 .  ? 10.929  24.912  -12.799 1.00 31.49 ? 106 HOH B O     1 
HETATM 1183 O  O     . HOH H 4 .  ? 3.006   -14.693 -26.150 1.00 31.89 ? 107 HOH B O     1 
HETATM 1184 O  O     . HOH H 4 .  ? 4.325   -12.429 -35.385 1.00 44.65 ? 108 HOH B O     1 
HETATM 1185 O  O     . HOH H 4 .  ? 8.636   10.537  -20.663 1.00 41.95 ? 109 HOH B O     1 
HETATM 1186 O  O     . HOH H 4 .  ? 15.059  8.489   -25.168 1.00 31.81 ? 110 HOH B O     1 
HETATM 1187 O  O     . HOH H 4 .  ? 9.181   9.062   -27.890 1.00 33.06 ? 111 HOH B O     1 
HETATM 1188 O  O     . HOH H 4 .  ? 15.091  20.691  -17.711 1.00 36.17 ? 112 HOH B O     1 
HETATM 1189 O  O     . HOH H 4 .  ? 13.909  20.055  -21.387 1.00 36.35 ? 113 HOH B O     1 
HETATM 1190 O  O     . HOH H 4 .  ? 8.773   -6.525  -34.643 1.00 41.82 ? 114 HOH B O     1 
HETATM 1191 O  O     . HOH H 4 .  ? 16.855  2.009   -22.937 1.00 46.66 ? 115 HOH B O     1 
HETATM 1192 O  O     . HOH H 4 .  ? 14.459  7.951   -33.536 1.00 45.69 ? 116 HOH B O     1 
HETATM 1193 O  O     . HOH H 4 .  ? 16.307  13.232  -21.312 1.00 33.18 ? 117 HOH B O     1 
HETATM 1194 O  O     . HOH H 4 .  ? 16.808  14.546  -22.864 1.00 54.08 ? 118 HOH B O     1 
HETATM 1195 O  O     . HOH H 4 .  ? 17.983  12.266  -20.023 1.00 30.56 ? 119 HOH B O     1 
HETATM 1196 O  O     . HOH H 4 .  ? 16.725  10.401  -25.190 1.00 32.45 ? 120 HOH B O     1 
HETATM 1197 O  O     . HOH H 4 .  ? 16.670  9.107   -23.884 1.00 47.03 ? 121 HOH B O     1 
HETATM 1198 O  O     . HOH I 4 .  ? 2.289   -1.005  26.705  1.00 30.34 ? 201 HOH C O     1 
HETATM 1199 O  O     . HOH I 4 .  ? 0.376   -15.222 23.956  1.00 43.23 ? 202 HOH C O     1 
HETATM 1200 O  O     . HOH I 4 .  ? -28.862 8.637   37.677  1.00 32.13 ? 203 HOH C O     1 
HETATM 1201 O  O     . HOH I 4 .  ? -19.393 7.710   29.210  1.00 37.46 ? 204 HOH C O     1 
HETATM 1202 O  O     . HOH I 4 .  ? -21.922 3.490   37.166  1.00 31.24 ? 205 HOH C O     1 
HETATM 1203 O  O     . HOH I 4 .  ? -2.670  7.800   31.522  1.00 33.62 ? 206 HOH C O     1 
HETATM 1204 O  O     . HOH I 4 .  ? -0.064  6.142   31.038  1.00 35.13 ? 207 HOH C O     1 
HETATM 1205 O  O     . HOH I 4 .  ? -3.736  -0.027  23.646  1.00 33.48 ? 208 HOH C O     1 
HETATM 1206 O  O     . HOH I 4 .  ? -1.268  -0.922  23.761  1.00 34.44 ? 209 HOH C O     1 
HETATM 1207 O  O     . HOH I 4 .  ? -7.630  10.234  22.519  1.00 43.06 ? 210 HOH C O     1 
HETATM 1208 O  O     . HOH I 4 .  ? -13.189 9.308   18.511  1.00 49.06 ? 211 HOH C O     1 
HETATM 1209 O  O     . HOH I 4 .  ? -9.826  -0.054  18.859  1.00 43.44 ? 212 HOH C O     1 
HETATM 1210 O  O     . HOH I 4 .  ? -5.966  -3.673  23.163  1.00 39.25 ? 213 HOH C O     1 
HETATM 1211 O  O     . HOH I 4 .  ? -14.750 -24.579 24.307  1.00 34.37 ? 214 HOH C O     1 
HETATM 1212 O  O     . HOH I 4 .  ? -23.493 5.027   26.823  1.00 38.22 ? 215 HOH C O     1 
HETATM 1213 O  O     . HOH I 4 .  ? -6.279  -6.573  22.663  1.00 43.86 ? 216 HOH C O     1 
HETATM 1214 O  O     . HOH I 4 .  ? -18.071 -15.180 25.337  1.00 38.73 ? 217 HOH C O     1 
HETATM 1215 O  O     . HOH I 4 .  ? -18.663 6.112   26.209  1.00 33.60 ? 218 HOH C O     1 
HETATM 1216 O  O     . HOH I 4 .  ? -15.462 6.080   26.877  1.00 36.04 ? 219 HOH C O     1 
HETATM 1217 O  O     . HOH I 4 .  ? -4.654  -0.479  26.313  1.00 32.94 ? 220 HOH C O     1 
HETATM 1218 O  O     . HOH I 4 .  ? -7.897  0.643   27.684  1.00 38.38 ? 221 HOH C O     1 
HETATM 1219 O  O     . HOH I 4 .  ? -21.860 6.326   28.806  1.00 33.86 ? 222 HOH C O     1 
HETATM 1220 O  O     . HOH I 4 .  ? -7.574  -17.398 29.035  1.00 34.60 ? 223 HOH C O     1 
HETATM 1221 O  O     . HOH I 4 .  ? -13.484 -15.480 29.469  1.00 38.62 ? 224 HOH C O     1 
HETATM 1222 O  O     . HOH I 4 .  ? -12.838 -11.887 28.233  1.00 46.38 ? 225 HOH C O     1 
HETATM 1223 O  O     . HOH I 4 .  ? -17.990 1.341   17.682  1.00 49.16 ? 226 HOH C O     1 
HETATM 1224 O  O     . HOH I 4 .  ? -6.763  -11.894 29.194  1.00 40.71 ? 227 HOH C O     1 
HETATM 1225 O  O     . HOH I 4 .  ? 1.566   -4.998  25.069  1.00 45.82 ? 228 HOH C O     1 
HETATM 1226 O  O     . HOH I 4 .  ? -16.415 -14.737 27.861  1.00 46.79 ? 229 HOH C O     1 
HETATM 1227 O  O     . HOH I 4 .  ? -8.844  2.911   31.430  1.00 48.02 ? 230 HOH C O     1 
HETATM 1228 O  O     . HOH I 4 .  ? -23.934 5.519   22.537  1.00 50.07 ? 231 HOH C O     1 
HETATM 1229 O  O     . HOH I 4 .  ? -13.059 1.022   17.526  1.00 52.30 ? 232 HOH C O     1 
HETATM 1230 O  O     . HOH I 4 .  ? -16.554 -1.890  21.408  1.00 39.67 ? 233 HOH C O     1 
HETATM 1231 O  O     . HOH J 4 .  ? -12.811 -5.507  38.516  1.00 47.99 ? 101 HOH D O     1 
HETATM 1232 O  O     . HOH J 4 .  ? -8.109  -15.787 20.188  1.00 36.99 ? 102 HOH D O     1 
HETATM 1233 O  O     . HOH J 4 .  ? -22.958 -17.701 20.754  1.00 42.84 ? 103 HOH D O     1 
HETATM 1234 O  O     . HOH J 4 .  ? -15.111 9.891   30.038  1.00 36.26 ? 104 HOH D O     1 
HETATM 1235 O  O     . HOH J 4 .  ? -12.373 9.679   42.736  1.00 42.31 ? 105 HOH D O     1 
HETATM 1236 O  O     . HOH J 4 .  ? -21.765 -20.143 18.905  1.00 45.98 ? 106 HOH D O     1 
HETATM 1237 O  O     . HOH J 4 .  ? -11.649 -7.911  14.749  1.00 49.06 ? 107 HOH D O     1 
HETATM 1238 O  O     . HOH J 4 .  ? -15.472 -12.710 26.146  1.00 37.51 ? 108 HOH D O     1 
HETATM 1239 O  O     . HOH J 4 .  ? -13.400 7.519   32.072  1.00 36.84 ? 109 HOH D O     1 
HETATM 1240 O  O     . HOH J 4 .  ? -18.217 -3.331  25.073  1.00 37.63 ? 110 HOH D O     1 
HETATM 1241 O  O     . HOH J 4 .  ? -12.354 -4.861  19.837  1.00 35.69 ? 111 HOH D O     1 
HETATM 1242 O  O     . HOH J 4 .  ? -19.000 -18.722 18.546  1.00 36.90 ? 112 HOH D O     1 
HETATM 1243 O  O     . HOH J 4 .  ? -11.807 8.955   33.326  1.00 49.23 ? 113 HOH D O     1 
HETATM 1244 O  O     . HOH J 4 .  ? -19.331 -1.774  32.451  1.00 40.37 ? 114 HOH D O     1 
HETATM 1245 O  O     . HOH J 4 .  ? -12.318 -4.133  28.214  1.00 37.72 ? 115 HOH D O     1 
HETATM 1246 O  O     . HOH J 4 .  ? -11.397 0.650   31.878  1.00 47.18 ? 116 HOH D O     1 
HETATM 1247 O  O     . HOH J 4 .  ? -17.504 -4.955  27.580  1.00 39.42 ? 117 HOH D O     1 
HETATM 1248 O  O     . HOH J 4 .  ? -10.081 -3.567  21.640  1.00 48.20 ? 118 HOH D O     1 
HETATM 1249 O  O     . HOH J 4 .  ? -13.443 -0.999  18.287  1.00 54.41 ? 119 HOH D O     1 
# 
